data_1P12
# 
_entry.id   1P12 
# 
_audit_conform.dict_name       mmcif_pdbx.dic 
_audit_conform.dict_version    5.381 
_audit_conform.dict_location   http://mmcif.pdb.org/dictionaries/ascii/mmcif_pdbx.dic 
# 
loop_
_database_2.database_id 
_database_2.database_code 
_database_2.pdbx_database_accession 
_database_2.pdbx_DOI 
PDB   1P12         pdb_00001p12 10.2210/pdb1p12/pdb 
WWPDB D_1000175551 ?            ?                   
# 
_pdbx_database_status.status_code                     REL 
_pdbx_database_status.entry_id                        1P12 
_pdbx_database_status.recvd_initial_deposition_date   1990-10-26 
_pdbx_database_status.deposit_site                    ? 
_pdbx_database_status.process_site                    BNL 
_pdbx_database_status.SG_entry                        . 
_pdbx_database_status.pdb_format_compatible           Y 
_pdbx_database_status.status_code_mr                  ? 
_pdbx_database_status.status_code_sf                  ? 
_pdbx_database_status.status_code_cs                  ? 
_pdbx_database_status.status_code_nmr_data            ? 
_pdbx_database_status.methods_development_category    ? 
# 
loop_
_audit_author.name 
_audit_author.pdbx_ordinal 
'Bone, R.'    1 
'Agard, D.A.' 2 
# 
loop_
_citation.id 
_citation.title 
_citation.journal_abbrev 
_citation.journal_volume 
_citation.page_first 
_citation.page_last 
_citation.year 
_citation.journal_id_ASTM 
_citation.country 
_citation.journal_id_ISSN 
_citation.journal_id_CSD 
_citation.book_publisher 
_citation.pdbx_database_id_PubMed 
_citation.pdbx_database_id_DOI 
primary 'Crystal structures of alpha-lytic protease complexes with irreversibly bound phosphonate esters.' Biochemistry 30  2263 
2272 1991 BICHAW US 0006-2960 0033 ? 1998685 10.1021/bi00222a032 
1       
'Peptidic Phosphonylating Agents as Irreversible Inhibitors of Serine Proteases and Models of the Tetrahedral Intermediates' 
Biochemistry 30  2255 ?    1991 BICHAW US 0006-2960 0033 ? ?       ?                   
2       
'Refined Structure of Alpha-Lytic Protease at 1.7 Angstroms Resolution. Analysis of Hydrogen Bonding and Solvent Structure'  
J.Mol.Biol.  131 479  ?    1985 JMOBAK UK 0022-2836 0070 ? ?       ?                   
3       'Molecular Structure of the Alpha-Lytic Protease from Myxobacter 495 at 2.8 Angstroms Resolution' J.Mol.Biol.  131 643  ? 
1979 JMOBAK UK 0022-2836 0070 ? ?       ?                   
# 
loop_
_citation_author.citation_id 
_citation_author.name 
_citation_author.ordinal 
_citation_author.identifier_ORCID 
primary 'Bone, R.'         1  ? 
primary 'Sampson, N.S.'    2  ? 
primary 'Bartlett, P.A.'   3  ? 
primary 'Agard, D.A.'      4  ? 
1       'Sampson, N.S.'    5  ? 
1       'Bartlett, P.A.'   6  ? 
2       'Fujinaga, M.'     7  ? 
2       'Delbaere, L.T.J.' 8  ? 
2       'Brayer, G.D.'     9  ? 
2       'James, M.N.G.'    10 ? 
3       'Brayer, G.D.'     11 ? 
3       'Delbaere, L.T.J.' 12 ? 
3       'James, M.N.G.'    13 ? 
# 
_cell.entry_id           1P12 
_cell.length_a           66.790 
_cell.length_b           66.790 
_cell.length_c           79.900 
_cell.angle_alpha        90.00 
_cell.angle_beta         90.00 
_cell.angle_gamma        120.00 
_cell.Z_PDB              6 
_cell.pdbx_unique_axis   ? 
# 
_symmetry.entry_id                         1P12 
_symmetry.space_group_name_H-M             'P 32 2 1' 
_symmetry.pdbx_full_space_group_name_H-M   ? 
_symmetry.cell_setting                     ? 
_symmetry.Int_Tables_number                154 
# 
loop_
_entity.id 
_entity.type 
_entity.src_method 
_entity.pdbx_description 
_entity.formula_weight 
_entity.pdbx_number_of_molecules 
_entity.pdbx_ec 
_entity.pdbx_mutation 
_entity.pdbx_fragment 
_entity.details 
1 polymer     man 'ALPHA-LYTIC PROTEASE'        19875.131 1   3.4.21.12 ? ? ? 
2 polymer     syn 'PHOSPHONATE ESTER INHIBITOR' 635.644   1   ?         ? ? ? 
3 non-polymer syn 'SULFATE ION'                 96.063    1   ?         ? ? ? 
4 water       nat water                         18.015    183 ?         ? ? ? 
# 
loop_
_entity_poly.entity_id 
_entity_poly.type 
_entity_poly.nstd_linkage 
_entity_poly.nstd_monomer 
_entity_poly.pdbx_seq_one_letter_code 
_entity_poly.pdbx_seq_one_letter_code_can 
_entity_poly.pdbx_strand_id 
_entity_poly.pdbx_target_identifier 
1 'polypeptide(L)' no no  
;ANIVGGIEYSINNASLCSVGFSVTRGATKGFVTAGHCGTVNATARIGGAVVGTFAARVFPGNDRAWVSLTSAQTLLPRVA
NGSSFVTVRGSTEAAVGAAVCRSGRTTGYQCGTITAKNVTANYAEGAVRGLTQGNACMGRGDSGGSWITSAGQAQGVMSG
GNVQSNGNNCGIPASQRSSLFERLQPILSQYGLSLVTG
;
;ANIVGGIEYSINNASLCSVGFSVTRGATKGFVTAGHCGTVNATARIGGAVVGTFAARVFPGNDRAWVSLTSAQTLLPRVA
NGSSFVTVRGSTEAAVGAAVCRSGRTTGYQCGTITAKNVTANYAEGAVRGLTQGNACMGRGDSGGSWITSAGQAQGVMSG
GNVQSNGNNCGIPASQRSSLFERLQPILSQYGLSLVTG
;
E ? 
2 'polypeptide(L)' no yes '(BOC)AAP(PVA)(LAC)A' XAAPXXA I ? 
# 
loop_
_entity_poly_seq.entity_id 
_entity_poly_seq.num 
_entity_poly_seq.mon_id 
_entity_poly_seq.hetero 
1 1   ALA n 
1 2   ASN n 
1 3   ILE n 
1 4   VAL n 
1 5   GLY n 
1 6   GLY n 
1 7   ILE n 
1 8   GLU n 
1 9   TYR n 
1 10  SER n 
1 11  ILE n 
1 12  ASN n 
1 13  ASN n 
1 14  ALA n 
1 15  SER n 
1 16  LEU n 
1 17  CYS n 
1 18  SER n 
1 19  VAL n 
1 20  GLY n 
1 21  PHE n 
1 22  SER n 
1 23  VAL n 
1 24  THR n 
1 25  ARG n 
1 26  GLY n 
1 27  ALA n 
1 28  THR n 
1 29  LYS n 
1 30  GLY n 
1 31  PHE n 
1 32  VAL n 
1 33  THR n 
1 34  ALA n 
1 35  GLY n 
1 36  HIS n 
1 37  CYS n 
1 38  GLY n 
1 39  THR n 
1 40  VAL n 
1 41  ASN n 
1 42  ALA n 
1 43  THR n 
1 44  ALA n 
1 45  ARG n 
1 46  ILE n 
1 47  GLY n 
1 48  GLY n 
1 49  ALA n 
1 50  VAL n 
1 51  VAL n 
1 52  GLY n 
1 53  THR n 
1 54  PHE n 
1 55  ALA n 
1 56  ALA n 
1 57  ARG n 
1 58  VAL n 
1 59  PHE n 
1 60  PRO n 
1 61  GLY n 
1 62  ASN n 
1 63  ASP n 
1 64  ARG n 
1 65  ALA n 
1 66  TRP n 
1 67  VAL n 
1 68  SER n 
1 69  LEU n 
1 70  THR n 
1 71  SER n 
1 72  ALA n 
1 73  GLN n 
1 74  THR n 
1 75  LEU n 
1 76  LEU n 
1 77  PRO n 
1 78  ARG n 
1 79  VAL n 
1 80  ALA n 
1 81  ASN n 
1 82  GLY n 
1 83  SER n 
1 84  SER n 
1 85  PHE n 
1 86  VAL n 
1 87  THR n 
1 88  VAL n 
1 89  ARG n 
1 90  GLY n 
1 91  SER n 
1 92  THR n 
1 93  GLU n 
1 94  ALA n 
1 95  ALA n 
1 96  VAL n 
1 97  GLY n 
1 98  ALA n 
1 99  ALA n 
1 100 VAL n 
1 101 CYS n 
1 102 ARG n 
1 103 SER n 
1 104 GLY n 
1 105 ARG n 
1 106 THR n 
1 107 THR n 
1 108 GLY n 
1 109 TYR n 
1 110 GLN n 
1 111 CYS n 
1 112 GLY n 
1 113 THR n 
1 114 ILE n 
1 115 THR n 
1 116 ALA n 
1 117 LYS n 
1 118 ASN n 
1 119 VAL n 
1 120 THR n 
1 121 ALA n 
1 122 ASN n 
1 123 TYR n 
1 124 ALA n 
1 125 GLU n 
1 126 GLY n 
1 127 ALA n 
1 128 VAL n 
1 129 ARG n 
1 130 GLY n 
1 131 LEU n 
1 132 THR n 
1 133 GLN n 
1 134 GLY n 
1 135 ASN n 
1 136 ALA n 
1 137 CYS n 
1 138 MET n 
1 139 GLY n 
1 140 ARG n 
1 141 GLY n 
1 142 ASP n 
1 143 SER n 
1 144 GLY n 
1 145 GLY n 
1 146 SER n 
1 147 TRP n 
1 148 ILE n 
1 149 THR n 
1 150 SER n 
1 151 ALA n 
1 152 GLY n 
1 153 GLN n 
1 154 ALA n 
1 155 GLN n 
1 156 GLY n 
1 157 VAL n 
1 158 MET n 
1 159 SER n 
1 160 GLY n 
1 161 GLY n 
1 162 ASN n 
1 163 VAL n 
1 164 GLN n 
1 165 SER n 
1 166 ASN n 
1 167 GLY n 
1 168 ASN n 
1 169 ASN n 
1 170 CYS n 
1 171 GLY n 
1 172 ILE n 
1 173 PRO n 
1 174 ALA n 
1 175 SER n 
1 176 GLN n 
1 177 ARG n 
1 178 SER n 
1 179 SER n 
1 180 LEU n 
1 181 PHE n 
1 182 GLU n 
1 183 ARG n 
1 184 LEU n 
1 185 GLN n 
1 186 PRO n 
1 187 ILE n 
1 188 LEU n 
1 189 SER n 
1 190 GLN n 
1 191 TYR n 
1 192 GLY n 
1 193 LEU n 
1 194 SER n 
1 195 LEU n 
1 196 VAL n 
1 197 THR n 
1 198 GLY n 
2 1   BOC n 
2 2   ALA n 
2 3   ALA n 
2 4   PRO n 
2 5   PVA n 
2 6   LAC n 
2 7   ALA n 
# 
_entity_src_gen.entity_id                          1 
_entity_src_gen.pdbx_src_id                        1 
_entity_src_gen.pdbx_alt_source_flag               sample 
_entity_src_gen.pdbx_seq_type                      ? 
_entity_src_gen.pdbx_beg_seq_num                   ? 
_entity_src_gen.pdbx_end_seq_num                   ? 
_entity_src_gen.gene_src_common_name               ? 
_entity_src_gen.gene_src_genus                     Lysobacter 
_entity_src_gen.pdbx_gene_src_gene                 ? 
_entity_src_gen.gene_src_species                   ? 
_entity_src_gen.gene_src_strain                    ? 
_entity_src_gen.gene_src_tissue                    ? 
_entity_src_gen.gene_src_tissue_fraction           ? 
_entity_src_gen.gene_src_details                   ? 
_entity_src_gen.pdbx_gene_src_fragment             ? 
_entity_src_gen.pdbx_gene_src_scientific_name      'Lysobacter enzymogenes' 
_entity_src_gen.pdbx_gene_src_ncbi_taxonomy_id     69 
_entity_src_gen.pdbx_gene_src_variant              ? 
_entity_src_gen.pdbx_gene_src_cell_line            ? 
_entity_src_gen.pdbx_gene_src_atcc                 ? 
_entity_src_gen.pdbx_gene_src_organ                ? 
_entity_src_gen.pdbx_gene_src_organelle            ? 
_entity_src_gen.pdbx_gene_src_cell                 ? 
_entity_src_gen.pdbx_gene_src_cellular_location    ? 
_entity_src_gen.host_org_common_name               ? 
_entity_src_gen.pdbx_host_org_scientific_name      'Escherichia coli' 
_entity_src_gen.pdbx_host_org_ncbi_taxonomy_id     562 
_entity_src_gen.host_org_genus                     Escherichia 
_entity_src_gen.pdbx_host_org_gene                 ? 
_entity_src_gen.pdbx_host_org_organ                ? 
_entity_src_gen.host_org_species                   ? 
_entity_src_gen.pdbx_host_org_tissue               ? 
_entity_src_gen.pdbx_host_org_tissue_fraction      ? 
_entity_src_gen.pdbx_host_org_strain               ? 
_entity_src_gen.pdbx_host_org_variant              ? 
_entity_src_gen.pdbx_host_org_cell_line            ? 
_entity_src_gen.pdbx_host_org_atcc                 ? 
_entity_src_gen.pdbx_host_org_culture_collection   ? 
_entity_src_gen.pdbx_host_org_cell                 ? 
_entity_src_gen.pdbx_host_org_organelle            ? 
_entity_src_gen.pdbx_host_org_cellular_location    ? 
_entity_src_gen.pdbx_host_org_vector_type          LAC 
_entity_src_gen.pdbx_host_org_vector               ? 
_entity_src_gen.host_org_details                   ? 
_entity_src_gen.expression_system_id               ? 
_entity_src_gen.plasmid_name                       ? 
_entity_src_gen.plasmid_details                    ? 
_entity_src_gen.pdbx_description                   ? 
# 
loop_
_struct_ref.id 
_struct_ref.db_name 
_struct_ref.db_code 
_struct_ref.entity_id 
_struct_ref.pdbx_db_accession 
_struct_ref.pdbx_align_begin 
_struct_ref.pdbx_seq_one_letter_code 
_struct_ref.pdbx_db_isoform 
1 UNP PRLA_LYSEN 1 P00778 1 
;MYVSNHRSRRVARVSVSCLVAALAAMSCGAALAADQVDPQLKFAMQRDLGIFPTQLPQYLQTEKLARTQAAAIEREFGAQ
FAGSWIERNEDGSFKLVAATSGARKSSTLGGVEVRNVRYSLKQLQSAMEQLDAGANARVKGVSKPLDGVQSWYVDPRSNA
VVVKVDDGATEAGVDFVALSGADSAQVRIESSPGKLQTTANIVGGIEYSINNASLCSVGFSVTRGATKGFVTAGHCGTVN
ATARIGGAVVGTFAARVFPGNDRAWVSLTSAQTLLPRVANGSSFVTVRGSTEAAVGAAVCRSGRTTGYQCGTITAKNVTA
NYAEGAVRGLTQGNACMGRGDSGGSWITSAGQAQGVMSGGNVQSNGNNCGIPASQRSSLFERLQPILSQYGLSLVTG
;
? 
2 PDB 1P12       2 1P12   1 XAAPXXA ? 
# 
loop_
_struct_ref_seq.align_id 
_struct_ref_seq.ref_id 
_struct_ref_seq.pdbx_PDB_id_code 
_struct_ref_seq.pdbx_strand_id 
_struct_ref_seq.seq_align_beg 
_struct_ref_seq.pdbx_seq_align_beg_ins_code 
_struct_ref_seq.seq_align_end 
_struct_ref_seq.pdbx_seq_align_end_ins_code 
_struct_ref_seq.pdbx_db_accession 
_struct_ref_seq.db_align_beg 
_struct_ref_seq.pdbx_db_align_beg_ins_code 
_struct_ref_seq.db_align_end 
_struct_ref_seq.pdbx_db_align_end_ins_code 
_struct_ref_seq.pdbx_auth_seq_align_beg 
_struct_ref_seq.pdbx_auth_seq_align_end 
1 1 1P12 E 1 A 198 ? P00778 200 ? 397 ? 15 244 
2 2 1P12 I 1 ? 7   ? 1P12   5   ? -2  ? 5  -2  
# 
loop_
_chem_comp.id 
_chem_comp.type 
_chem_comp.mon_nstd_flag 
_chem_comp.name 
_chem_comp.pdbx_synonyms 
_chem_comp.formula 
_chem_comp.formula_weight 
ALA 'L-peptide linking' y ALANINE                                  ? 'C3 H7 N O2'     89.093  
ARG 'L-peptide linking' y ARGININE                                 ? 'C6 H15 N4 O2 1' 175.209 
ASN 'L-peptide linking' y ASPARAGINE                               ? 'C4 H8 N2 O3'    132.118 
ASP 'L-peptide linking' y 'ASPARTIC ACID'                          ? 'C4 H7 N O4'     133.103 
BOC non-polymer         . 'TERT-BUTYL HYDROGEN CARBONATE'          ? 'C5 H10 O3'      118.131 
CYS 'L-peptide linking' y CYSTEINE                                 ? 'C3 H7 N O2 S'   121.158 
GLN 'L-peptide linking' y GLUTAMINE                                ? 'C5 H10 N2 O3'   146.144 
GLU 'L-peptide linking' y 'GLUTAMIC ACID'                          ? 'C5 H9 N O4'     147.129 
GLY 'peptide linking'   y GLYCINE                                  ? 'C2 H5 N O2'     75.067  
HIS 'L-peptide linking' y HISTIDINE                                ? 'C6 H10 N3 O2 1' 156.162 
HOH non-polymer         . WATER                                    ? 'H2 O'           18.015  
ILE 'L-peptide linking' y ISOLEUCINE                               ? 'C6 H13 N O2'    131.173 
LAC non-polymer         . 'LACTIC ACID'                            ? 'C3 H6 O3'       90.078  
LEU 'L-peptide linking' y LEUCINE                                  ? 'C6 H13 N O2'    131.173 
LYS 'L-peptide linking' y LYSINE                                   ? 'C6 H15 N2 O2 1' 147.195 
MET 'L-peptide linking' y METHIONINE                               ? 'C5 H11 N O2 S'  149.211 
PHE 'L-peptide linking' y PHENYLALANINE                            ? 'C9 H11 N O2'    165.189 
PRO 'L-peptide linking' y PROLINE                                  ? 'C5 H9 N O2'     115.130 
PVA non-polymer         . '1-AMINO-2-METHYL-PROPYLPHOSPHONIC ACID' ? 'C4 H12 N O3 P'  153.117 
SER 'L-peptide linking' y SERINE                                   ? 'C3 H7 N O3'     105.093 
SO4 non-polymer         . 'SULFATE ION'                            ? 'O4 S -2'        96.063  
THR 'L-peptide linking' y THREONINE                                ? 'C4 H9 N O3'     119.119 
TRP 'L-peptide linking' y TRYPTOPHAN                               ? 'C11 H12 N2 O2'  204.225 
TYR 'L-peptide linking' y TYROSINE                                 ? 'C9 H11 N O3'    181.189 
VAL 'L-peptide linking' y VALINE                                   ? 'C5 H11 N O2'    117.146 
# 
_exptl.entry_id          1P12 
_exptl.method            'X-RAY DIFFRACTION' 
_exptl.crystals_number   ? 
# 
_exptl_crystal.id                    1 
_exptl_crystal.density_meas          ? 
_exptl_crystal.density_Matthews      2.51 
_exptl_crystal.density_percent_sol   50.95 
_exptl_crystal.description           ? 
# 
_diffrn.id                     1 
_diffrn.ambient_temp           ? 
_diffrn.ambient_temp_details   ? 
_diffrn.crystal_id             1 
# 
_diffrn_radiation.diffrn_id                        1 
_diffrn_radiation.wavelength_id                    1 
_diffrn_radiation.pdbx_monochromatic_or_laue_m_l   ? 
_diffrn_radiation.monochromator                    ? 
_diffrn_radiation.pdbx_diffrn_protocol             ? 
_diffrn_radiation.pdbx_scattering_type             x-ray 
# 
_diffrn_radiation_wavelength.id           1 
_diffrn_radiation_wavelength.wavelength   . 
_diffrn_radiation_wavelength.wt           1.0 
# 
_refine.entry_id                                 1P12 
_refine.ls_number_reflns_obs                     ? 
_refine.ls_number_reflns_all                     ? 
_refine.pdbx_ls_sigma_I                          ? 
_refine.pdbx_ls_sigma_F                          ? 
_refine.pdbx_data_cutoff_high_absF               ? 
_refine.pdbx_data_cutoff_low_absF                ? 
_refine.pdbx_data_cutoff_high_rms_absF           ? 
_refine.ls_d_res_low                             ? 
_refine.ls_d_res_high                            1.90 
_refine.ls_percent_reflns_obs                    ? 
_refine.ls_R_factor_obs                          0.124 
_refine.ls_R_factor_all                          ? 
_refine.ls_R_factor_R_work                       ? 
_refine.ls_R_factor_R_free                       ? 
_refine.ls_R_factor_R_free_error                 ? 
_refine.ls_R_factor_R_free_error_details         ? 
_refine.ls_percent_reflns_R_free                 ? 
_refine.ls_number_reflns_R_free                  ? 
_refine.ls_number_parameters                     ? 
_refine.ls_number_restraints                     ? 
_refine.occupancy_min                            ? 
_refine.occupancy_max                            ? 
_refine.B_iso_mean                               ? 
_refine.aniso_B[1][1]                            ? 
_refine.aniso_B[2][2]                            ? 
_refine.aniso_B[3][3]                            ? 
_refine.aniso_B[1][2]                            ? 
_refine.aniso_B[1][3]                            ? 
_refine.aniso_B[2][3]                            ? 
_refine.solvent_model_details                    ? 
_refine.solvent_model_param_ksol                 ? 
_refine.solvent_model_param_bsol                 ? 
_refine.pdbx_ls_cross_valid_method               ? 
_refine.details                                  ? 
_refine.pdbx_starting_model                      ? 
_refine.pdbx_method_to_determine_struct          ? 
_refine.pdbx_isotropic_thermal_model             ? 
_refine.pdbx_stereochemistry_target_values       ? 
_refine.pdbx_stereochem_target_val_spec_case     ? 
_refine.pdbx_R_Free_selection_details            ? 
_refine.pdbx_overall_ESU_R                       ? 
_refine.pdbx_overall_ESU_R_Free                  ? 
_refine.overall_SU_ML                            ? 
_refine.overall_SU_B                             ? 
_refine.pdbx_refine_id                           'X-RAY DIFFRACTION' 
_refine.pdbx_diffrn_id                           1 
_refine.pdbx_TLS_residual_ADP_flag               ? 
_refine.correlation_coeff_Fo_to_Fc               ? 
_refine.correlation_coeff_Fo_to_Fc_free          ? 
_refine.pdbx_solvent_vdw_probe_radii             ? 
_refine.pdbx_solvent_ion_probe_radii             ? 
_refine.pdbx_solvent_shrinkage_radii             ? 
_refine.pdbx_overall_phase_error                 ? 
_refine.overall_SU_R_Cruickshank_DPI             ? 
_refine.pdbx_overall_SU_R_free_Cruickshank_DPI   ? 
_refine.pdbx_overall_SU_R_Blow_DPI               ? 
_refine.pdbx_overall_SU_R_free_Blow_DPI          ? 
# 
_refine_hist.pdbx_refine_id                   'X-RAY DIFFRACTION' 
_refine_hist.cycle_id                         LAST 
_refine_hist.pdbx_number_atoms_protein        1433 
_refine_hist.pdbx_number_atoms_nucleic_acid   0 
_refine_hist.pdbx_number_atoms_ligand         5 
_refine_hist.number_atoms_solvent             183 
_refine_hist.number_atoms_total               1621 
_refine_hist.d_res_high                       1.90 
_refine_hist.d_res_low                        . 
# 
_struct.entry_id                  1P12 
_struct.title                     'CRYSTAL STRUCTURES OF ALPHA-LYTIC PROTEASE COMPLEXES WITH IRREVERSIBLY BOUND PHOSPHONATE ESTERS' 
_struct.pdbx_model_details        ? 
_struct.pdbx_CASP_flag            ? 
_struct.pdbx_model_type_details   ? 
# 
_struct_keywords.entry_id        1P12 
_struct_keywords.pdbx_keywords   'HYDROLASE/HYDROLASE INHIBITOR' 
_struct_keywords.text            'SERINE PROTEINASE, HYDROLASE-HYDROLASE INHIBITOR complex' 
# 
loop_
_struct_asym.id 
_struct_asym.pdbx_blank_PDB_chainid_flag 
_struct_asym.pdbx_modified 
_struct_asym.entity_id 
_struct_asym.details 
A N N 1 ? 
B N N 2 ? 
C N N 3 ? 
D N N 4 ? 
E N N 4 ? 
# 
_struct_biol.id   1 
# 
loop_
_struct_conf.conf_type_id 
_struct_conf.id 
_struct_conf.pdbx_PDB_helix_id 
_struct_conf.beg_label_comp_id 
_struct_conf.beg_label_asym_id 
_struct_conf.beg_label_seq_id 
_struct_conf.pdbx_beg_PDB_ins_code 
_struct_conf.end_label_comp_id 
_struct_conf.end_label_asym_id 
_struct_conf.end_label_seq_id 
_struct_conf.pdbx_end_PDB_ins_code 
_struct_conf.beg_auth_comp_id 
_struct_conf.beg_auth_asym_id 
_struct_conf.beg_auth_seq_id 
_struct_conf.end_auth_comp_id 
_struct_conf.end_auth_asym_id 
_struct_conf.end_auth_seq_id 
_struct_conf.pdbx_PDB_helix_class 
_struct_conf.details 
_struct_conf.pdbx_PDB_helix_length 
HELX_P HELX_P1 1 ALA A 34  ? GLY A 38  ? ALA E 55  GLY E 59  5 ? 5 
HELX_P HELX_P2 2 PRO A 173 B ARG A 177 ? PRO E 221 ARG E 224 5 ? 5 
HELX_P HELX_P3 3 LEU A 184 ? GLY A 192 ? LEU E 231 GLY E 238 1 ? 9 
# 
_struct_conf_type.id          HELX_P 
_struct_conf_type.criteria    ? 
_struct_conf_type.reference   ? 
# 
loop_
_struct_conn.id 
_struct_conn.conn_type_id 
_struct_conn.pdbx_leaving_atom_flag 
_struct_conn.pdbx_PDB_id 
_struct_conn.ptnr1_label_asym_id 
_struct_conn.ptnr1_label_comp_id 
_struct_conn.ptnr1_label_seq_id 
_struct_conn.ptnr1_label_atom_id 
_struct_conn.pdbx_ptnr1_label_alt_id 
_struct_conn.pdbx_ptnr1_PDB_ins_code 
_struct_conn.pdbx_ptnr1_standard_comp_id 
_struct_conn.ptnr1_symmetry 
_struct_conn.ptnr2_label_asym_id 
_struct_conn.ptnr2_label_comp_id 
_struct_conn.ptnr2_label_seq_id 
_struct_conn.ptnr2_label_atom_id 
_struct_conn.pdbx_ptnr2_label_alt_id 
_struct_conn.pdbx_ptnr2_PDB_ins_code 
_struct_conn.ptnr1_auth_asym_id 
_struct_conn.ptnr1_auth_comp_id 
_struct_conn.ptnr1_auth_seq_id 
_struct_conn.ptnr2_auth_asym_id 
_struct_conn.ptnr2_auth_comp_id 
_struct_conn.ptnr2_auth_seq_id 
_struct_conn.ptnr2_symmetry 
_struct_conn.pdbx_ptnr3_label_atom_id 
_struct_conn.pdbx_ptnr3_label_seq_id 
_struct_conn.pdbx_ptnr3_label_comp_id 
_struct_conn.pdbx_ptnr3_label_asym_id 
_struct_conn.pdbx_ptnr3_label_alt_id 
_struct_conn.pdbx_ptnr3_PDB_ins_code 
_struct_conn.details 
_struct_conn.pdbx_dist_value 
_struct_conn.pdbx_value_order 
_struct_conn.pdbx_role 
disulf1 disulf ?    ? A CYS 17  SG  ? ? ? 1_555 A CYS 37  SG ? ? E CYS 42  E CYS 58  1_555 ? ? ? ? ? ? ? 2.044 ? ? 
disulf2 disulf ?    ? A CYS 101 SG  ? ? ? 1_555 A CYS 111 SG ? ? E CYS 137 E CYS 159 1_555 ? ? ? ? ? ? ? 1.993 ? ? 
disulf3 disulf ?    ? A CYS 137 SG  ? ? ? 1_555 A CYS 170 SG ? ? E CYS 191 E CYS 220 1_555 ? ? ? ? ? ? ? 2.015 ? ? 
covale1 covale both ? B ALA 7   N   ? ? ? 1_555 B LAC 6   C  ? ? I ALA -2  I LAC -1  1_555 ? ? ? ? ? ? ? 1.304 ? ? 
covale2 covale both ? B LAC 6   OHN ? ? ? 1_555 B PVA 5   P  ? ? I LAC -1  I PVA 1   1_555 ? ? ? ? ? ? ? 1.546 ? ? 
covale3 covale one  ? A SER 143 OG  ? ? ? 1_555 B PVA 5   P  ? ? E SER 195 I PVA 1   1_555 ? ? ? ? ? ? ? 1.548 ? ? 
covale4 covale both ? B PVA 5   N   ? ? ? 1_555 B PRO 4   C  ? ? I PVA 1   I PRO 2   1_555 ? ? ? ? ? ? ? 1.338 ? ? 
covale5 covale both ? B ALA 2   N   ? ? ? 1_555 B BOC 1   C  ? ? I ALA 4   I BOC 5   1_555 ? ? ? ? ? ? ? 1.308 ? ? 
# 
loop_
_struct_conn_type.id 
_struct_conn_type.criteria 
_struct_conn_type.reference 
disulf ? ? 
covale ? ? 
# 
_struct_mon_prot_cis.pdbx_id                1 
_struct_mon_prot_cis.label_comp_id          PHE 
_struct_mon_prot_cis.label_seq_id           59 
_struct_mon_prot_cis.label_asym_id          A 
_struct_mon_prot_cis.label_alt_id           . 
_struct_mon_prot_cis.pdbx_PDB_ins_code      ? 
_struct_mon_prot_cis.auth_comp_id           PHE 
_struct_mon_prot_cis.auth_seq_id            94 
_struct_mon_prot_cis.auth_asym_id           E 
_struct_mon_prot_cis.pdbx_label_comp_id_2   PRO 
_struct_mon_prot_cis.pdbx_label_seq_id_2    60 
_struct_mon_prot_cis.pdbx_label_asym_id_2   A 
_struct_mon_prot_cis.pdbx_PDB_ins_code_2    A 
_struct_mon_prot_cis.pdbx_auth_comp_id_2    PRO 
_struct_mon_prot_cis.pdbx_auth_seq_id_2     99 
_struct_mon_prot_cis.pdbx_auth_asym_id_2    E 
_struct_mon_prot_cis.pdbx_PDB_model_num     1 
_struct_mon_prot_cis.pdbx_omega_angle       -7.14 
# 
loop_
_struct_sheet.id 
_struct_sheet.type 
_struct_sheet.number_strands 
_struct_sheet.details 
A ? 1 ? 
B ? 6 ? 
C ? 7 ? 
# 
loop_
_struct_sheet_order.sheet_id 
_struct_sheet_order.range_id_1 
_struct_sheet_order.range_id_2 
_struct_sheet_order.offset 
_struct_sheet_order.sense 
B 1 2 ? anti-parallel 
B 2 3 ? anti-parallel 
B 3 4 ? anti-parallel 
B 4 5 ? anti-parallel 
B 5 6 ? anti-parallel 
C 1 2 ? anti-parallel 
C 2 3 ? anti-parallel 
C 3 4 ? anti-parallel 
C 4 5 ? anti-parallel 
C 5 6 ? anti-parallel 
C 6 7 ? anti-parallel 
# 
loop_
_struct_sheet_range.sheet_id 
_struct_sheet_range.id 
_struct_sheet_range.beg_label_comp_id 
_struct_sheet_range.beg_label_asym_id 
_struct_sheet_range.beg_label_seq_id 
_struct_sheet_range.pdbx_beg_PDB_ins_code 
_struct_sheet_range.end_label_comp_id 
_struct_sheet_range.end_label_asym_id 
_struct_sheet_range.end_label_seq_id 
_struct_sheet_range.pdbx_end_PDB_ins_code 
_struct_sheet_range.beg_auth_comp_id 
_struct_sheet_range.beg_auth_asym_id 
_struct_sheet_range.beg_auth_seq_id 
_struct_sheet_range.end_auth_comp_id 
_struct_sheet_range.end_auth_asym_id 
_struct_sheet_range.end_auth_seq_id 
A 1 THR A 74  ? ASN A 81  ? THR E 113 ASN E 120 
B 1 SER A 15  ? SER A 18  ? SER E 40  SER E 43  
B 2 GLU A 8   ? ILE A 11  ? GLU E 30  ILE E 33  
B 3 ALA A 49  ? VAL A 58  ? ALA E 83  VAL E 93  
B 4 ARG A 64  ? LEU A 69  ? ARG E 103 LEU E 108 
B 5 THR A 28  ? THR A 33  ? THR E 49  THR E 54  
B 6 SER A 194 ? LEU A 195 ? SER E 240 LEU E 241 
C 1 ALA A 99  ? GLY A 104 ? ALA E 135 GLY E 140 
C 2 GLY A 108 ? TYR A 123 ? GLY E 156 TYR E 171 
C 3 GLY A 126 ? GLY A 134 ? GLY E 175 GLY E 183 
C 4 SER A 179 ? ARG A 183 ? SER E 226 ARG E 230 
C 5 ALA A 154 ? GLY A 161 ? ALA E 209 GLY E 216 
C 6 SER A 146 ? ILE A 148 ? SER E 198 ILE E 200 
C 7 ALA A 99  ? GLY A 104 ? ALA E 135 GLY E 140 
# 
loop_
_pdbx_struct_sheet_hbond.sheet_id 
_pdbx_struct_sheet_hbond.range_id_1 
_pdbx_struct_sheet_hbond.range_id_2 
_pdbx_struct_sheet_hbond.range_1_label_atom_id 
_pdbx_struct_sheet_hbond.range_1_label_comp_id 
_pdbx_struct_sheet_hbond.range_1_label_asym_id 
_pdbx_struct_sheet_hbond.range_1_label_seq_id 
_pdbx_struct_sheet_hbond.range_1_PDB_ins_code 
_pdbx_struct_sheet_hbond.range_1_auth_atom_id 
_pdbx_struct_sheet_hbond.range_1_auth_comp_id 
_pdbx_struct_sheet_hbond.range_1_auth_asym_id 
_pdbx_struct_sheet_hbond.range_1_auth_seq_id 
_pdbx_struct_sheet_hbond.range_2_label_atom_id 
_pdbx_struct_sheet_hbond.range_2_label_comp_id 
_pdbx_struct_sheet_hbond.range_2_label_asym_id 
_pdbx_struct_sheet_hbond.range_2_label_seq_id 
_pdbx_struct_sheet_hbond.range_2_PDB_ins_code 
_pdbx_struct_sheet_hbond.range_2_auth_atom_id 
_pdbx_struct_sheet_hbond.range_2_auth_comp_id 
_pdbx_struct_sheet_hbond.range_2_auth_asym_id 
_pdbx_struct_sheet_hbond.range_2_auth_seq_id 
B 1 2 N CYS A 17  ? N CYS E 42  O TYR A 9   ? O TYR E 31  
B 2 3 N ILE A 46  ? N ILE E 80  O ALA A 49  ? O ALA E 83  
B 3 4 N VAL A 58  ? N VAL E 93  O ARG A 64  ? O ARG E 103 
B 4 5 N LEU A 69  ? N LEU E 108 O LYS A 29  ? O LYS E 50  
C 1 2 O GLY A 104 ? O GLY E 140 N GLY A 108 ? N GLY E 156 
C 2 3 O TYR A 123 ? O TYR E 171 N GLY A 126 ? N GLY E 175 
C 3 4 N GLY A 134 ? N GLY E 183 O SER A 179 ? O SER E 226 
C 4 5 N GLU A 182 ? N GLU E 229 O VAL A 157 ? O VAL E 212 
C 5 6 N GLN A 155 ? N GLN E 210 O TRP A 147 ? O TRP E 199 
C 6 7 N ILE A 148 ? N ILE E 200 O CYS A 101 ? O CYS E 137 
# 
loop_
_struct_site.id 
_struct_site.pdbx_evidence_code 
_struct_site.pdbx_auth_asym_id 
_struct_site.pdbx_auth_comp_id 
_struct_site.pdbx_auth_seq_id 
_struct_site.pdbx_auth_ins_code 
_struct_site.pdbx_num_residues 
_struct_site.details 
AC1 Software E SO4 1 ? 8  'BINDING SITE FOR RESIDUE SO4 E 1'                        
AC2 Software ? ?   ? ? 24 'BINDING SITE FOR CHAIN I OF PHOSPHONATE ESTER INHIBITOR' 
# 
loop_
_struct_site_gen.id 
_struct_site_gen.site_id 
_struct_site_gen.pdbx_num_res 
_struct_site_gen.label_comp_id 
_struct_site_gen.label_asym_id 
_struct_site_gen.label_seq_id 
_struct_site_gen.pdbx_auth_ins_code 
_struct_site_gen.auth_comp_id 
_struct_site_gen.auth_asym_id 
_struct_site_gen.auth_seq_id 
_struct_site_gen.label_atom_id 
_struct_site_gen.label_alt_id 
_struct_site_gen.symmetry 
_struct_site_gen.details 
1  AC1 8  ALA A 1   A ALA E 15  . ? 3_665 ? 
2  AC1 8  ASN A 2   B ASN E 15  . ? 3_665 ? 
3  AC1 8  ARG A 183 ? ARG E 230 . ? 1_555 ? 
4  AC1 8  PRO A 186 ? PRO E 233 . ? 1_555 ? 
5  AC1 8  HOH D .   ? HOH E 268 . ? 3_665 ? 
6  AC1 8  HOH D .   ? HOH E 279 . ? 1_555 ? 
7  AC1 8  HOH D .   ? HOH E 368 . ? 3_665 ? 
8  AC1 8  HOH D .   ? HOH E 382 . ? 1_555 ? 
9  AC2 24 SER A 15  ? SER E 40  . ? 1_555 ? 
10 AC2 24 LEU A 16  ? LEU E 41  . ? 1_555 ? 
11 AC2 24 CYS A 17  ? CYS E 42  . ? 1_555 ? 
12 AC2 24 HIS A 36  ? HIS E 57  . ? 1_555 ? 
13 AC2 24 ARG A 89  ? ARG E 125 . ? 5_565 ? 
14 AC2 24 THR A 92  ? THR E 128 . ? 5_565 ? 
15 AC2 24 TYR A 123 ? TYR E 171 . ? 1_555 ? 
16 AC2 24 GLU A 125 ? GLU E 174 . ? 1_555 ? 
17 AC2 24 GLY A 139 A GLY E 192 . ? 1_555 ? 
18 AC2 24 ARG A 140 B ARG E 192 . ? 1_555 ? 
19 AC2 24 GLY A 141 ? GLY E 193 . ? 1_555 ? 
20 AC2 24 ASP A 142 ? ASP E 194 . ? 1_555 ? 
21 AC2 24 SER A 143 ? SER E 195 . ? 1_555 ? 
22 AC2 24 GLN A 153 ? GLN E 208 . ? 5_565 ? 
23 AC2 24 SER A 159 ? SER E 214 . ? 1_555 ? 
24 AC2 24 GLY A 160 ? GLY E 215 . ? 1_555 ? 
25 AC2 24 GLY A 161 ? GLY E 216 . ? 1_555 ? 
26 AC2 24 VAL A 163 A VAL E 217 . ? 1_555 ? 
27 AC2 24 HOH D .   ? HOH E 340 . ? 1_555 ? 
28 AC2 24 HOH D .   ? HOH E 349 . ? 1_555 ? 
29 AC2 24 HOH D .   ? HOH E 384 . ? 5_565 ? 
30 AC2 24 HOH E .   ? HOH I 143 . ? 1_555 ? 
31 AC2 24 HOH E .   ? HOH I 146 . ? 1_555 ? 
32 AC2 24 HOH E .   ? HOH I 175 . ? 1_555 ? 
# 
_atom_sites.entry_id                    1P12 
_atom_sites.fract_transf_matrix[1][1]   -0.00538922 
_atom_sites.fract_transf_matrix[1][2]   0.01342646 
_atom_sites.fract_transf_matrix[1][3]   0.00946393 
_atom_sites.fract_transf_matrix[2][1]   -0.00427104 
_atom_sites.fract_transf_matrix[2][2]   -0.00228235 
_atom_sites.fract_transf_matrix[2][3]   0.01659695 
_atom_sites.fract_transf_matrix[3][1]   0.01181911 
_atom_sites.fract_transf_matrix[3][2]   0.00237041 
_atom_sites.fract_transf_matrix[3][3]   0.00336749 
_atom_sites.fract_transf_vector[1]      0.594186 
_atom_sites.fract_transf_vector[2]      0.481288 
_atom_sites.fract_transf_vector[3]      0.183029 
# 
loop_
_atom_sites_footnote.id 
_atom_sites_footnote.text 
1 'PRO E 99A IS A CIS PROLINE.' 
2 'SEE REMARK 5.'               
3 'SEE REMARK 6.'               
# 
loop_
_atom_type.symbol 
C 
N 
O 
P 
S 
# 
loop_
_atom_site.group_PDB 
_atom_site.id 
_atom_site.type_symbol 
_atom_site.label_atom_id 
_atom_site.label_alt_id 
_atom_site.label_comp_id 
_atom_site.label_asym_id 
_atom_site.label_entity_id 
_atom_site.label_seq_id 
_atom_site.pdbx_PDB_ins_code 
_atom_site.Cartn_x 
_atom_site.Cartn_y 
_atom_site.Cartn_z 
_atom_site.occupancy 
_atom_site.B_iso_or_equiv 
_atom_site.pdbx_formal_charge 
_atom_site.auth_seq_id 
_atom_site.auth_comp_id 
_atom_site.auth_asym_id 
_atom_site.auth_atom_id 
_atom_site.pdbx_PDB_model_num 
ATOM   1    N N   . ALA A 1 1   A -2.443  0.030   -18.810 1.00 9.97  ? 15  ALA E N   1 
ATOM   2    C CA  . ALA A 1 1   A -3.474  -0.191  -17.739 1.00 10.14 ? 15  ALA E CA  1 
ATOM   3    C C   . ALA A 1 1   A -3.641  1.172   -17.064 1.00 9.17  ? 15  ALA E C   1 
ATOM   4    O O   . ALA A 1 1   A -2.686  1.960   -17.162 1.00 9.05  ? 15  ALA E O   1 
ATOM   5    C CB  . ALA A 1 1   A -2.966  -1.155  -16.671 1.00 10.79 ? 15  ALA E CB  1 
ATOM   6    N N   . ASN A 1 2   B -4.780  1.365   -16.450 1.00 8.78  ? 15  ASN E N   1 
ATOM   7    C CA  . ASN A 1 2   B -5.080  2.594   -15.699 1.00 7.96  ? 15  ASN E CA  1 
ATOM   8    C C   . ASN A 1 2   B -4.550  2.257   -14.290 1.00 8.16  ? 15  ASN E C   1 
ATOM   9    O O   . ASN A 1 2   B -5.007  1.223   -13.725 1.00 9.68  ? 15  ASN E O   1 
ATOM   10   C CB  . ASN A 1 2   B -6.597  2.894   -15.653 1.00 7.78  ? 15  ASN E CB  1 
ATOM   11   C CG  . ASN A 1 2   B -7.018  3.554   -16.955 1.00 8.58  ? 15  ASN E CG  1 
ATOM   12   O OD1 . ASN A 1 2   B -6.181  3.610   -17.857 1.00 8.11  ? 15  ASN E OD1 1 
ATOM   13   N ND2 . ASN A 1 2   B -8.183  4.143   -17.149 1.00 10.10 ? 15  ASN E ND2 1 
ATOM   14   N N   . ILE A 1 3   ? -3.672  3.063   -13.757 1.00 7.76  ? 16  ILE E N   1 
ATOM   15   C CA  . ILE A 1 3   ? -3.121  2.762   -12.403 1.00 7.19  ? 16  ILE E CA  1 
ATOM   16   C C   . ILE A 1 3   ? -3.945  3.508   -11.314 1.00 9.01  ? 16  ILE E C   1 
ATOM   17   O O   . ILE A 1 3   ? -3.870  4.757   -11.321 1.00 7.42  ? 16  ILE E O   1 
ATOM   18   C CB  . ILE A 1 3   ? -1.652  3.264   -12.399 1.00 8.04  ? 16  ILE E CB  1 
ATOM   19   C CG1 . ILE A 1 3   ? -0.891  2.644   -13.602 1.00 6.63  ? 16  ILE E CG1 1 
ATOM   20   C CG2 . ILE A 1 3   ? -0.935  3.031   -11.018 1.00 8.48  ? 16  ILE E CG2 1 
ATOM   21   C CD1 . ILE A 1 3   ? -0.883  1.119   -13.711 1.00 8.34  ? 16  ILE E CD1 1 
ATOM   22   N N   . VAL A 1 4   ? -4.665  2.748   -10.504 1.00 6.25  ? 17  VAL E N   1 
ATOM   23   C CA  . VAL A 1 4   ? -5.483  3.307   -9.437  1.00 7.84  ? 17  VAL E CA  1 
ATOM   24   C C   . VAL A 1 4   ? -5.049  2.617   -8.138  1.00 7.73  ? 17  VAL E C   1 
ATOM   25   O O   . VAL A 1 4   ? -4.740  1.413   -8.194  1.00 7.19  ? 17  VAL E O   1 
ATOM   26   C CB  . VAL A 1 4   ? -6.910  2.887   -9.835  1.00 8.36  ? 17  VAL E CB  1 
ATOM   27   C CG1 . VAL A 1 4   ? -7.917  3.171   -8.750  1.00 8.21  ? 17  VAL E CG1 1 
ATOM   28   C CG2 . VAL A 1 4   ? -7.338  3.575   -11.133 1.00 11.31 ? 17  VAL E CG2 1 
ATOM   29   N N   . GLY A 1 5   ? -5.024  3.363   -7.032  1.00 7.32  ? 18  GLY E N   1 
ATOM   30   C CA  . GLY A 1 5   ? -4.607  2.719   -5.735  1.00 7.25  ? 18  GLY E CA  1 
ATOM   31   C C   . GLY A 1 5   ? -5.595  1.592   -5.393  1.00 7.58  ? 18  GLY E C   1 
ATOM   32   O O   . GLY A 1 5   ? -6.812  1.719   -5.582  1.00 8.09  ? 18  GLY E O   1 
ATOM   33   N N   . GLY A 1 6   ? -5.005  0.504   -4.867  1.00 7.71  ? 19  GLY E N   1 
ATOM   34   C CA  . GLY A 1 6   ? -5.852  -0.609  -4.425  1.00 8.71  ? 19  GLY E CA  1 
ATOM   35   C C   . GLY A 1 6   ? -6.004  -1.749  -5.405  1.00 8.52  ? 19  GLY E C   1 
ATOM   36   O O   . GLY A 1 6   ? -6.514  -2.767  -4.871  1.00 9.55  ? 19  GLY E O   1 
ATOM   37   N N   . ILE A 1 7   ? -5.644  -1.574  -6.692  1.00 5.90  ? 29  ILE E N   1 
ATOM   38   C CA  . ILE A 1 7   ? -5.874  -2.694  -7.610  1.00 5.07  ? 29  ILE E CA  1 
ATOM   39   C C   . ILE A 1 7   ? -4.760  -3.733  -7.514  1.00 6.32  ? 29  ILE E C   1 
ATOM   40   O O   . ILE A 1 7   ? -3.614  -3.507  -7.098  1.00 6.75  ? 29  ILE E O   1 
ATOM   41   C CB  . ILE A 1 7   ? -6.060  -2.200  -9.071  1.00 6.72  ? 29  ILE E CB  1 
ATOM   42   C CG1 . ILE A 1 7   ? -4.725  -1.512  -9.513  1.00 7.37  ? 29  ILE E CG1 1 
ATOM   43   C CG2 . ILE A 1 7   ? -7.167  -1.114  -9.116  1.00 6.37  ? 29  ILE E CG2 1 
ATOM   44   C CD1 . ILE A 1 7   ? -4.867  -1.166  -11.027 1.00 9.11  ? 29  ILE E CD1 1 
ATOM   45   N N   . GLU A 1 8   ? -5.133  -4.942  -8.001  1.00 6.62  ? 30  GLU E N   1 
ATOM   46   C CA  . GLU A 1 8   ? -4.135  -6.057  -7.925  1.00 6.83  ? 30  GLU E CA  1 
ATOM   47   C C   . GLU A 1 8   ? -3.043  -5.946  -8.954  1.00 7.77  ? 30  GLU E C   1 
ATOM   48   O O   . GLU A 1 8   ? -3.263  -5.482  -10.110 1.00 9.02  ? 30  GLU E O   1 
ATOM   49   C CB  . GLU A 1 8   ? -4.948  -7.315  -8.343  1.00 6.74  ? 30  GLU E CB  1 
ATOM   50   C CG  . GLU A 1 8   ? -4.024  -8.573  -8.377  1.00 9.08  ? 30  GLU E CG  1 
ATOM   51   C CD  . GLU A 1 8   ? -4.936  -9.760  -8.549  1.00 14.18 ? 30  GLU E CD  1 
ATOM   52   O OE1 . GLU A 1 8   ? -5.829  -10.068 -7.728  1.00 13.18 ? 30  GLU E OE1 1 
ATOM   53   O OE2 . GLU A 1 8   ? -4.862  -10.451 -9.556  1.00 17.46 ? 30  GLU E OE2 1 
ATOM   54   N N   . TYR A 1 9   ? -1.867  -6.402  -8.669  1.00 7.16  ? 31  TYR E N   1 
ATOM   55   C CA  . TYR A 1 9   ? -0.775  -6.571  -9.658  1.00 5.96  ? 31  TYR E CA  1 
ATOM   56   C C   . TYR A 1 9   ? -0.070  -7.871  -9.264  1.00 7.28  ? 31  TYR E C   1 
ATOM   57   O O   . TYR A 1 9   ? -0.152  -8.147  -8.024  1.00 7.50  ? 31  TYR E O   1 
ATOM   58   C CB  . TYR A 1 9   ? 0.148   -5.361  -9.751  1.00 4.57  ? 31  TYR E CB  1 
ATOM   59   C CG  . TYR A 1 9   ? 1.072   -5.161  -8.607  1.00 5.17  ? 31  TYR E CG  1 
ATOM   60   C CD1 . TYR A 1 9   ? 0.624   -4.420  -7.489  1.00 5.91  ? 31  TYR E CD1 1 
ATOM   61   C CD2 . TYR A 1 9   ? 2.375   -5.636  -8.637  1.00 4.98  ? 31  TYR E CD2 1 
ATOM   62   C CE1 . TYR A 1 9   ? 1.494   -4.163  -6.422  1.00 4.24  ? 31  TYR E CE1 1 
ATOM   63   C CE2 . TYR A 1 9   ? 3.259   -5.342  -7.566  1.00 4.99  ? 31  TYR E CE2 1 
ATOM   64   C CZ  . TYR A 1 9   ? 2.772   -4.632  -6.475  1.00 5.94  ? 31  TYR E CZ  1 
ATOM   65   O OH  . TYR A 1 9   ? 3.578   -4.410  -5.389  1.00 7.06  ? 31  TYR E OH  1 
ATOM   66   N N   . SER A 1 10  ? 0.661   -8.591  -10.108 1.00 8.15  ? 32  SER E N   1 
ATOM   67   C CA  . SER A 1 10  ? 1.377   -9.804  -9.690  1.00 8.88  ? 32  SER E CA  1 
ATOM   68   C C   . SER A 1 10  ? 2.870   -9.526  -9.859  1.00 9.36  ? 32  SER E C   1 
ATOM   69   O O   . SER A 1 10  ? 3.153   -8.604  -10.685 1.00 10.18 ? 32  SER E O   1 
ATOM   70   C CB  . SER A 1 10  ? 0.953   -11.052 -10.479 1.00 9.25  ? 32  SER E CB  1 
ATOM   71   O OG  . SER A 1 10  ? 1.339   -10.769 -11.842 1.00 10.40 ? 32  SER E OG  1 
ATOM   72   N N   . ILE A 1 11  ? 3.687   -10.288 -9.159  1.00 8.05  ? 33  ILE E N   1 
ATOM   73   C CA  . ILE A 1 11  ? 5.151   -10.089 -9.211  1.00 7.76  ? 33  ILE E CA  1 
ATOM   74   C C   . ILE A 1 11  ? 5.795   -11.387 -9.720  1.00 10.58 ? 33  ILE E C   1 
ATOM   75   O O   . ILE A 1 11  ? 5.445   -12.397 -9.043  1.00 10.10 ? 33  ILE E O   1 
ATOM   76   C CB  . ILE A 1 11  ? 5.727   -9.705  -7.806  1.00 6.30  ? 33  ILE E CB  1 
ATOM   77   C CG1 . ILE A 1 11  ? 4.961   -8.462  -7.241  1.00 5.79  ? 33  ILE E CG1 1 
ATOM   78   C CG2 . ILE A 1 11  ? 7.257   -9.452  -7.874  1.00 6.78  ? 33  ILE E CG2 1 
ATOM   79   C CD1 . ILE A 1 11  ? 3.651   -8.791  -6.458  1.00 5.14  ? 33  ILE E CD1 1 
ATOM   80   N N   . ASN A 1 12  ? 6.576   -11.313 -10.797 1.00 10.51 ? 34  ASN E N   1 
ATOM   81   C CA  . ASN A 1 12  ? 7.154   -12.542 -11.345 1.00 10.93 ? 34  ASN E CA  1 
ATOM   82   C C   . ASN A 1 12  ? 6.182   -13.713 -11.511 1.00 11.78 ? 34  ASN E C   1 
ATOM   83   O O   . ASN A 1 12  ? 6.542   -14.893 -11.243 1.00 10.91 ? 34  ASN E O   1 
ATOM   84   C CB  . ASN A 1 12  ? 8.352   -12.957 -10.510 1.00 12.63 ? 34  ASN E CB  1 
ATOM   85   C CG  . ASN A 1 12  ? 9.432   -11.903 -10.585 1.00 14.89 ? 34  ASN E CG  1 
ATOM   86   O OD1 . ASN A 1 12  ? 9.450   -11.073 -11.519 1.00 15.63 ? 34  ASN E OD1 1 
ATOM   87   N ND2 . ASN A 1 12  ? 10.376  -12.002 -9.663  1.00 14.94 ? 34  ASN E ND2 1 
ATOM   88   N N   . ASN A 1 13  ? 4.958   -13.384 -11.940 1.00 11.14 ? 35  ASN E N   1 
ATOM   89   C CA  . ASN A 1 13  ? 3.935   -14.410 -12.169 1.00 13.52 ? 35  ASN E CA  1 
ATOM   90   C C   . ASN A 1 13  ? 3.644   -15.304 -10.971 1.00 13.07 ? 35  ASN E C   1 
ATOM   91   O O   . ASN A 1 13  ? 3.195   -16.439 -11.164 1.00 12.04 ? 35  ASN E O   1 
ATOM   92   C CB  . ASN A 1 13  ? 4.502   -15.316 -13.298 1.00 16.53 ? 35  ASN E CB  1 
ATOM   93   C CG  . ASN A 1 13  ? 3.962   -14.795 -14.625 1.00 19.38 ? 35  ASN E CG  1 
ATOM   94   O OD1 . ASN A 1 13  ? 2.893   -14.168 -14.637 1.00 20.59 ? 35  ASN E OD1 1 
ATOM   95   N ND2 . ASN A 1 13  ? 4.694   -15.110 -15.684 1.00 22.06 ? 35  ASN E ND2 1 
ATOM   96   N N   . ALA A 1 14  ? 3.914   -14.787 -9.771  1.00 13.05 ? 39  ALA E N   1 
ATOM   97   C CA  . ALA A 1 14  ? 3.661   -15.601 -8.564  1.00 12.67 ? 39  ALA E CA  1 
ATOM   98   C C   . ALA A 1 14  ? 2.835   -14.844 -7.522  1.00 12.83 ? 39  ALA E C   1 
ATOM   99   O O   . ALA A 1 14  ? 1.629   -15.050 -7.382  1.00 14.44 ? 39  ALA E O   1 
ATOM   100  C CB  . ALA A 1 14  ? 4.963   -16.143 -7.966  1.00 11.79 ? 39  ALA E CB  1 
ATOM   101  N N   . SER A 1 15  ? 3.509   -14.000 -6.799  1.00 11.42 ? 40  SER E N   1 
ATOM   102  C CA  . SER A 1 15  ? 2.925   -13.213 -5.710  1.00 11.46 ? 40  SER E CA  1 
ATOM   103  C C   . SER A 1 15  ? 1.930   -12.176 -6.157  1.00 9.72  ? 40  SER E C   1 
ATOM   104  O O   . SER A 1 15  ? 2.053   -11.670 -7.265  1.00 9.07  ? 40  SER E O   1 
ATOM   105  C CB  . SER A 1 15  ? 4.076   -12.470 -5.012  1.00 15.38 ? 40  SER E CB  1 
ATOM   106  O OG  . SER A 1 15  ? 4.988   -13.327 -4.308  1.00 19.58 ? 40  SER E OG  1 
ATOM   107  N N   . LEU A 1 16  ? 0.997   -11.848 -5.264  1.00 9.46  ? 41  LEU E N   1 
ATOM   108  C CA  . LEU A 1 16  ? -0.010  -10.789 -5.555  1.00 7.66  ? 41  LEU E CA  1 
ATOM   109  C C   . LEU A 1 16  ? 0.176   -9.682  -4.512  1.00 7.15  ? 41  LEU E C   1 
ATOM   110  O O   . LEU A 1 16  ? 0.415   -10.034 -3.337  1.00 7.96  ? 41  LEU E O   1 
ATOM   111  C CB  . LEU A 1 16  ? -1.401  -11.369 -5.457  1.00 8.54  ? 41  LEU E CB  1 
ATOM   112  C CG  . LEU A 1 16  ? -1.811  -12.525 -6.341  1.00 10.92 ? 41  LEU E CG  1 
ATOM   113  C CD1 . LEU A 1 16  ? -3.314  -12.732 -6.209  1.00 9.11  ? 41  LEU E CD1 1 
ATOM   114  C CD2 . LEU A 1 16  ? -1.543  -12.142 -7.795  1.00 10.43 ? 41  LEU E CD2 1 
ATOM   115  N N   . CYS A 1 17  ? 0.051   -8.471  -4.978  1.00 5.37  ? 42  CYS E N   1 
ATOM   116  C CA  . CYS A 1 17  ? 0.089   -7.320  -4.044  1.00 5.82  ? 42  CYS E CA  1 
ATOM   117  C C   . CYS A 1 17  ? -0.937  -6.271  -4.579  1.00 5.70  ? 42  CYS E C   1 
ATOM   118  O O   . CYS A 1 17  ? -1.582  -6.505  -5.634  1.00 6.61  ? 42  CYS E O   1 
ATOM   119  C CB  . CYS A 1 17  ? 1.445   -6.661  -3.920  1.00 4.03  ? 42  CYS E CB  1 
ATOM   120  S SG  . CYS A 1 17  ? 2.379   -7.549  -2.636  1.00 6.99  ? 42  CYS E SG  1 
ATOM   121  N N   . SER A 1 18  ? -1.024  -5.133  -3.871  1.00 3.51  ? 43  SER E N   1 
ATOM   122  C CA  . SER A 1 18  ? -1.959  -4.112  -4.368  1.00 3.95  ? 43  SER E CA  1 
ATOM   123  C C   . SER A 1 18  ? -1.148  -2.838  -4.660  1.00 3.75  ? 43  SER E C   1 
ATOM   124  O O   . SER A 1 18  ? -0.217  -2.575  -3.921  1.00 4.46  ? 43  SER E O   1 
ATOM   125  C CB  . SER A 1 18  ? -2.970  -3.806  -3.246  1.00 5.61  ? 43  SER E CB  1 
ATOM   126  O OG  . SER A 1 18  ? -3.737  -4.982  -2.938  1.00 7.58  ? 43  SER E OG  1 
ATOM   127  N N   . VAL A 1 19  ? -1.646  -2.057  -5.588  1.00 5.55  ? 44  VAL E N   1 
ATOM   128  C CA  . VAL A 1 19  ? -0.957  -0.734  -5.867  1.00 5.67  ? 44  VAL E CA  1 
ATOM   129  C C   . VAL A 1 19  ? -1.275  0.221   -4.691  1.00 5.09  ? 44  VAL E C   1 
ATOM   130  O O   . VAL A 1 19  ? -2.444  0.325   -4.223  1.00 6.60  ? 44  VAL E O   1 
ATOM   131  C CB  . VAL A 1 19  ? -1.615  -0.197  -7.176  1.00 5.63  ? 44  VAL E CB  1 
ATOM   132  C CG1 . VAL A 1 19  ? -1.136  1.240   -7.478  1.00 4.47  ? 44  VAL E CG1 1 
ATOM   133  C CG2 . VAL A 1 19  ? -1.313  -1.057  -8.413  1.00 5.41  ? 44  VAL E CG2 1 
ATOM   134  N N   . GLY A 1 20  ? -0.266  0.988   -4.338  1.00 3.92  ? 45  GLY E N   1 
ATOM   135  C CA  . GLY A 1 20  ? -0.432  2.003   -3.274  1.00 3.01  ? 45  GLY E CA  1 
ATOM   136  C C   . GLY A 1 20  ? -0.884  3.309   -3.982  1.00 4.91  ? 45  GLY E C   1 
ATOM   137  O O   . GLY A 1 20  ? -2.060  3.633   -3.853  1.00 4.46  ? 45  GLY E O   1 
ATOM   138  N N   . PHE A 1 21  ? 0.025   4.061   -4.611  1.00 4.76  ? 46  PHE E N   1 
ATOM   139  C CA  . PHE A 1 21  ? -0.296  5.335   -5.251  1.00 4.87  ? 46  PHE E CA  1 
ATOM   140  C C   . PHE A 1 21  ? 0.513   5.621   -6.539  1.00 4.54  ? 46  PHE E C   1 
ATOM   141  O O   . PHE A 1 21  ? 1.699   5.240   -6.590  1.00 6.47  ? 46  PHE E O   1 
ATOM   142  C CB  . PHE A 1 21  ? 0.009   6.569   -4.321  1.00 4.41  ? 46  PHE E CB  1 
ATOM   143  C CG  . PHE A 1 21  ? -0.738  6.510   -3.014  1.00 6.58  ? 46  PHE E CG  1 
ATOM   144  C CD1 . PHE A 1 21  ? -2.092  6.865   -2.966  1.00 5.81  ? 46  PHE E CD1 1 
ATOM   145  C CD2 . PHE A 1 21  ? -0.069  5.971   -1.891  1.00 6.21  ? 46  PHE E CD2 1 
ATOM   146  C CE1 . PHE A 1 21  ? -2.770  6.738   -1.737  1.00 5.57  ? 46  PHE E CE1 1 
ATOM   147  C CE2 . PHE A 1 21  ? -0.755  5.837   -0.655  1.00 5.90  ? 46  PHE E CE2 1 
ATOM   148  C CZ  . PHE A 1 21  ? -2.104  6.240   -0.607  1.00 5.09  ? 46  PHE E CZ  1 
ATOM   149  N N   . SER A 1 22  ? -0.146  6.267   -7.511  1.00 5.92  ? 47  SER E N   1 
ATOM   150  C CA  . SER A 1 22  ? 0.519   6.741   -8.718  1.00 6.35  ? 47  SER E CA  1 
ATOM   151  C C   . SER A 1 22  ? 1.460   7.894   -8.269  1.00 6.85  ? 47  SER E C   1 
ATOM   152  O O   . SER A 1 22  ? 1.083   8.791   -7.480  1.00 6.54  ? 47  SER E O   1 
ATOM   153  C CB  . SER A 1 22  ? -0.494  7.468   -9.618  1.00 5.29  ? 47  SER E CB  1 
ATOM   154  O OG  . SER A 1 22  ? -1.378  6.474   -10.123 1.00 9.50  ? 47  SER E OG  1 
ATOM   155  N N   . VAL A 1 23  ? 2.644   7.867   -8.833  1.00 6.93  ? 48  VAL E N   1 
ATOM   156  C CA  . VAL A 1 23  ? 3.697   8.855   -8.615  1.00 6.64  ? 48  VAL E CA  1 
ATOM   157  C C   . VAL A 1 23  ? 4.515   9.125   -9.901  1.00 7.88  ? 48  VAL E C   1 
ATOM   158  O O   . VAL A 1 23  ? 4.471   8.307   -10.832 1.00 6.46  ? 48  VAL E O   1 
ATOM   159  C CB  . VAL A 1 23  ? 4.725   8.389   -7.557  1.00 6.05  ? 48  VAL E CB  1 
ATOM   160  C CG1 . VAL A 1 23  ? 4.064   8.242   -6.169  1.00 7.82  ? 48  VAL E CG1 1 
ATOM   161  C CG2 . VAL A 1 23  ? 5.444   7.060   -7.827  1.00 5.43  ? 48  VAL E CG2 1 
ATOM   162  N N   . THR A 1 24  A 5.295   10.193  -9.882  1.00 7.18  ? 48  THR E N   1 
ATOM   163  C CA  . THR A 1 24  A 6.204   10.376  -11.011 1.00 8.18  ? 48  THR E CA  1 
ATOM   164  C C   . THR A 1 24  A 7.583   10.658  -10.358 1.00 10.19 ? 48  THR E C   1 
ATOM   165  O O   . THR A 1 24  A 7.684   11.154  -9.208  1.00 10.06 ? 48  THR E O   1 
ATOM   166  C CB  . THR A 1 24  A 5.828   11.600  -11.957 1.00 9.09  ? 48  THR E CB  1 
ATOM   167  O OG1 . THR A 1 24  A 5.765   12.757  -11.076 1.00 10.22 ? 48  THR E OG1 1 
ATOM   168  C CG2 . THR A 1 24  A 4.549   11.288  -12.718 1.00 10.55 ? 48  THR E CG2 1 
ATOM   169  N N   . ARG A 1 25  B 8.588   10.359  -11.178 1.00 10.24 ? 48  ARG E N   1 
ATOM   170  C CA  . ARG A 1 25  B 9.978   10.701  -10.791 1.00 12.22 ? 48  ARG E CA  1 
ATOM   171  C C   . ARG A 1 25  B 10.496  11.398  -12.058 1.00 12.86 ? 48  ARG E C   1 
ATOM   172  O O   . ARG A 1 25  B 10.983  10.676  -12.942 1.00 11.99 ? 48  ARG E O   1 
ATOM   173  C CB  . ARG A 1 25  B 10.724  9.430   -10.397 1.00 15.77 ? 48  ARG E CB  1 
ATOM   174  C CG  . ARG A 1 25  B 11.902  9.819   -9.484  1.00 21.44 ? 48  ARG E CG  1 
ATOM   175  C CD  . ARG A 1 25  B 13.091  9.545   -10.263 1.00 25.20 ? 48  ARG E CD  1 
ATOM   176  N NE  . ARG A 1 25  B 13.919  8.515   -9.752  1.00 29.10 ? 48  ARG E NE  1 
ATOM   177  C CZ  . ARG A 1 25  B 14.699  7.780   -10.565 1.00 30.63 ? 48  ARG E CZ  1 
ATOM   178  N NH1 . ARG A 1 25  B 14.774  7.360   -11.807 1.00 31.32 ? 48  ARG E NH1 1 
ATOM   179  N NH2 . ARG A 1 25  B 15.638  7.274   -9.760  1.00 32.90 ? 48  ARG E NH2 1 
ATOM   180  N N   . GLY A 1 26  C 10.288  12.695  -12.208 1.00 12.34 ? 48  GLY E N   1 
ATOM   181  C CA  . GLY A 1 26  C 10.733  13.356  -13.464 1.00 10.64 ? 48  GLY E CA  1 
ATOM   182  C C   . GLY A 1 26  C 9.740   12.833  -14.492 1.00 11.73 ? 48  GLY E C   1 
ATOM   183  O O   . GLY A 1 26  C 8.535   12.683  -14.161 1.00 12.33 ? 48  GLY E O   1 
ATOM   184  N N   . ALA A 1 27  D 10.211  12.489  -15.679 1.00 9.06  ? 48  ALA E N   1 
ATOM   185  C CA  . ALA A 1 27  D 9.306   11.971  -16.700 1.00 9.72  ? 48  ALA E CA  1 
ATOM   186  C C   . ALA A 1 27  D 8.925   10.515  -16.448 1.00 10.86 ? 48  ALA E C   1 
ATOM   187  O O   . ALA A 1 27  D 8.070   10.026  -17.208 1.00 11.85 ? 48  ALA E O   1 
ATOM   188  C CB  . ALA A 1 27  D 10.057  12.077  -18.015 1.00 10.05 ? 48  ALA E CB  1 
ATOM   189  N N   . THR A 1 28  ? 9.529   9.844   -15.488 1.00 9.03  ? 49  THR E N   1 
ATOM   190  C CA  . THR A 1 28  ? 9.189   8.435   -15.230 1.00 9.77  ? 49  THR E CA  1 
ATOM   191  C C   . THR A 1 28  ? 7.895   8.231   -14.448 1.00 9.46  ? 49  THR E C   1 
ATOM   192  O O   . THR A 1 28  ? 7.729   8.922   -13.441 1.00 10.99 ? 49  THR E O   1 
ATOM   193  C CB  . THR A 1 28  ? 10.346  7.736   -14.410 1.00 11.01 ? 49  THR E CB  1 
ATOM   194  O OG1 . THR A 1 28  ? 11.491  8.032   -15.268 1.00 12.86 ? 49  THR E OG1 1 
ATOM   195  C CG2 . THR A 1 28  ? 10.078  6.220   -14.252 1.00 10.94 ? 49  THR E CG2 1 
ATOM   196  N N   . LYS A 1 29  ? 7.045   7.366   -14.942 1.00 8.56  ? 50  LYS E N   1 
ATOM   197  C CA  . LYS A 1 29  ? 5.755   7.063   -14.272 1.00 8.32  ? 50  LYS E CA  1 
ATOM   198  C C   . LYS A 1 29  ? 6.076   5.918   -13.310 1.00 7.03  ? 50  LYS E C   1 
ATOM   199  O O   . LYS A 1 29  ? 6.977   5.105   -13.575 1.00 7.60  ? 50  LYS E O   1 
ATOM   200  C CB  . LYS A 1 29  ? 4.714   6.580   -15.301 1.00 9.92  ? 50  LYS E CB  1 
ATOM   201  C CG  . LYS A 1 29  ? 4.455   7.701   -16.339 1.00 11.29 ? 50  LYS E CG  1 
ATOM   202  C CD  . LYS A 1 29  ? 3.467   7.089   -17.340 1.00 13.67 ? 50  LYS E CD  1 
ATOM   203  C CE  . LYS A 1 29  ? 3.055   8.180   -18.334 1.00 14.64 ? 50  LYS E CE  1 
ATOM   204  N NZ  . LYS A 1 29  ? 1.985   7.688   -19.286 1.00 13.91 ? 50  LYS E NZ  1 
ATOM   205  N N   . GLY A 1 30  ? 5.351   5.820   -12.197 1.00 7.81  ? 51  GLY E N   1 
ATOM   206  C CA  . GLY A 1 30  ? 5.604   4.704   -11.231 1.00 6.54  ? 51  GLY E CA  1 
ATOM   207  C C   . GLY A 1 30  ? 4.396   4.621   -10.270 1.00 6.99  ? 51  GLY E C   1 
ATOM   208  O O   . GLY A 1 30  ? 3.456   5.458   -10.318 1.00 5.14  ? 51  GLY E O   1 
ATOM   209  N N   . PHE A 1 31  ? 4.473   3.619   -9.398  1.00 4.75  ? 52  PHE E N   1 
ATOM   210  C CA  . PHE A 1 31  ? 3.503   3.496   -8.319  1.00 4.19  ? 52  PHE E CA  1 
ATOM   211  C C   . PHE A 1 31  ? 4.292   3.107   -7.085  1.00 3.60  ? 52  PHE E C   1 
ATOM   212  O O   . PHE A 1 31  ? 5.267   2.349   -7.279  1.00 4.97  ? 52  PHE E O   1 
ATOM   213  C CB  . PHE A 1 31  ? 2.293   2.677   -8.703  1.00 5.03  ? 52  PHE E CB  1 
ATOM   214  C CG  . PHE A 1 31  ? 2.504   1.192   -8.812  1.00 6.40  ? 52  PHE E CG  1 
ATOM   215  C CD1 . PHE A 1 31  ? 2.668   0.389   -7.657  1.00 6.02  ? 52  PHE E CD1 1 
ATOM   216  C CD2 . PHE A 1 31  ? 2.437   0.568   -10.055 1.00 7.21  ? 52  PHE E CD2 1 
ATOM   217  C CE1 . PHE A 1 31  ? 2.810   -0.981  -7.764  1.00 6.62  ? 52  PHE E CE1 1 
ATOM   218  C CE2 . PHE A 1 31  ? 2.549   -0.834  -10.172 1.00 7.01  ? 52  PHE E CE2 1 
ATOM   219  C CZ  . PHE A 1 31  ? 2.765   -1.589  -9.009  1.00 6.78  ? 52  PHE E CZ  1 
ATOM   220  N N   . VAL A 1 32  ? 3.905   3.581   -5.919  1.00 5.03  ? 53  VAL E N   1 
ATOM   221  C CA  . VAL A 1 32  ? 4.580   3.158   -4.672  1.00 4.45  ? 53  VAL E CA  1 
ATOM   222  C C   . VAL A 1 32  ? 3.753   1.946   -4.172  1.00 4.58  ? 53  VAL E C   1 
ATOM   223  O O   . VAL A 1 32  ? 2.542   1.820   -4.411  1.00 5.44  ? 53  VAL E O   1 
ATOM   224  C CB  . VAL A 1 32  ? 4.755   4.188   -3.570  1.00 6.99  ? 53  VAL E CB  1 
ATOM   225  C CG1 . VAL A 1 32  ? 5.647   5.321   -4.055  1.00 8.35  ? 53  VAL E CG1 1 
ATOM   226  C CG2 . VAL A 1 32  ? 3.437   4.776   -3.198  1.00 10.27 ? 53  VAL E CG2 1 
ATOM   227  N N   . THR A 1 33  ? 4.496   1.065   -3.484  1.00 5.29  ? 54  THR E N   1 
ATOM   228  C CA  . THR A 1 33  ? 3.906   -0.190  -2.934  1.00 5.57  ? 54  THR E CA  1 
ATOM   229  C C   . THR A 1 33  ? 4.766   -0.674  -1.772  1.00 6.86  ? 54  THR E C   1 
ATOM   230  O O   . THR A 1 33  ? 5.664   0.079   -1.324  1.00 7.87  ? 54  THR E O   1 
ATOM   231  C CB  . THR A 1 33  ? 3.839   -1.211  -4.135  1.00 5.18  ? 54  THR E CB  1 
ATOM   232  O OG1 . THR A 1 33  ? 2.919   -2.295  -3.721  1.00 6.14  ? 54  THR E OG1 1 
ATOM   233  C CG2 . THR A 1 33  ? 5.199   -1.741  -4.614  1.00 3.82  ? 54  THR E CG2 1 
ATOM   234  N N   . ALA A 1 34  ? 4.549   -1.899  -1.298  1.00 6.78  ? 55  ALA E N   1 
ATOM   235  C CA  . ALA A 1 34  ? 5.298   -2.485  -0.163  1.00 5.55  ? 55  ALA E CA  1 
ATOM   236  C C   . ALA A 1 34  ? 6.557   -3.171  -0.688  1.00 4.79  ? 55  ALA E C   1 
ATOM   237  O O   . ALA A 1 34  ? 6.550   -3.736  -1.773  1.00 5.18  ? 55  ALA E O   1 
ATOM   238  C CB  . ALA A 1 34  ? 4.441   -3.462  0.659   1.00 4.00  ? 55  ALA E CB  1 
ATOM   239  N N   . GLY A 1 35  ? 7.629   -3.045  0.098   1.00 5.29  ? 56  GLY E N   1 
ATOM   240  C CA  . GLY A 1 35  ? 8.925   -3.656  -0.220  1.00 6.18  ? 56  GLY E CA  1 
ATOM   241  C C   . GLY A 1 35  ? 8.862   -5.182  -0.207  1.00 7.54  ? 56  GLY E C   1 
ATOM   242  O O   . GLY A 1 35  ? 9.553   -5.822  -1.005  1.00 7.54  ? 56  GLY E O   1 
ATOM   243  N N   . HIS A 1 36  ? 8.022   -5.721  0.659   1.00 6.91  ? 57  HIS E N   1 
ATOM   244  C CA  . HIS A 1 36  ? 7.941   -7.192  0.759   1.00 8.06  ? 57  HIS E CA  1 
ATOM   245  C C   . HIS A 1 36  ? 7.401   -7.710  -0.559  1.00 9.57  ? 57  HIS E C   1 
ATOM   246  O O   . HIS A 1 36  ? 7.631   -8.922  -0.832  1.00 9.91  ? 57  HIS E O   1 
ATOM   247  C CB  . HIS A 1 36  ? 7.011   -7.531  1.956   1.00 9.86  ? 57  HIS E CB  1 
ATOM   248  C CG  . HIS A 1 36  ? 6.834   -9.027  2.057   1.00 12.93 ? 57  HIS E CG  1 
ATOM   249  N ND1 . HIS A 1 36  ? 5.590   -9.622  1.951   1.00 15.12 ? 57  HIS E ND1 1 
ATOM   250  C CD2 . HIS A 1 36  ? 7.743   -10.011 2.222   1.00 11.40 ? 57  HIS E CD2 1 
ATOM   251  C CE1 . HIS A 1 36  ? 5.723   -10.948 2.052   1.00 12.17 ? 57  HIS E CE1 1 
ATOM   252  N NE2 . HIS A 1 36  ? 7.003   -11.176 2.201   1.00 14.22 ? 57  HIS E NE2 1 
ATOM   253  N N   . CYS A 1 37  ? 6.679   -6.898  -1.350  1.00 8.16  ? 58  CYS E N   1 
ATOM   254  C CA  . CYS A 1 37  ? 6.097   -7.416  -2.586  1.00 7.75  ? 58  CYS E CA  1 
ATOM   255  C C   . CYS A 1 37  ? 7.108   -7.881  -3.639  1.00 9.35  ? 58  CYS E C   1 
ATOM   256  O O   . CYS A 1 37  ? 6.635   -8.766  -4.419  1.00 10.31 ? 58  CYS E O   1 
ATOM   257  C CB  . CYS A 1 37  ? 5.104   -6.432  -3.247  1.00 7.34  ? 58  CYS E CB  1 
ATOM   258  S SG  . CYS A 1 37  ? 3.712   -6.101  -2.084  1.00 9.99  ? 58  CYS E SG  1 
ATOM   259  N N   . GLY A 1 38  ? 8.273   -7.328  -3.787  1.00 10.02 ? 59  GLY E N   1 
ATOM   260  C CA  . GLY A 1 38  ? 9.183   -7.782  -4.852  1.00 11.31 ? 59  GLY E CA  1 
ATOM   261  C C   . GLY A 1 38  ? 10.611  -7.329  -4.642  1.00 12.29 ? 59  GLY E C   1 
ATOM   262  O O   . GLY A 1 38  ? 10.784  -6.449  -3.803  1.00 14.04 ? 59  GLY E O   1 
ATOM   263  N N   . THR A 1 39  ? 11.539  -7.905  -5.377  1.00 11.35 ? 62  THR E N   1 
ATOM   264  C CA  . THR A 1 39  ? 12.961  -7.436  -5.248  1.00 12.48 ? 62  THR E CA  1 
ATOM   265  C C   . THR A 1 39  ? 13.221  -6.568  -6.477  1.00 11.44 ? 62  THR E C   1 
ATOM   266  O O   . THR A 1 39  ? 12.434  -6.553  -7.466  1.00 10.87 ? 62  THR E O   1 
ATOM   267  C CB  . THR A 1 39  ? 13.826  -8.738  -5.300  1.00 14.73 ? 62  THR E CB  1 
ATOM   268  O OG1 . THR A 1 39  ? 13.264  -9.436  -6.477  1.00 15.31 ? 62  THR E OG1 1 
ATOM   269  C CG2 . THR A 1 39  ? 13.467  -9.489  -3.987  1.00 17.14 ? 62  THR E CG2 1 
ATOM   270  N N   . VAL A 1 40  ? 14.311  -5.825  -6.389  1.00 12.15 ? 63  VAL E N   1 
ATOM   271  C CA  . VAL A 1 40  ? 14.635  -4.913  -7.506  1.00 13.65 ? 63  VAL E CA  1 
ATOM   272  C C   . VAL A 1 40  ? 14.548  -5.713  -8.801  1.00 14.74 ? 63  VAL E C   1 
ATOM   273  O O   . VAL A 1 40  ? 14.982  -6.856  -8.763  1.00 16.14 ? 63  VAL E O   1 
ATOM   274  C CB  . VAL A 1 40  ? 16.031  -4.307  -7.281  1.00 15.08 ? 63  VAL E CB  1 
ATOM   275  C CG1 . VAL A 1 40  ? 16.324  -3.460  -8.527  1.00 16.20 ? 63  VAL E CG1 1 
ATOM   276  C CG2 . VAL A 1 40  ? 15.959  -3.385  -6.082  1.00 17.00 ? 63  VAL E CG2 1 
ATOM   277  N N   . ASN A 1 41  ? 14.045  -5.209  -9.871  1.00 14.17 ? 64  ASN E N   1 
ATOM   278  C CA  . ASN A 1 41  ? 13.921  -5.786  -11.164 1.00 15.76 ? 64  ASN E CA  1 
ATOM   279  C C   . ASN A 1 41  ? 12.831  -6.841  -11.258 1.00 14.50 ? 64  ASN E C   1 
ATOM   280  O O   . ASN A 1 41  ? 12.753  -7.268  -12.438 1.00 14.41 ? 64  ASN E O   1 
ATOM   281  C CB  . ASN A 1 41  ? 15.265  -6.252  -11.731 1.00 20.46 ? 64  ASN E CB  1 
ATOM   282  C CG  . ASN A 1 41  ? 16.224  -5.059  -11.830 1.00 23.71 ? 64  ASN E CG  1 
ATOM   283  O OD1 . ASN A 1 41  ? 17.371  -5.367  -11.426 1.00 29.10 ? 64  ASN E OD1 1 
ATOM   284  N ND2 . ASN A 1 41  ? 15.978  -3.843  -12.274 1.00 23.51 ? 64  ASN E ND2 1 
ATOM   285  N N   . ALA A 1 42  ? 12.103  -7.096  -10.207 1.00 11.73 ? 65  ALA E N   1 
ATOM   286  C CA  . ALA A 1 42  ? 11.023  -8.098  -10.405 1.00 11.37 ? 65  ALA E CA  1 
ATOM   287  C C   . ALA A 1 42  ? 10.007  -7.478  -11.375 1.00 12.18 ? 65  ALA E C   1 
ATOM   288  O O   . ALA A 1 42  ? 9.849   -6.219  -11.404 1.00 12.31 ? 65  ALA E O   1 
ATOM   289  C CB  . ALA A 1 42  ? 10.393  -8.415  -9.055  1.00 10.35 ? 65  ALA E CB  1 
ATOM   290  N N   . THR A 1 43  A 9.301   -8.279  -12.140 1.00 10.10 ? 65  THR E N   1 
ATOM   291  C CA  . THR A 1 43  A 8.310   -7.911  -13.118 1.00 10.52 ? 65  THR E CA  1 
ATOM   292  C C   . THR A 1 43  A 6.902   -7.778  -12.575 1.00 12.24 ? 65  THR E C   1 
ATOM   293  O O   . THR A 1 43  A 6.424   -8.779  -12.020 1.00 11.88 ? 65  THR E O   1 
ATOM   294  C CB  . THR A 1 43  A 8.320   -8.971  -14.322 1.00 12.08 ? 65  THR E CB  1 
ATOM   295  O OG1 . THR A 1 43  A 9.725   -8.893  -14.745 1.00 14.10 ? 65  THR E OG1 1 
ATOM   296  C CG2 . THR A 1 43  A 7.471   -8.536  -15.518 1.00 13.09 ? 65  THR E CG2 1 
ATOM   297  N N   . ALA A 1 44  ? 6.268   -6.628  -12.769 1.00 9.57  ? 66  ALA E N   1 
ATOM   298  C CA  . ALA A 1 44  ? 4.890   -6.454  -12.262 1.00 8.20  ? 66  ALA E CA  1 
ATOM   299  C C   . ALA A 1 44  ? 3.952   -6.562  -13.452 1.00 8.96  ? 66  ALA E C   1 
ATOM   300  O O   . ALA A 1 44  ? 4.300   -6.038  -14.548 1.00 10.19 ? 66  ALA E O   1 
ATOM   301  C CB  . ALA A 1 44  ? 4.811   -5.039  -11.661 1.00 8.70  ? 66  ALA E CB  1 
ATOM   302  N N   . ARG A 1 45  ? 2.827   -7.227  -13.263 1.00 9.75  ? 67  ARG E N   1 
ATOM   303  C CA  . ARG A 1 45  ? 1.857   -7.348  -14.366 1.00 10.85 ? 67  ARG E CA  1 
ATOM   304  C C   . ARG A 1 45  ? 0.503   -6.929  -13.833 1.00 10.59 ? 67  ARG E C   1 
ATOM   305  O O   . ARG A 1 45  ? 0.240   -7.216  -12.667 1.00 9.62  ? 67  ARG E O   1 
ATOM   306  C CB  . ARG A 1 45  ? 1.650   -8.828  -14.827 1.00 10.40 ? 67  ARG E CB  1 
ATOM   307  C CG  . ARG A 1 45  ? 2.888   -9.282  -15.620 1.00 11.75 ? 67  ARG E CG  1 
ATOM   308  C CD  . ARG A 1 45  ? 2.705   -10.742 -15.963 1.00 13.94 ? 67  ARG E CD  1 
ATOM   309  N NE  . ARG A 1 45  ? 3.836   -11.203 -16.749 1.00 15.38 ? 67  ARG E NE  1 
ATOM   310  C CZ  . ARG A 1 45  ? 5.044   -11.487 -16.263 1.00 16.97 ? 67  ARG E CZ  1 
ATOM   311  N NH1 . ARG A 1 45  ? 5.477   -11.484 -15.017 1.00 15.81 ? 67  ARG E NH1 1 
ATOM   312  N NH2 . ARG A 1 45  ? 5.980   -11.817 -17.180 1.00 19.59 ? 67  ARG E NH2 1 
ATOM   313  N N   . ILE A 1 46  ? -0.299  -6.365  -14.691 1.00 11.91 ? 80  ILE E N   1 
ATOM   314  C CA  . ILE A 1 46  ? -1.670  -5.997  -14.328 1.00 13.07 ? 80  ILE E CA  1 
ATOM   315  C C   . ILE A 1 46  ? -2.502  -6.604  -15.476 1.00 15.66 ? 80  ILE E C   1 
ATOM   316  O O   . ILE A 1 46  ? -2.215  -6.336  -16.664 1.00 15.32 ? 80  ILE E O   1 
ATOM   317  C CB  . ILE A 1 46  ? -1.965  -4.484  -14.103 1.00 11.12 ? 80  ILE E CB  1 
ATOM   318  C CG1 . ILE A 1 46  ? -1.202  -3.993  -12.874 1.00 11.16 ? 80  ILE E CG1 1 
ATOM   319  C CG2 . ILE A 1 46  ? -3.507  -4.292  -14.012 1.00 10.41 ? 80  ILE E CG2 1 
ATOM   320  C CD1 . ILE A 1 46  ? -1.104  -2.443  -12.704 1.00 11.34 ? 80  ILE E CD1 1 
ATOM   321  N N   . GLY A 1 47  ? -3.455  -7.409  -15.049 1.00 19.06 ? 81  GLY E N   1 
ATOM   322  C CA  . GLY A 1 47  ? -4.372  -8.106  -15.968 1.00 22.13 ? 81  GLY E CA  1 
ATOM   323  C C   . GLY A 1 47  ? -3.615  -8.883  -17.039 1.00 24.77 ? 81  GLY E C   1 
ATOM   324  O O   . GLY A 1 47  ? -3.925  -8.859  -18.264 1.00 27.64 ? 81  GLY E O   1 
ATOM   325  N N   . GLY A 1 48  ? -2.587  -9.557  -16.548 1.00 24.77 ? 82  GLY E N   1 
ATOM   326  C CA  . GLY A 1 48  ? -1.742  -10.347 -17.447 1.00 25.26 ? 82  GLY E CA  1 
ATOM   327  C C   . GLY A 1 48  ? -0.713  -9.616  -18.297 1.00 23.68 ? 82  GLY E C   1 
ATOM   328  O O   . GLY A 1 48  ? 0.078   -10.413 -18.831 1.00 25.53 ? 82  GLY E O   1 
ATOM   329  N N   . ALA A 1 49  ? -0.701  -8.298  -18.352 1.00 19.82 ? 83  ALA E N   1 
ATOM   330  C CA  . ALA A 1 49  ? 0.292   -7.578  -19.124 1.00 16.30 ? 83  ALA E CA  1 
ATOM   331  C C   . ALA A 1 49  ? 1.407   -6.973  -18.279 1.00 13.90 ? 83  ALA E C   1 
ATOM   332  O O   . ALA A 1 49  ? 1.094   -6.502  -17.180 1.00 12.32 ? 83  ALA E O   1 
ATOM   333  C CB  . ALA A 1 49  ? -0.491  -6.446  -19.803 1.00 16.25 ? 83  ALA E CB  1 
ATOM   334  N N   . VAL A 1 50  ? 2.621   -6.994  -18.798 1.00 12.66 ? 84  VAL E N   1 
ATOM   335  C CA  . VAL A 1 50  ? 3.764   -6.414  -18.108 1.00 12.64 ? 84  VAL E CA  1 
ATOM   336  C C   . VAL A 1 50  ? 3.562   -4.893  -18.060 1.00 13.68 ? 84  VAL E C   1 
ATOM   337  O O   . VAL A 1 50  ? 3.303   -4.323  -19.117 1.00 13.27 ? 84  VAL E O   1 
ATOM   338  C CB  . VAL A 1 50  ? 5.102   -6.745  -18.742 1.00 13.33 ? 84  VAL E CB  1 
ATOM   339  C CG1 . VAL A 1 50  ? 6.241   -5.985  -18.094 1.00 12.23 ? 84  VAL E CG1 1 
ATOM   340  C CG2 . VAL A 1 50  ? 5.240   -8.252  -18.621 1.00 14.11 ? 84  VAL E CG2 1 
ATOM   341  N N   . VAL A 1 51  ? 3.689   -4.304  -16.871 1.00 12.22 ? 85  VAL E N   1 
ATOM   342  C CA  . VAL A 1 51  ? 3.486   -2.848  -16.754 1.00 10.95 ? 85  VAL E CA  1 
ATOM   343  C C   . VAL A 1 51  ? 4.778   -2.165  -16.257 1.00 11.77 ? 85  VAL E C   1 
ATOM   344  O O   . VAL A 1 51  ? 4.828   -0.947  -16.478 1.00 11.51 ? 85  VAL E O   1 
ATOM   345  C CB  . VAL A 1 51  ? 2.284   -2.441  -15.879 1.00 10.81 ? 85  VAL E CB  1 
ATOM   346  C CG1 . VAL A 1 51  ? 0.931   -2.933  -16.410 1.00 10.97 ? 85  VAL E CG1 1 
ATOM   347  C CG2 . VAL A 1 51  ? 2.496   -2.905  -14.455 1.00 8.54  ? 85  VAL E CG2 1 
ATOM   348  N N   . GLY A 1 52  ? 5.691   -2.908  -15.672 1.00 10.72 ? 86  GLY E N   1 
ATOM   349  C CA  . GLY A 1 52  ? 6.924   -2.213  -15.235 1.00 9.62  ? 86  GLY E CA  1 
ATOM   350  C C   . GLY A 1 52  ? 7.735   -3.155  -14.392 1.00 10.11 ? 86  GLY E C   1 
ATOM   351  O O   . GLY A 1 52  ? 7.401   -4.328  -14.378 1.00 11.28 ? 86  GLY E O   1 
ATOM   352  N N   . THR A 1 53  ? 8.753   -2.677  -13.707 1.00 9.40  ? 87  THR E N   1 
ATOM   353  C CA  . THR A 1 53  ? 9.570   -3.504  -12.852 1.00 9.88  ? 87  THR E CA  1 
ATOM   354  C C   . THR A 1 53  ? 9.877   -2.736  -11.574 1.00 10.04 ? 87  THR E C   1 
ATOM   355  O O   . THR A 1 53  ? 9.807   -1.464  -11.575 1.00 9.51  ? 87  THR E O   1 
ATOM   356  C CB  . THR A 1 53  ? 10.872  -3.887  -13.660 1.00 13.62 ? 87  THR E CB  1 
ATOM   357  O OG1 . THR A 1 53  ? 11.504  -2.607  -13.986 1.00 17.21 ? 87  THR E OG1 1 
ATOM   358  C CG2 . THR A 1 53  ? 10.537  -4.645  -14.965 1.00 14.68 ? 87  THR E CG2 1 
ATOM   359  N N   . PHE A 1 54  ? 10.288  -3.470  -10.528 1.00 8.00  ? 88  PHE E N   1 
ATOM   360  C CA  . PHE A 1 54  ? 10.612  -2.897  -9.230  1.00 8.48  ? 88  PHE E CA  1 
ATOM   361  C C   . PHE A 1 54  ? 11.844  -1.995  -9.380  1.00 10.00 ? 88  PHE E C   1 
ATOM   362  O O   . PHE A 1 54  ? 12.814  -2.656  -9.779  1.00 10.32 ? 88  PHE E O   1 
ATOM   363  C CB  . PHE A 1 54  ? 10.791  -3.995  -8.166  1.00 7.96  ? 88  PHE E CB  1 
ATOM   364  C CG  . PHE A 1 54  ? 9.447   -4.331  -7.535  1.00 7.33  ? 88  PHE E CG  1 
ATOM   365  C CD1 . PHE A 1 54  ? 8.478   -4.986  -8.277  1.00 8.57  ? 88  PHE E CD1 1 
ATOM   366  C CD2 . PHE A 1 54  ? 9.193   -3.970  -6.195  1.00 7.86  ? 88  PHE E CD2 1 
ATOM   367  C CE1 . PHE A 1 54  ? 7.228   -5.269  -7.744  1.00 8.21  ? 88  PHE E CE1 1 
ATOM   368  C CE2 . PHE A 1 54  ? 7.949   -4.254  -5.632  1.00 8.61  ? 88  PHE E CE2 1 
ATOM   369  C CZ  . PHE A 1 54  ? 6.970   -4.904  -6.404  1.00 7.43  ? 88  PHE E CZ  1 
ATOM   370  N N   . ALA A 1 55  ? 11.778  -0.696  -9.102  1.00 8.49  ? 89  ALA E N   1 
ATOM   371  C CA  . ALA A 1 55  ? 13.001  0.103   -9.307  1.00 9.70  ? 89  ALA E CA  1 
ATOM   372  C C   . ALA A 1 55  ? 13.848  0.132   -8.055  1.00 10.16 ? 89  ALA E C   1 
ATOM   373  O O   . ALA A 1 55  ? 15.080  0.209   -8.134  1.00 9.55  ? 89  ALA E O   1 
ATOM   374  C CB  . ALA A 1 55  ? 12.593  1.532   -9.617  1.00 9.98  ? 89  ALA E CB  1 
ATOM   375  N N   . ALA A 1 56  ? 13.187  0.043   -6.893  1.00 9.67  ? 90  ALA E N   1 
ATOM   376  C CA  . ALA A 1 56  ? 13.930  0.070   -5.625  1.00 8.69  ? 90  ALA E CA  1 
ATOM   377  C C   . ALA A 1 56  ? 13.025  -0.472  -4.536  1.00 9.63  ? 90  ALA E C   1 
ATOM   378  O O   . ALA A 1 56  ? 11.801  -0.336  -4.741  1.00 10.19 ? 90  ALA E O   1 
ATOM   379  C CB  . ALA A 1 56  ? 14.240  1.544   -5.251  1.00 9.21  ? 90  ALA E CB  1 
ATOM   380  N N   . ARG A 1 57  ? 13.622  -0.991  -3.479  1.00 9.49  ? 91  ARG E N   1 
ATOM   381  C CA  . ARG A 1 57  ? 12.773  -1.440  -2.330  1.00 10.37 ? 91  ARG E CA  1 
ATOM   382  C C   . ARG A 1 57  ? 13.629  -1.543  -1.067  1.00 10.52 ? 91  ARG E C   1 
ATOM   383  O O   . ARG A 1 57  ? 14.865  -1.712  -1.160  1.00 10.71 ? 91  ARG E O   1 
ATOM   384  C CB  . ARG A 1 57  ? 12.097  -2.796  -2.568  1.00 12.34 ? 91  ARG E CB  1 
ATOM   385  C CG  . ARG A 1 57  ? 13.054  -3.922  -2.833  1.00 16.29 ? 91  ARG E CG  1 
ATOM   386  C CD  . ARG A 1 57  ? 13.628  -4.689  -1.670  1.00 18.36 ? 91  ARG E CD  1 
ATOM   387  N NE  . ARG A 1 57  ? 12.709  -5.777  -1.470  1.00 19.04 ? 91  ARG E NE  1 
ATOM   388  C CZ  . ARG A 1 57  ? 12.928  -6.965  -0.940  1.00 17.02 ? 91  ARG E CZ  1 
ATOM   389  N NH1 . ARG A 1 57  ? 14.142  -7.310  -0.628  1.00 20.16 ? 91  ARG E NH1 1 
ATOM   390  N NH2 . ARG A 1 57  ? 11.828  -7.689  -0.827  1.00 15.65 ? 91  ARG E NH2 1 
ATOM   391  N N   . VAL A 1 58  ? 12.981  -1.495  0.056   1.00 8.45  ? 93  VAL E N   1 
ATOM   392  C CA  . VAL A 1 58  ? 13.696  -1.729  1.330   1.00 8.56  ? 93  VAL E CA  1 
ATOM   393  C C   . VAL A 1 58  ? 12.777  -2.688  2.119   1.00 9.87  ? 93  VAL E C   1 
ATOM   394  O O   . VAL A 1 58  ? 11.594  -2.306  2.345   1.00 8.69  ? 93  VAL E O   1 
ATOM   395  C CB  . VAL A 1 58  ? 13.993  -0.506  2.180   1.00 9.90  ? 93  VAL E CB  1 
ATOM   396  C CG1 . VAL A 1 58  ? 14.827  -0.904  3.419   1.00 9.17  ? 93  VAL E CG1 1 
ATOM   397  C CG2 . VAL A 1 58  ? 14.680  0.643   1.460   1.00 9.78  ? 93  VAL E CG2 1 
ATOM   398  N N   . PHE A 1 59  ? 13.324  -3.847  2.502   1.00 9.50  ? 94  PHE E N   1 
ATOM   399  C CA  . PHE A 1 59  ? 12.492  -4.728  3.372   1.00 9.60  ? 94  PHE E CA  1 
ATOM   400  C C   . PHE A 1 59  ? 13.451  -5.817  3.855   1.00 10.10 ? 94  PHE E C   1 
ATOM   401  O O   . PHE A 1 59  ? 14.140  -6.269  2.950   1.00 10.08 ? 94  PHE E O   1 
ATOM   402  C CB  . PHE A 1 59  ? 11.331  -5.411  2.653   1.00 9.50  ? 94  PHE E CB  1 
ATOM   403  C CG  . PHE A 1 59  ? 10.582  -6.394  3.506   1.00 10.84 ? 94  PHE E CG  1 
ATOM   404  C CD1 . PHE A 1 59  ? 9.571   -5.982  4.371   1.00 8.84  ? 94  PHE E CD1 1 
ATOM   405  C CD2 . PHE A 1 59  ? 10.902  -7.767  3.442   1.00 9.15  ? 94  PHE E CD2 1 
ATOM   406  C CE1 . PHE A 1 59  ? 8.899   -6.925  5.206   1.00 8.91  ? 94  PHE E CE1 1 
ATOM   407  C CE2 . PHE A 1 59  ? 10.213  -8.672  4.237   1.00 10.30 ? 94  PHE E CE2 1 
ATOM   408  C CZ  . PHE A 1 59  ? 9.225   -8.281  5.102   1.00 8.90  ? 94  PHE E CZ  1 
ATOM   409  N N   . PRO A 1 60  A 13.419  -6.195  5.085   1.00 11.75 ? 99  PRO E N   1 
ATOM   410  C CA  . PRO A 1 60  A 12.673  -5.653  6.226   1.00 10.38 ? 99  PRO E CA  1 
ATOM   411  C C   . PRO A 1 60  A 13.383  -4.379  6.723   1.00 9.25  ? 99  PRO E C   1 
ATOM   412  O O   . PRO A 1 60  A 14.099  -3.797  5.881   1.00 10.25 ? 99  PRO E O   1 
ATOM   413  C CB  . PRO A 1 60  A 12.669  -6.864  7.228   1.00 9.01  ? 99  PRO E CB  1 
ATOM   414  C CG  . PRO A 1 60  A 14.071  -7.334  7.064   1.00 8.69  ? 99  PRO E CG  1 
ATOM   415  C CD  . PRO A 1 60  A 14.293  -7.306  5.545   1.00 10.75 ? 99  PRO E CD  1 
ATOM   416  N N   . GLY A 1 61  ? 13.270  -3.932  7.958   1.00 7.44  ? 100 GLY E N   1 
ATOM   417  C CA  . GLY A 1 61  ? 13.871  -2.613  8.364   1.00 8.52  ? 100 GLY E CA  1 
ATOM   418  C C   . GLY A 1 61  ? 12.730  -1.588  8.174   1.00 9.33  ? 100 GLY E C   1 
ATOM   419  O O   . GLY A 1 61  ? 12.095  -1.059  9.089   1.00 10.15 ? 100 GLY E O   1 
ATOM   420  N N   . ASN A 1 62  ? 12.450  -1.354  6.886   1.00 9.48  ? 101 ASN E N   1 
ATOM   421  C CA  . ASN A 1 62  ? 11.307  -0.508  6.419   1.00 9.24  ? 101 ASN E CA  1 
ATOM   422  C C   . ASN A 1 62  ? 10.488  -1.502  5.554   1.00 8.65  ? 101 ASN E C   1 
ATOM   423  O O   . ASN A 1 62  ? 10.881  -2.687  5.483   1.00 9.76  ? 101 ASN E O   1 
ATOM   424  C CB  . ASN A 1 62  ? 11.775  0.619   5.471   1.00 6.97  ? 101 ASN E CB  1 
ATOM   425  C CG  . ASN A 1 62  ? 12.741  1.513   6.218   1.00 10.36 ? 101 ASN E CG  1 
ATOM   426  O OD1 . ASN A 1 62  ? 12.572  2.131   7.316   1.00 13.81 ? 101 ASN E OD1 1 
ATOM   427  N ND2 . ASN A 1 62  ? 13.882  1.738   5.611   1.00 9.22  ? 101 ASN E ND2 1 
ATOM   428  N N   . ASP A 1 63  ? 9.478   -0.999  4.889   1.00 9.39  ? 102 ASP E N   1 
ATOM   429  C CA  . ASP A 1 63  ? 8.695   -1.891  4.035   1.00 7.65  ? 102 ASP E CA  1 
ATOM   430  C C   . ASP A 1 63  ? 8.184   -0.989  2.898   1.00 7.57  ? 102 ASP E C   1 
ATOM   431  O O   . ASP A 1 63  ? 7.024   -0.624  3.005   1.00 7.87  ? 102 ASP E O   1 
ATOM   432  C CB  . ASP A 1 63  ? 7.581   -2.582  4.794   1.00 6.15  ? 102 ASP E CB  1 
ATOM   433  C CG  . ASP A 1 63  ? 6.898   -3.664  3.975   1.00 8.07  ? 102 ASP E CG  1 
ATOM   434  O OD1 . ASP A 1 63  ? 7.380   -3.895  2.810   1.00 7.24  ? 102 ASP E OD1 1 
ATOM   435  O OD2 . ASP A 1 63  ? 5.901   -4.319  4.369   1.00 7.41  ? 102 ASP E OD2 1 
ATOM   436  N N   . ARG A 1 64  ? 9.024   -0.684  1.927   1.00 7.49  ? 103 ARG E N   1 
ATOM   437  C CA  . ARG A 1 64  ? 8.609   0.225   0.851   1.00 7.82  ? 103 ARG E CA  1 
ATOM   438  C C   . ARG A 1 64  ? 9.278   -0.183  -0.478  1.00 8.51  ? 103 ARG E C   1 
ATOM   439  O O   . ARG A 1 64  ? 10.365  -0.801  -0.504  1.00 9.62  ? 103 ARG E O   1 
ATOM   440  C CB  . ARG A 1 64  ? 9.093   1.681   1.175   1.00 6.51  ? 103 ARG E CB  1 
ATOM   441  C CG  . ARG A 1 64  ? 10.612  1.688   1.484   1.00 7.25  ? 103 ARG E CG  1 
ATOM   442  C CD  . ARG A 1 64  ? 11.080  2.991   2.069   1.00 8.07  ? 103 ARG E CD  1 
ATOM   443  N NE  . ARG A 1 64  ? 10.579  3.233   3.423   1.00 7.50  ? 103 ARG E NE  1 
ATOM   444  C CZ  . ARG A 1 64  ? 11.005  4.189   4.225   1.00 9.62  ? 103 ARG E CZ  1 
ATOM   445  N NH1 . ARG A 1 64  ? 11.968  5.088   3.898   1.00 8.21  ? 103 ARG E NH1 1 
ATOM   446  N NH2 . ARG A 1 64  ? 10.435  4.314   5.420   1.00 8.61  ? 103 ARG E NH2 1 
ATOM   447  N N   . ALA A 1 65  ? 8.611   0.286   -1.513  1.00 7.47  ? 104 ALA E N   1 
ATOM   448  C CA  . ALA A 1 65  ? 9.183   0.117   -2.872  1.00 6.36  ? 104 ALA E CA  1 
ATOM   449  C C   . ALA A 1 65  ? 8.451   1.023   -3.854  1.00 5.94  ? 104 ALA E C   1 
ATOM   450  O O   . ALA A 1 65  ? 7.389   1.557   -3.541  1.00 6.70  ? 104 ALA E O   1 
ATOM   451  C CB  . ALA A 1 65  ? 8.935   -1.355  -3.315  1.00 4.73  ? 104 ALA E CB  1 
ATOM   452  N N   . TRP A 1 66  ? 9.021   1.171   -5.032  1.00 5.99  ? 105 TRP E N   1 
ATOM   453  C CA  . TRP A 1 66  ? 8.326   1.875   -6.143  1.00 8.18  ? 105 TRP E CA  1 
ATOM   454  C C   . TRP A 1 66  ? 8.632   1.026   -7.385  1.00 8.54  ? 105 TRP E C   1 
ATOM   455  O O   . TRP A 1 66  ? 9.749   0.446   -7.548  1.00 9.42  ? 105 TRP E O   1 
ATOM   456  C CB  . TRP A 1 66  ? 8.660   3.348   -6.228  1.00 8.33  ? 105 TRP E CB  1 
ATOM   457  C CG  . TRP A 1 66  ? 9.970   3.775   -6.838  1.00 9.09  ? 105 TRP E CG  1 
ATOM   458  C CD1 . TRP A 1 66  ? 11.199  3.856   -6.269  1.00 8.54  ? 105 TRP E CD1 1 
ATOM   459  C CD2 . TRP A 1 66  ? 10.128  4.316   -8.172  1.00 9.14  ? 105 TRP E CD2 1 
ATOM   460  N NE1 . TRP A 1 66  ? 12.112  4.342   -7.152  1.00 9.16  ? 105 TRP E NE1 1 
ATOM   461  C CE2 . TRP A 1 66  ? 11.470  4.643   -8.322  1.00 9.04  ? 105 TRP E CE2 1 
ATOM   462  C CE3 . TRP A 1 66  ? 9.210   4.568   -9.188  1.00 10.42 ? 105 TRP E CE3 1 
ATOM   463  C CZ2 . TRP A 1 66  ? 11.994  5.143   -9.496  1.00 10.85 ? 105 TRP E CZ2 1 
ATOM   464  C CZ3 . TRP A 1 66  ? 9.720   5.054   -10.381 1.00 10.34 ? 105 TRP E CZ3 1 
ATOM   465  C CH2 . TRP A 1 66  ? 11.064  5.335   -10.520 1.00 11.31 ? 105 TRP E CH2 1 
ATOM   466  N N   . VAL A 1 67  ? 7.672   0.991   -8.277  1.00 8.44  ? 106 VAL E N   1 
ATOM   467  C CA  . VAL A 1 67  ? 7.785   0.225   -9.536  1.00 8.25  ? 106 VAL E CA  1 
ATOM   468  C C   . VAL A 1 67  ? 7.843   1.261   -10.669 1.00 8.88  ? 106 VAL E C   1 
ATOM   469  O O   . VAL A 1 67  ? 6.885   2.106   -10.666 1.00 7.97  ? 106 VAL E O   1 
ATOM   470  C CB  . VAL A 1 67  ? 6.473   -0.597  -9.637  1.00 7.48  ? 106 VAL E CB  1 
ATOM   471  C CG1 . VAL A 1 67  ? 6.319   -1.399  -10.929 1.00 6.82  ? 106 VAL E CG1 1 
ATOM   472  C CG2 . VAL A 1 67  ? 6.454   -1.607  -8.501  1.00 9.73  ? 106 VAL E CG2 1 
ATOM   473  N N   . SER A 1 68  ? 8.824   1.203   -11.544 1.00 8.55  ? 107 SER E N   1 
ATOM   474  C CA  . SER A 1 68  ? 8.823   2.184   -12.638 1.00 10.73 ? 107 SER E CA  1 
ATOM   475  C C   . SER A 1 68  ? 8.007   1.527   -13.763 1.00 11.39 ? 107 SER E C   1 
ATOM   476  O O   . SER A 1 68  ? 8.225   0.318   -14.036 1.00 11.21 ? 107 SER E O   1 
ATOM   477  C CB  . SER A 1 68  ? 10.145  2.758   -13.172 1.00 14.55 ? 107 SER E CB  1 
ATOM   478  O OG  . SER A 1 68  ? 10.845  1.562   -13.222 1.00 20.33 ? 107 SER E OG  1 
ATOM   479  N N   . LEU A 1 69  ? 7.061   2.325   -14.307 1.00 9.31  ? 108 LEU E N   1 
ATOM   480  C CA  . LEU A 1 69  ? 6.171   1.765   -15.336 1.00 8.92  ? 108 LEU E CA  1 
ATOM   481  C C   . LEU A 1 69  ? 6.575   2.147   -16.763 1.00 11.06 ? 108 LEU E C   1 
ATOM   482  O O   . LEU A 1 69  ? 7.350   3.103   -16.918 1.00 10.81 ? 108 LEU E O   1 
ATOM   483  C CB  . LEU A 1 69  ? 4.828   2.464   -14.987 1.00 9.90  ? 108 LEU E CB  1 
ATOM   484  C CG  . LEU A 1 69  ? 4.231   2.069   -13.645 1.00 10.78 ? 108 LEU E CG  1 
ATOM   485  C CD1 . LEU A 1 69  ? 2.955   2.841   -13.339 1.00 9.26  ? 108 LEU E CD1 1 
ATOM   486  C CD2 . LEU A 1 69  ? 3.846   0.587   -13.692 1.00 9.76  ? 108 LEU E CD2 1 
ATOM   487  N N   . THR A 1 70  ? 6.014   1.445   -17.728 1.00 11.88 ? 109 THR E N   1 
ATOM   488  C CA  . THR A 1 70  ? 6.307   1.839   -19.138 1.00 14.55 ? 109 THR E CA  1 
ATOM   489  C C   . THR A 1 70  ? 5.487   3.098   -19.404 1.00 16.11 ? 109 THR E C   1 
ATOM   490  O O   . THR A 1 70  ? 4.493   3.397   -18.712 1.00 14.77 ? 109 THR E O   1 
ATOM   491  C CB  . THR A 1 70  ? 6.029   0.645   -20.104 1.00 14.90 ? 109 THR E CB  1 
ATOM   492  O OG1 . THR A 1 70  ? 4.606   0.374   -20.044 1.00 16.23 ? 109 THR E OG1 1 
ATOM   493  C CG2 . THR A 1 70  ? 6.946   -0.505  -19.655 1.00 16.99 ? 109 THR E CG2 1 
ATOM   494  N N   . SER A 1 71  ? 5.875   3.815   -20.458 1.00 17.63 ? 110 SER E N   1 
ATOM   495  C CA  . SER A 1 71  ? 5.186   5.096   -20.739 1.00 19.92 ? 110 SER E CA  1 
ATOM   496  C C   . SER A 1 71  ? 3.782   4.813   -21.200 1.00 18.12 ? 110 SER E C   1 
ATOM   497  O O   . SER A 1 71  ? 3.045   5.819   -21.160 1.00 19.80 ? 110 SER E O   1 
ATOM   498  C CB  . SER A 1 71  ? 6.012   5.852   -21.773 1.00 24.17 ? 110 SER E CB  1 
ATOM   499  O OG  . SER A 1 71  ? 5.840   4.930   -22.883 1.00 31.54 ? 110 SER E OG  1 
ATOM   500  N N   . ALA A 1 72  ? 3.442   3.595   -21.524 1.00 17.10 ? 111 ALA E N   1 
ATOM   501  C CA  . ALA A 1 72  ? 2.040   3.407   -21.975 1.00 17.21 ? 111 ALA E CA  1 
ATOM   502  C C   . ALA A 1 72  ? 1.012   3.398   -20.837 1.00 16.95 ? 111 ALA E C   1 
ATOM   503  O O   . ALA A 1 72  ? -0.178  3.493   -21.114 1.00 16.93 ? 111 ALA E O   1 
ATOM   504  C CB  . ALA A 1 72  ? 2.022   2.059   -22.620 1.00 17.72 ? 111 ALA E CB  1 
ATOM   505  N N   . GLN A 1 73  ? 1.468   3.261   -19.603 1.00 15.60 ? 112 GLN E N   1 
ATOM   506  C CA  . GLN A 1 73  ? 0.531   3.244   -18.433 1.00 12.76 ? 112 GLN E CA  1 
ATOM   507  C C   . GLN A 1 73  ? -0.081  4.629   -18.208 1.00 11.43 ? 112 GLN E C   1 
ATOM   508  O O   . GLN A 1 73  ? 0.556   5.685   -18.488 1.00 12.00 ? 112 GLN E O   1 
ATOM   509  C CB  . GLN A 1 73  ? 1.282   2.767   -17.160 1.00 11.67 ? 112 GLN E CB  1 
ATOM   510  C CG  . GLN A 1 73  ? 2.082   1.478   -17.393 1.00 11.95 ? 112 GLN E CG  1 
ATOM   511  C CD  . GLN A 1 73  ? 1.236   0.421   -18.041 1.00 12.40 ? 112 GLN E CD  1 
ATOM   512  O OE1 . GLN A 1 73  ? 0.063   0.115   -17.845 1.00 13.09 ? 112 GLN E OE1 1 
ATOM   513  N NE2 . GLN A 1 73  ? 1.872   -0.291  -18.967 1.00 11.68 ? 112 GLN E NE2 1 
ATOM   514  N N   . THR A 1 74  ? -1.273  4.619   -17.681 1.00 10.00 ? 113 THR E N   1 
ATOM   515  C CA  . THR A 1 74  ? -1.976  5.903   -17.363 1.00 9.62  ? 113 THR E CA  1 
ATOM   516  C C   . THR A 1 74  ? -2.024  6.044   -15.835 1.00 8.53  ? 113 THR E C   1 
ATOM   517  O O   . THR A 1 74  ? -2.739  5.196   -15.237 1.00 8.29  ? 113 THR E O   1 
ATOM   518  C CB  . THR A 1 74  ? -3.472  5.850   -17.826 1.00 11.55 ? 113 THR E CB  1 
ATOM   519  O OG1 . THR A 1 74  ? -3.257  5.593   -19.241 1.00 14.82 ? 113 THR E OG1 1 
ATOM   520  C CG2 . THR A 1 74  ? -4.224  7.146   -17.621 1.00 11.67 ? 113 THR E CG2 1 
ATOM   521  N N   . LEU A 1 75  ? -1.389  7.097   -15.358 1.00 7.30  ? 114 LEU E N   1 
ATOM   522  C CA  . LEU A 1 75  ? -1.417  7.268   -13.886 1.00 6.82  ? 114 LEU E CA  1 
ATOM   523  C C   . LEU A 1 75  ? -2.658  8.015   -13.491 1.00 6.99  ? 114 LEU E C   1 
ATOM   524  O O   . LEU A 1 75  ? -2.929  9.006   -14.217 1.00 9.29  ? 114 LEU E O   1 
ATOM   525  C CB  . LEU A 1 75  ? -0.194  8.122   -13.467 1.00 7.93  ? 114 LEU E CB  1 
ATOM   526  C CG  . LEU A 1 75  ? 1.181   7.531   -13.774 1.00 9.98  ? 114 LEU E CG  1 
ATOM   527  C CD1 . LEU A 1 75  ? 2.190   8.487   -13.154 1.00 10.88 ? 114 LEU E CD1 1 
ATOM   528  C CD2 . LEU A 1 75  ? 1.333   6.150   -13.216 1.00 9.05  ? 114 LEU E CD2 1 
ATOM   529  N N   . LEU A 1 76  ? -3.345  7.692   -12.474 1.00 6.68  ? 115 LEU E N   1 
ATOM   530  C CA  . LEU A 1 76  ? -4.543  8.439   -12.047 1.00 6.10  ? 115 LEU E CA  1 
ATOM   531  C C   . LEU A 1 76  ? -4.395  8.764   -10.554 1.00 6.51  ? 115 LEU E C   1 
ATOM   532  O O   . LEU A 1 76  ? -3.873  7.950   -9.781  1.00 5.61  ? 115 LEU E O   1 
ATOM   533  C CB  . LEU A 1 76  ? -5.765  7.547   -12.330 1.00 7.13  ? 115 LEU E CB  1 
ATOM   534  C CG  . LEU A 1 76  ? -5.919  7.222   -13.828 1.00 7.26  ? 115 LEU E CG  1 
ATOM   535  C CD1 . LEU A 1 76  ? -7.053  6.199   -13.972 1.00 7.94  ? 115 LEU E CD1 1 
ATOM   536  C CD2 . LEU A 1 76  ? -6.342  8.449   -14.592 1.00 7.94  ? 115 LEU E CD2 1 
ATOM   537  N N   . PRO A 1 77  ? -4.921  9.911   -10.194 1.00 6.39  ? 116 PRO E N   1 
ATOM   538  C CA  . PRO A 1 77  ? -4.870  10.417  -8.796  1.00 5.74  ? 116 PRO E CA  1 
ATOM   539  C C   . PRO A 1 77  ? -6.071  9.857   -8.045  1.00 7.07  ? 116 PRO E C   1 
ATOM   540  O O   . PRO A 1 77  ? -6.848  10.645  -7.457  1.00 7.94  ? 116 PRO E O   1 
ATOM   541  C CB  . PRO A 1 77  ? -4.946  11.935  -8.982  1.00 5.16  ? 116 PRO E CB  1 
ATOM   542  C CG  . PRO A 1 77  ? -5.920  12.036  -10.167 1.00 8.50  ? 116 PRO E CG  1 
ATOM   543  C CD  . PRO A 1 77  ? -5.578  10.852  -11.123 1.00 7.26  ? 116 PRO E CD  1 
ATOM   544  N N   . ARG A 1 78  ? -6.243  8.519   -8.071  1.00 6.41  ? 117 ARG E N   1 
ATOM   545  C CA  . ARG A 1 78  ? -7.433  7.925   -7.426  1.00 7.18  ? 117 ARG E CA  1 
ATOM   546  C C   . ARG A 1 78  ? -7.121  6.612   -6.693  1.00 6.72  ? 117 ARG E C   1 
ATOM   547  O O   . ARG A 1 78  ? -6.141  5.930   -7.004  1.00 6.74  ? 117 ARG E O   1 
ATOM   548  C CB  . ARG A 1 78  ? -8.520  7.541   -8.456  1.00 8.59  ? 117 ARG E CB  1 
ATOM   549  C CG  . ARG A 1 78  ? -8.754  8.588   -9.523  1.00 11.45 ? 117 ARG E CG  1 
ATOM   550  C CD  . ARG A 1 78  ? -10.123 8.576   -10.128 1.00 12.28 ? 117 ARG E CD  1 
ATOM   551  N NE  . ARG A 1 78  ? -10.053 9.500   -11.269 1.00 14.01 ? 117 ARG E NE  1 
ATOM   552  C CZ  . ARG A 1 78  ? -10.071 10.832  -11.265 1.00 13.43 ? 117 ARG E CZ  1 
ATOM   553  N NH1 . ARG A 1 78  ? -10.282 11.491  -10.141 1.00 16.68 ? 117 ARG E NH1 1 
ATOM   554  N NH2 . ARG A 1 78  ? -9.894  11.560  -12.363 1.00 14.51 ? 117 ARG E NH2 1 
ATOM   555  N N   . VAL A 1 79  ? -8.010  6.323   -5.750  1.00 7.23  ? 118 VAL E N   1 
ATOM   556  C CA  . VAL A 1 79  ? -7.882  5.042   -4.972  1.00 5.71  ? 118 VAL E CA  1 
ATOM   557  C C   . VAL A 1 79  ? -9.261  4.393   -5.155  1.00 7.03  ? 118 VAL E C   1 
ATOM   558  O O   . VAL A 1 79  ? -10.274 5.095   -5.046  1.00 7.51  ? 118 VAL E O   1 
ATOM   559  C CB  . VAL A 1 79  ? -7.536  5.349   -3.519  1.00 5.74  ? 118 VAL E CB  1 
ATOM   560  C CG1 . VAL A 1 79  ? -7.721  4.126   -2.653  1.00 5.65  ? 118 VAL E CG1 1 
ATOM   561  C CG2 . VAL A 1 79  ? -6.090  5.853   -3.443  1.00 4.94  ? 118 VAL E CG2 1 
ATOM   562  N N   . ALA A 1 80  ? -9.241  3.093   -5.407  1.00 7.49  ? 119 ALA E N   1 
ATOM   563  C CA  . ALA A 1 80  ? -10.510 2.346   -5.577  1.00 7.78  ? 119 ALA E CA  1 
ATOM   564  C C   . ALA A 1 80  ? -11.286 2.188   -4.290  1.00 8.21  ? 119 ALA E C   1 
ATOM   565  O O   . ALA A 1 80  ? -10.771 1.809   -3.220  1.00 6.56  ? 119 ALA E O   1 
ATOM   566  C CB  . ALA A 1 80  ? -10.167 0.933   -6.187  1.00 6.78  ? 119 ALA E CB  1 
ATOM   567  N N   . ASN A 1 81  ? -12.603 2.400   -4.360  1.00 8.59  ? 120 ASN E N   1 
ATOM   568  C CA  . ASN A 1 81  ? -13.544 2.197   -3.258  1.00 8.88  ? 120 ASN E CA  1 
ATOM   569  C C   . ASN A 1 81  ? -14.710 1.471   -3.949  1.00 9.65  ? 120 ASN E C   1 
ATOM   570  O O   . ASN A 1 81  ? -15.671 2.153   -4.408  1.00 8.91  ? 120 ASN E O   1 
ATOM   571  C CB  . ASN A 1 81  ? -13.922 3.515   -2.595  1.00 10.31 ? 120 ASN E CB  1 
ATOM   572  C CG  . ASN A 1 81  ? -15.155 3.280   -1.742  1.00 12.00 ? 120 ASN E CG  1 
ATOM   573  O OD1 . ASN A 1 81  ? -15.523 2.145   -1.391  1.00 12.83 ? 120 ASN E OD1 1 
ATOM   574  N ND2 . ASN A 1 81  ? -15.823 4.361   -1.366  1.00 14.74 ? 120 ASN E ND2 1 
ATOM   575  N N   . GLY A 1 82  B -14.606 0.146   -4.033  1.00 8.76  ? 120 GLY E N   1 
ATOM   576  C CA  . GLY A 1 82  B -15.709 -0.564  -4.778  1.00 11.11 ? 120 GLY E CA  1 
ATOM   577  C C   . GLY A 1 82  B -15.595 -0.061  -6.266  1.00 12.85 ? 120 GLY E C   1 
ATOM   578  O O   . GLY A 1 82  B -14.529 -0.090  -6.923  1.00 13.01 ? 120 GLY E O   1 
ATOM   579  N N   A SER A 1 83  C -16.726 0.377   -6.766  0.50 13.15 ? 120 SER E N   1 
ATOM   580  N N   B SER A 1 83  C -16.722 0.403   -6.765  0.50 12.48 ? 120 SER E N   1 
ATOM   581  C CA  A SER A 1 83  C -16.868 0.873   -8.131  0.50 15.74 ? 120 SER E CA  1 
ATOM   582  C CA  B SER A 1 83  C -16.885 0.926   -8.113  0.50 14.55 ? 120 SER E CA  1 
ATOM   583  C C   A SER A 1 83  C -16.606 2.371   -8.159  0.50 16.88 ? 120 SER E C   1 
ATOM   584  C C   B SER A 1 83  C -16.716 2.444   -8.123  0.50 15.75 ? 120 SER E C   1 
ATOM   585  O O   A SER A 1 83  C -16.524 2.930   -9.269  0.50 20.84 ? 120 SER E O   1 
ATOM   586  O O   B SER A 1 83  C -16.893 3.044   -9.213  0.50 19.87 ? 120 SER E O   1 
ATOM   587  C CB  A SER A 1 83  C -18.240 0.583   -8.747  0.50 16.51 ? 120 SER E CB  1 
ATOM   588  C CB  B SER A 1 83  C -18.212 0.647   -8.820  0.50 14.81 ? 120 SER E CB  1 
ATOM   589  O OG  A SER A 1 83  C -18.550 -0.809  -8.650  0.50 16.75 ? 120 SER E OG  1 
ATOM   590  O OG  B SER A 1 83  C -19.348 1.074   -8.096  0.50 13.97 ? 120 SER E OG  1 
ATOM   591  N N   A SER A 1 84  D -16.467 2.991   -7.009  0.50 15.05 ? 120 SER E N   1 
ATOM   592  N N   B SER A 1 84  D -16.417 3.034   -6.985  0.50 13.58 ? 120 SER E N   1 
ATOM   593  C CA  A SER A 1 84  D -16.232 4.428   -6.880  0.50 13.51 ? 120 SER E CA  1 
ATOM   594  C CA  B SER A 1 84  D -16.234 4.492   -6.922  0.50 11.87 ? 120 SER E CA  1 
ATOM   595  C C   A SER A 1 84  D -14.753 4.728   -6.690  0.50 12.82 ? 120 SER E C   1 
ATOM   596  C C   B SER A 1 84  D -14.753 4.740   -6.698  0.50 11.87 ? 120 SER E C   1 
ATOM   597  O O   A SER A 1 84  D -13.972 3.751   -6.675  0.50 11.81 ? 120 SER E O   1 
ATOM   598  O O   B SER A 1 84  D -13.984 3.754   -6.681  0.50 10.94 ? 120 SER E O   1 
ATOM   599  C CB  A SER A 1 84  D -16.938 4.776   -5.558  0.50 15.19 ? 120 SER E CB  1 
ATOM   600  C CB  B SER A 1 84  D -17.117 5.003   -5.801  0.50 12.98 ? 120 SER E CB  1 
ATOM   601  O OG  A SER A 1 84  D -17.317 6.126   -5.612  0.50 19.09 ? 120 SER E OG  1 
ATOM   602  O OG  B SER A 1 84  D -18.458 4.816   -6.242  0.50 14.92 ? 120 SER E OG  1 
ATOM   603  N N   . PHE A 1 85  ? -14.440 6.007   -6.535  1.00 10.81 ? 121 PHE E N   1 
ATOM   604  C CA  . PHE A 1 85  ? -13.002 6.369   -6.336  1.00 11.63 ? 121 PHE E CA  1 
ATOM   605  C C   . PHE A 1 85  ? -12.870 7.462   -5.279  1.00 12.48 ? 121 PHE E C   1 
ATOM   606  O O   . PHE A 1 85  ? -13.841 8.218   -5.098  1.00 12.39 ? 121 PHE E O   1 
ATOM   607  C CB  . PHE A 1 85  ? -12.503 7.023   -7.641  1.00 11.70 ? 121 PHE E CB  1 
ATOM   608  C CG  . PHE A 1 85  ? -12.674 6.113   -8.808  1.00 10.89 ? 121 PHE E CG  1 
ATOM   609  C CD1 . PHE A 1 85  ? -11.730 5.106   -9.037  1.00 9.90  ? 121 PHE E CD1 1 
ATOM   610  C CD2 . PHE A 1 85  ? -13.806 6.263   -9.642  1.00 12.21 ? 121 PHE E CD2 1 
ATOM   611  C CE1 . PHE A 1 85  ? -11.882 4.251   -10.127 1.00 11.23 ? 121 PHE E CE1 1 
ATOM   612  C CE2 . PHE A 1 85  ? -13.959 5.398   -10.731 1.00 11.13 ? 121 PHE E CE2 1 
ATOM   613  C CZ  . PHE A 1 85  ? -13.027 4.385   -10.958 1.00 11.68 ? 121 PHE E CZ  1 
ATOM   614  N N   . VAL A 1 86  ? -11.733 7.525   -4.631  1.00 10.87 ? 122 VAL E N   1 
ATOM   615  C CA  . VAL A 1 86  ? -11.382 8.583   -3.694  1.00 9.93  ? 122 VAL E CA  1 
ATOM   616  C C   . VAL A 1 86  ? -10.254 9.351   -4.436  1.00 9.28  ? 122 VAL E C   1 
ATOM   617  O O   . VAL A 1 86  ? -9.293  8.722   -4.866  1.00 8.08  ? 122 VAL E O   1 
ATOM   618  C CB  . VAL A 1 86  ? -10.863 8.067   -2.350  1.00 11.27 ? 122 VAL E CB  1 
ATOM   619  C CG1 . VAL A 1 86  ? -10.446 9.215   -1.450  1.00 11.38 ? 122 VAL E CG1 1 
ATOM   620  C CG2 . VAL A 1 86  ? -11.924 7.229   -1.657  1.00 10.94 ? 122 VAL E CG2 1 
ATOM   621  N N   . THR A 1 87  ? -10.395 10.673  -4.538  1.00 8.83  ? 123 THR E N   1 
ATOM   622  C CA  . THR A 1 87  ? -9.389  11.483  -5.216  1.00 7.43  ? 123 THR E CA  1 
ATOM   623  C C   . THR A 1 87  ? -8.225  11.763  -4.290  1.00 6.71  ? 123 THR E C   1 
ATOM   624  O O   . THR A 1 87  ? -8.462  12.183  -3.172  1.00 7.02  ? 123 THR E O   1 
ATOM   625  C CB  . THR A 1 87  ? -9.971  12.893  -5.630  1.00 9.07  ? 123 THR E CB  1 
ATOM   626  O OG1 . THR A 1 87  ? -11.124 12.514  -6.433  1.00 9.04  ? 123 THR E OG1 1 
ATOM   627  C CG2 . THR A 1 87  ? -8.950  13.727  -6.454  1.00 7.55  ? 123 THR E CG2 1 
ATOM   628  N N   . VAL A 1 88  ? -7.022  11.565  -4.781  1.00 5.60  ? 124 VAL E N   1 
ATOM   629  C CA  . VAL A 1 88  ? -5.805  11.842  -3.969  1.00 6.02  ? 124 VAL E CA  1 
ATOM   630  C C   . VAL A 1 88  ? -5.507  13.356  -4.048  1.00 7.32  ? 124 VAL E C   1 
ATOM   631  O O   . VAL A 1 88  ? -5.382  13.886  -5.171  1.00 7.34  ? 124 VAL E O   1 
ATOM   632  C CB  . VAL A 1 88  ? -4.672  10.975  -4.526  1.00 5.20  ? 124 VAL E CB  1 
ATOM   633  C CG1 . VAL A 1 88  ? -3.390  11.281  -3.676  1.00 3.53  ? 124 VAL E CG1 1 
ATOM   634  C CG2 . VAL A 1 88  ? -5.058  9.495   -4.477  1.00 4.28  ? 124 VAL E CG2 1 
ATOM   635  N N   . ARG A 1 89  ? -5.353  14.005  -2.919  1.00 6.75  ? 125 ARG E N   1 
ATOM   636  C CA  . ARG A 1 89  ? -5.130  15.445  -2.859  1.00 8.27  ? 125 ARG E CA  1 
ATOM   637  C C   . ARG A 1 89  ? -3.803  15.824  -2.273  1.00 9.71  ? 125 ARG E C   1 
ATOM   638  O O   . ARG A 1 89  ? -3.399  16.981  -2.480  1.00 10.85 ? 125 ARG E O   1 
ATOM   639  C CB  . ARG A 1 89  ? -6.250  16.091  -2.011  1.00 9.25  ? 125 ARG E CB  1 
ATOM   640  C CG  . ARG A 1 89  ? -7.569  16.125  -2.854  1.00 11.71 ? 125 ARG E CG  1 
ATOM   641  C CD  . ARG A 1 89  ? -7.652  17.416  -3.622  1.00 12.99 ? 125 ARG E CD  1 
ATOM   642  N NE  . ARG A 1 89  ? -8.726  17.458  -4.620  1.00 11.67 ? 125 ARG E NE  1 
ATOM   643  C CZ  . ARG A 1 89  ? -10.028 17.517  -4.359  1.00 11.60 ? 125 ARG E CZ  1 
ATOM   644  N NH1 . ARG A 1 89  ? -10.443 17.547  -3.091  1.00 10.30 ? 125 ARG E NH1 1 
ATOM   645  N NH2 . ARG A 1 89  ? -10.865 17.521  -5.393  1.00 9.47  ? 125 ARG E NH2 1 
ATOM   646  N N   . GLY A 1 90  ? -3.095  14.909  -1.620  1.00 7.17  ? 126 GLY E N   1 
ATOM   647  C CA  . GLY A 1 90  ? -1.777  15.303  -1.039  1.00 7.69  ? 126 GLY E CA  1 
ATOM   648  C C   . GLY A 1 90  ? -1.406  14.174  -0.052  1.00 9.79  ? 126 GLY E C   1 
ATOM   649  O O   . GLY A 1 90  ? -2.064  13.112  -0.069  1.00 8.59  ? 126 GLY E O   1 
ATOM   650  N N   . SER A 1 91  ? -0.437  14.534  0.796   1.00 9.66  ? 127 SER E N   1 
ATOM   651  C CA  . SER A 1 91  ? 0.036   13.550  1.787   1.00 9.03  ? 127 SER E CA  1 
ATOM   652  C C   . SER A 1 91  ? 0.211   14.093  3.186   1.00 10.59 ? 127 SER E C   1 
ATOM   653  O O   . SER A 1 91  ? 1.209   13.700  3.825   1.00 10.68 ? 127 SER E O   1 
ATOM   654  C CB  . SER A 1 91  ? 1.313   12.942  1.250   1.00 9.51  ? 127 SER E CB  1 
ATOM   655  O OG  . SER A 1 91  ? 2.231   13.948  0.908   1.00 13.42 ? 127 SER E OG  1 
ATOM   656  N N   . THR A 1 92  ? -0.713  14.930  3.641   1.00 10.24 ? 128 THR E N   1 
ATOM   657  C CA  . THR A 1 92  ? -0.575  15.429  5.015   1.00 10.72 ? 128 THR E CA  1 
ATOM   658  C C   . THR A 1 92  ? -0.763  14.187  5.940   1.00 9.40  ? 128 THR E C   1 
ATOM   659  O O   . THR A 1 92  ? -1.770  13.519  5.748   1.00 7.91  ? 128 THR E O   1 
ATOM   660  C CB  . THR A 1 92  ? -1.720  16.438  5.336   1.00 12.00 ? 128 THR E CB  1 
ATOM   661  O OG1 . THR A 1 92  ? -1.473  17.519  4.365   1.00 14.89 ? 128 THR E OG1 1 
ATOM   662  C CG2 . THR A 1 92  ? -1.614  16.863  6.813   1.00 12.13 ? 128 THR E CG2 1 
ATOM   663  N N   . GLU A 1 93  ? 0.127   14.052  6.880   1.00 8.26  ? 129 GLU E N   1 
ATOM   664  C CA  . GLU A 1 93  ? -0.020  12.890  7.804   1.00 9.85  ? 129 GLU E CA  1 
ATOM   665  C C   . GLU A 1 93  ? -1.102  13.070  8.820   1.00 10.63 ? 129 GLU E C   1 
ATOM   666  O O   . GLU A 1 93  ? -1.035  14.171  9.473   1.00 10.97 ? 129 GLU E O   1 
ATOM   667  C CB  . GLU A 1 93  ? 1.407   12.727  8.377   1.00 9.63  ? 129 GLU E CB  1 
ATOM   668  C CG  . GLU A 1 93  ? 1.378   11.454  9.261   1.00 15.29 ? 129 GLU E CG  1 
ATOM   669  C CD  . GLU A 1 93  ? 2.808   11.012  9.632   1.00 19.26 ? 129 GLU E CD  1 
ATOM   670  O OE1 . GLU A 1 93  ? 3.755   11.329  8.898   1.00 18.71 ? 129 GLU E OE1 1 
ATOM   671  O OE2 . GLU A 1 93  ? 2.731   10.324  10.741  1.00 19.78 ? 129 GLU E OE2 1 
ATOM   672  N N   . ALA A 1 94  ? -2.069  12.182  9.044   1.00 8.82  ? 130 ALA E N   1 
ATOM   673  C CA  . ALA A 1 94  ? -3.131  12.367  10.036  1.00 9.34  ? 130 ALA E CA  1 
ATOM   674  C C   . ALA A 1 94  ? -2.571  11.931  11.395  1.00 11.11 ? 130 ALA E C   1 
ATOM   675  O O   . ALA A 1 94  ? -1.520  11.252  11.508  1.00 12.46 ? 130 ALA E O   1 
ATOM   676  C CB  . ALA A 1 94  ? -4.354  11.574  9.666   1.00 8.30  ? 130 ALA E CB  1 
ATOM   677  N N   . ALA A 1 95  ? -3.250  12.411  12.423  1.00 11.44 ? 131 ALA E N   1 
ATOM   678  C CA  . ALA A 1 95  ? -2.789  12.126  13.811  1.00 11.90 ? 131 ALA E CA  1 
ATOM   679  C C   . ALA A 1 95  ? -3.466  10.904  14.366  1.00 10.95 ? 131 ALA E C   1 
ATOM   680  O O   . ALA A 1 95  ? -4.464  10.457  13.805  1.00 12.13 ? 131 ALA E O   1 
ATOM   681  C CB  . ALA A 1 95  ? -3.273  13.316  14.707  1.00 12.45 ? 131 ALA E CB  1 
ATOM   682  N N   . VAL A 1 96  ? -2.978  10.429  15.494  1.00 12.07 ? 132 VAL E N   1 
ATOM   683  C CA  . VAL A 1 96  ? -3.606  9.308   16.200  1.00 12.96 ? 132 VAL E CA  1 
ATOM   684  C C   . VAL A 1 96  ? -5.025  9.802   16.522  1.00 12.16 ? 132 VAL E C   1 
ATOM   685  O O   . VAL A 1 96  ? -5.329  10.921  16.930  1.00 13.45 ? 132 VAL E O   1 
ATOM   686  C CB  . VAL A 1 96  ? -2.773  8.835   17.403  1.00 13.75 ? 132 VAL E CB  1 
ATOM   687  C CG1 . VAL A 1 96  ? -3.632  7.860   18.246  1.00 15.22 ? 132 VAL E CG1 1 
ATOM   688  C CG2 . VAL A 1 96  ? -1.489  8.158   16.973  1.00 14.57 ? 132 VAL E CG2 1 
ATOM   689  N N   . GLY A 1 97  ? -5.938  8.916   16.310  1.00 10.79 ? 133 GLY E N   1 
ATOM   690  C CA  . GLY A 1 97  ? -7.361  9.067   16.456  1.00 11.43 ? 133 GLY E CA  1 
ATOM   691  C C   . GLY A 1 97  ? -8.078  9.394   15.167  1.00 12.40 ? 133 GLY E C   1 
ATOM   692  O O   . GLY A 1 97  ? -9.327  9.349   15.222  1.00 15.20 ? 133 GLY E O   1 
ATOM   693  N N   . ALA A 1 98  ? -7.427  9.761   14.098  1.00 9.64  ? 134 ALA E N   1 
ATOM   694  C CA  . ALA A 1 98  ? -8.132  10.109  12.876  1.00 9.73  ? 134 ALA E CA  1 
ATOM   695  C C   . ALA A 1 98  ? -8.710  8.902   12.193  1.00 9.49  ? 134 ALA E C   1 
ATOM   696  O O   . ALA A 1 98  ? -8.116  7.817   12.308  1.00 11.68 ? 134 ALA E O   1 
ATOM   697  C CB  . ALA A 1 98  ? -7.084  10.714  11.892  1.00 10.79 ? 134 ALA E CB  1 
ATOM   698  N N   . ALA A 1 99  ? -9.752  9.097   11.439  1.00 9.53  ? 135 ALA E N   1 
ATOM   699  C CA  . ALA A 1 99  ? -10.368 7.997   10.689  1.00 9.45  ? 135 ALA E CA  1 
ATOM   700  C C   . ALA A 1 99  ? -9.515  7.862   9.430   1.00 11.35 ? 135 ALA E C   1 
ATOM   701  O O   . ALA A 1 99  ? -9.075  8.862   8.874   1.00 10.13 ? 135 ALA E O   1 
ATOM   702  C CB  . ALA A 1 99  ? -11.738 8.486   10.239  1.00 12.20 ? 135 ALA E CB  1 
ATOM   703  N N   . VAL A 1 100 ? -9.357  6.616   8.999   1.00 10.68 ? 136 VAL E N   1 
ATOM   704  C CA  . VAL A 1 100 ? -8.571  6.360   7.758   1.00 9.15  ? 136 VAL E CA  1 
ATOM   705  C C   . VAL A 1 100 ? -9.179  5.129   7.081   1.00 10.13 ? 136 VAL E C   1 
ATOM   706  O O   . VAL A 1 100 ? -9.805  4.319   7.815   1.00 9.65  ? 136 VAL E O   1 
ATOM   707  C CB  . VAL A 1 100 ? -7.142  6.187   8.298   1.00 9.37  ? 136 VAL E CB  1 
ATOM   708  C CG1 . VAL A 1 100 ? -6.983  4.910   9.137   1.00 10.07 ? 136 VAL E CG1 1 
ATOM   709  C CG2 . VAL A 1 100 ? -6.253  6.045   7.088   1.00 13.08 ? 136 VAL E CG2 1 
ATOM   710  N N   . CYS A 1 101 ? -8.980  4.992   5.766   1.00 8.44  ? 137 CYS E N   1 
ATOM   711  C CA  . CYS A 1 101 ? -9.499  3.806   5.066   1.00 7.37  ? 137 CYS E CA  1 
ATOM   712  C C   . CYS A 1 101 ? -8.306  3.248   4.275   1.00 7.38  ? 137 CYS E C   1 
ATOM   713  O O   . CYS A 1 101 ? -7.346  4.007   4.013   1.00 7.32  ? 137 CYS E O   1 
ATOM   714  C CB  . CYS A 1 101 ? -10.595 4.124   4.082   1.00 7.56  ? 137 CYS E CB  1 
ATOM   715  S SG  . CYS A 1 101 ? -12.013 4.894   4.938   1.00 10.58 ? 137 CYS E SG  1 
ATOM   716  N N   . ARG A 1 102 ? -8.412  1.973   3.898   1.00 6.26  ? 138 ARG E N   1 
ATOM   717  C CA  . ARG A 1 102 ? -7.322  1.342   3.095   1.00 5.40  ? 138 ARG E CA  1 
ATOM   718  C C   . ARG A 1 102 ? -8.061  0.590   1.964   1.00 5.97  ? 138 ARG E C   1 
ATOM   719  O O   . ARG A 1 102 ? -9.237  0.181   2.111   1.00 5.44  ? 138 ARG E O   1 
ATOM   720  C CB  . ARG A 1 102 ? -6.427  0.399   3.953   1.00 6.36  ? 138 ARG E CB  1 
ATOM   721  C CG  . ARG A 1 102 ? -7.248  -0.576  4.809   1.00 4.15  ? 138 ARG E CG  1 
ATOM   722  C CD  . ARG A 1 102 ? -6.392  -1.836  4.970   1.00 5.31  ? 138 ARG E CD  1 
ATOM   723  N NE  . ARG A 1 102 ? -6.312  -2.550  3.728   1.00 4.65  ? 138 ARG E NE  1 
ATOM   724  C CZ  . ARG A 1 102 ? -7.315  -3.142  3.112   1.00 5.12  ? 138 ARG E CZ  1 
ATOM   725  N NH1 . ARG A 1 102 ? -8.465  -3.417  3.747   1.00 4.62  ? 138 ARG E NH1 1 
ATOM   726  N NH2 . ARG A 1 102 ? -7.221  -3.432  1.792   1.00 5.69  ? 138 ARG E NH2 1 
ATOM   727  N N   . SER A 1 103 ? -7.349  0.399   0.859   1.00 6.25  ? 139 SER E N   1 
ATOM   728  C CA  . SER A 1 103 ? -7.891  -0.276  -0.321  1.00 5.50  ? 139 SER E CA  1 
ATOM   729  C C   . SER A 1 103 ? -6.842  -1.334  -0.776  1.00 6.20  ? 139 SER E C   1 
ATOM   730  O O   . SER A 1 103 ? -5.588  -1.052  -0.794  1.00 5.59  ? 139 SER E O   1 
ATOM   731  C CB  . SER A 1 103 ? -8.043  0.868   -1.323  1.00 6.49  ? 139 SER E CB  1 
ATOM   732  O OG  . SER A 1 103 ? -8.698  0.297   -2.479  1.00 7.00  ? 139 SER E OG  1 
ATOM   733  N N   . GLY A 1 104 ? -7.393  -2.529  -1.142  1.00 5.09  ? 140 GLY E N   1 
ATOM   734  C CA  . GLY A 1 104 ? -6.441  -3.610  -1.559  1.00 4.86  ? 140 GLY E CA  1 
ATOM   735  C C   . GLY A 1 104 ? -7.317  -4.663  -2.267  1.00 6.65  ? 140 GLY E C   1 
ATOM   736  O O   . GLY A 1 104 ? -8.534  -4.726  -2.131  1.00 7.02  ? 140 GLY E O   1 
ATOM   737  N N   . ARG A 1 105 ? -6.684  -5.530  -3.037  1.00 5.94  ? 141 ARG E N   1 
ATOM   738  C CA  . ARG A 1 105 ? -7.366  -6.539  -3.848  1.00 7.24  ? 141 ARG E CA  1 
ATOM   739  C C   . ARG A 1 105 ? -8.002  -7.656  -3.050  1.00 10.29 ? 141 ARG E C   1 
ATOM   740  O O   . ARG A 1 105 ? -8.752  -8.379  -3.717  1.00 10.78 ? 141 ARG E O   1 
ATOM   741  C CB  . ARG A 1 105 ? -6.406  -7.061  -4.926  1.00 7.51  ? 141 ARG E CB  1 
ATOM   742  C CG  . ARG A 1 105 ? -5.041  -7.664  -4.527  1.00 8.35  ? 141 ARG E CG  1 
ATOM   743  C CD  . ARG A 1 105 ? -5.216  -9.058  -4.003  1.00 10.92 ? 141 ARG E CD  1 
ATOM   744  N NE  . ARG A 1 105 ? -5.802  -9.916  -5.002  1.00 12.72 ? 141 ARG E NE  1 
ATOM   745  C CZ  . ARG A 1 105 ? -6.477  -11.040 -4.763  1.00 15.12 ? 141 ARG E CZ  1 
ATOM   746  N NH1 . ARG A 1 105 ? -6.581  -11.428 -3.494  1.00 14.71 ? 141 ARG E NH1 1 
ATOM   747  N NH2 . ARG A 1 105 ? -6.981  -11.737 -5.811  1.00 14.84 ? 141 ARG E NH2 1 
ATOM   748  N N   . THR A 1 106 ? -7.728  -7.860  -1.770  1.00 9.09  ? 142 THR E N   1 
ATOM   749  C CA  . THR A 1 106 ? -8.340  -8.991  -1.051  1.00 8.98  ? 142 THR E CA  1 
ATOM   750  C C   . THR A 1 106 ? -9.570  -8.546  -0.291  1.00 9.64  ? 142 THR E C   1 
ATOM   751  O O   . THR A 1 106 ? -10.630 -9.125  -0.573  1.00 10.08 ? 142 THR E O   1 
ATOM   752  C CB  . THR A 1 106 ? -7.265  -9.723  -0.133  1.00 9.02  ? 142 THR E CB  1 
ATOM   753  O OG1 . THR A 1 106 ? -6.241  -10.170 -1.053  1.00 6.85  ? 142 THR E OG1 1 
ATOM   754  C CG2 . THR A 1 106 ? -7.949  -10.753 0.785   1.00 9.47  ? 142 THR E CG2 1 
ATOM   755  N N   . THR A 1 107 ? -9.467  -7.607  0.620   1.00 8.54  ? 143 THR E N   1 
ATOM   756  C CA  . THR A 1 107 ? -10.613 -7.177  1.420   1.00 7.82  ? 143 THR E CA  1 
ATOM   757  C C   . THR A 1 107 ? -11.295 -5.938  0.876   1.00 9.00  ? 143 THR E C   1 
ATOM   758  O O   . THR A 1 107 ? -12.261 -5.546  1.544   1.00 10.66 ? 143 THR E O   1 
ATOM   759  C CB  . THR A 1 107 ? -10.164 -7.043  2.905   1.00 9.24  ? 143 THR E CB  1 
ATOM   760  O OG1 . THR A 1 107 ? -9.169  -5.997  2.882   1.00 8.60  ? 143 THR E OG1 1 
ATOM   761  C CG2 . THR A 1 107 ? -9.561  -8.313  3.548   1.00 10.15 ? 143 THR E CG2 1 
ATOM   762  N N   . GLY A 1 108 ? -10.879 -5.347  -0.208  1.00 8.29  ? 156 GLY E N   1 
ATOM   763  C CA  . GLY A 1 108 ? -11.588 -4.191  -0.762  1.00 7.27  ? 156 GLY E CA  1 
ATOM   764  C C   . GLY A 1 108 ? -11.251 -2.951  0.081   1.00 8.87  ? 156 GLY E C   1 
ATOM   765  O O   . GLY A 1 108 ? -10.104 -2.855  0.512   1.00 8.47  ? 156 GLY E O   1 
ATOM   766  N N   . TYR A 1 109 ? -12.223 -2.082  0.263   1.00 7.67  ? 157 TYR E N   1 
ATOM   767  C CA  . TYR A 1 109 ? -12.000 -0.783  0.982   1.00 7.17  ? 157 TYR E CA  1 
ATOM   768  C C   . TYR A 1 109 ? -12.577 -0.919  2.371   1.00 7.78  ? 157 TYR E C   1 
ATOM   769  O O   . TYR A 1 109 ? -13.772 -1.275  2.480   1.00 7.04  ? 157 TYR E O   1 
ATOM   770  C CB  . TYR A 1 109 ? -12.753 0.240   0.110   1.00 7.52  ? 157 TYR E CB  1 
ATOM   771  C CG  . TYR A 1 109 ? -12.599 1.679   0.541   1.00 7.62  ? 157 TYR E CG  1 
ATOM   772  C CD1 . TYR A 1 109 ? -11.487 2.363   0.066   1.00 8.78  ? 157 TYR E CD1 1 
ATOM   773  C CD2 . TYR A 1 109 ? -13.531 2.351   1.318   1.00 9.03  ? 157 TYR E CD2 1 
ATOM   774  C CE1 . TYR A 1 109 ? -11.243 3.698   0.407   1.00 10.00 ? 157 TYR E CE1 1 
ATOM   775  C CE2 . TYR A 1 109 ? -13.317 3.703   1.658   1.00 10.08 ? 157 TYR E CE2 1 
ATOM   776  C CZ  . TYR A 1 109 ? -12.206 4.361   1.176   1.00 10.66 ? 157 TYR E CZ  1 
ATOM   777  O OH  . TYR A 1 109 ? -11.909 5.672   1.429   1.00 14.19 ? 157 TYR E OH  1 
ATOM   778  N N   . GLN A 1 110 ? -11.711 -0.730  3.356   1.00 9.21  ? 158 GLN E N   1 
ATOM   779  C CA  . GLN A 1 110 ? -12.065 -0.922  4.770   1.00 9.02  ? 158 GLN E CA  1 
ATOM   780  C C   . GLN A 1 110 ? -11.614 0.323   5.537   1.00 10.18 ? 158 GLN E C   1 
ATOM   781  O O   . GLN A 1 110 ? -10.532 0.835   5.225   1.00 9.35  ? 158 GLN E O   1 
ATOM   782  C CB  . GLN A 1 110 ? -11.391 -2.141  5.432   1.00 9.38  ? 158 GLN E CB  1 
ATOM   783  C CG  . GLN A 1 110 ? -11.693 -3.434  4.652   1.00 10.00 ? 158 GLN E CG  1 
ATOM   784  C CD  . GLN A 1 110 ? -13.111 -3.906  4.733   1.00 12.22 ? 158 GLN E CD  1 
ATOM   785  O OE1 . GLN A 1 110 ? -13.747 -3.523  5.727   1.00 11.87 ? 158 GLN E OE1 1 
ATOM   786  N NE2 . GLN A 1 110 ? -13.713 -4.738  3.854   1.00 10.52 ? 158 GLN E NE2 1 
ATOM   787  N N   . CYS A 1 111 ? -12.448 0.725   6.499   1.00 8.77  ? 159 CYS E N   1 
ATOM   788  C CA  . CYS A 1 111 ? -12.089 1.960   7.249   1.00 8.76  ? 159 CYS E CA  1 
ATOM   789  C C   . CYS A 1 111 ? -11.985 1.711   8.732   1.00 9.12  ? 159 CYS E C   1 
ATOM   790  O O   . CYS A 1 111 ? -12.547 0.725   9.220   1.00 9.60  ? 159 CYS E O   1 
ATOM   791  C CB  . CYS A 1 111 ? -13.172 2.968   6.945   1.00 10.68 ? 159 CYS E CB  1 
ATOM   792  S SG  . CYS A 1 111 ? -13.346 3.434   5.189   1.00 11.47 ? 159 CYS E SG  1 
ATOM   793  N N   . GLY A 1 112 ? -11.273 2.529   9.458   1.00 7.92  ? 160 GLY E N   1 
ATOM   794  C CA  . GLY A 1 112 ? -11.076 2.390   10.899  1.00 8.90  ? 160 GLY E CA  1 
ATOM   795  C C   . GLY A 1 112 ? -10.396 3.721   11.359  1.00 8.59  ? 160 GLY E C   1 
ATOM   796  O O   . GLY A 1 112 ? -10.660 4.814   10.785  1.00 10.27 ? 160 GLY E O   1 
ATOM   797  N N   . THR A 1 113 ? -9.611  3.535   12.393  1.00 9.96  ? 161 THR E N   1 
ATOM   798  C CA  . THR A 1 113 ? -8.927  4.774   12.870  1.00 11.97 ? 161 THR E CA  1 
ATOM   799  C C   . THR A 1 113 ? -7.505  4.359   13.132  1.00 10.58 ? 161 THR E C   1 
ATOM   800  O O   . THR A 1 113 ? -7.171  3.173   13.229  1.00 10.24 ? 161 THR E O   1 
ATOM   801  C CB  . THR A 1 113 ? -9.713  5.400   14.092  1.00 15.49 ? 161 THR E CB  1 
ATOM   802  O OG1 . THR A 1 113 ? -9.531  4.392   15.104  1.00 18.28 ? 161 THR E OG1 1 
ATOM   803  C CG2 . THR A 1 113 ? -11.210 5.568   13.934  1.00 15.74 ? 161 THR E CG2 1 
ATOM   804  N N   . ILE A 1 114 ? -6.709  5.415   13.226  1.00 10.00 ? 162 ILE E N   1 
ATOM   805  C CA  . ILE A 1 114 ? -5.275  5.256   13.530  1.00 9.67  ? 162 ILE E CA  1 
ATOM   806  C C   . ILE A 1 114 ? -5.159  5.101   15.060  1.00 11.47 ? 162 ILE E C   1 
ATOM   807  O O   . ILE A 1 114 ? -5.732  5.982   15.736  1.00 11.73 ? 162 ILE E O   1 
ATOM   808  C CB  . ILE A 1 114 ? -4.448  6.479   13.026  1.00 8.79  ? 162 ILE E CB  1 
ATOM   809  C CG1 . ILE A 1 114 ? -4.529  6.535   11.457  1.00 10.36 ? 162 ILE E CG1 1 
ATOM   810  C CG2 . ILE A 1 114 ? -2.983  6.410   13.561  1.00 6.64  ? 162 ILE E CG2 1 
ATOM   811  C CD1 . ILE A 1 114 ? -3.905  7.866   10.971  1.00 11.74 ? 162 ILE E CD1 1 
ATOM   812  N N   . THR A 1 115 ? -4.512  4.081   15.505  1.00 9.44  ? 163 THR E N   1 
ATOM   813  C CA  . THR A 1 115 ? -4.423  3.870   16.948  1.00 12.53 ? 163 THR E CA  1 
ATOM   814  C C   . THR A 1 115 ? -3.054  4.075   17.560  1.00 12.79 ? 163 THR E C   1 
ATOM   815  O O   . THR A 1 115 ? -3.063  4.254   18.805  1.00 14.83 ? 163 THR E O   1 
ATOM   816  C CB  . THR A 1 115 ? -5.037  2.400   17.202  1.00 13.47 ? 163 THR E CB  1 
ATOM   817  O OG1 . THR A 1 115 ? -4.194  1.489   16.449  1.00 13.39 ? 163 THR E OG1 1 
ATOM   818  C CG2 . THR A 1 115 ? -6.520  2.332   16.755  1.00 13.03 ? 163 THR E CG2 1 
ATOM   819  N N   . ALA A 1 116 ? -1.998  4.030   16.811  1.00 10.15 ? 164 ALA E N   1 
ATOM   820  C CA  . ALA A 1 116 ? -0.659  4.165   17.357  1.00 11.84 ? 164 ALA E CA  1 
ATOM   821  C C   . ALA A 1 116 ? 0.319   4.435   16.195  1.00 12.05 ? 164 ALA E C   1 
ATOM   822  O O   . ALA A 1 116 ? -0.035  4.053   15.072  1.00 12.04 ? 164 ALA E O   1 
ATOM   823  C CB  . ALA A 1 116 ? -0.194  2.827   17.976  1.00 11.55 ? 164 ALA E CB  1 
ATOM   824  N N   . LYS A 1 117 ? 1.425   5.079   16.517  1.00 9.43  ? 165 LYS E N   1 
ATOM   825  C CA  . LYS A 1 117 ? 2.438   5.326   15.524  1.00 10.13 ? 165 LYS E CA  1 
ATOM   826  C C   . LYS A 1 117 ? 3.739   4.733   16.041  1.00 12.86 ? 165 LYS E C   1 
ATOM   827  O O   . LYS A 1 117 ? 3.829   4.439   17.275  1.00 13.59 ? 165 LYS E O   1 
ATOM   828  C CB  . LYS A 1 117 ? 2.549   6.860   15.396  1.00 11.14 ? 165 LYS E CB  1 
ATOM   829  C CG  . LYS A 1 117 ? 1.456   7.413   14.523  1.00 11.86 ? 165 LYS E CG  1 
ATOM   830  C CD  . LYS A 1 117 ? 1.642   8.880   14.146  1.00 13.10 ? 165 LYS E CD  1 
ATOM   831  C CE  . LYS A 1 117 ? 0.355   9.386   13.408  1.00 11.00 ? 165 LYS E CE  1 
ATOM   832  N NZ  . LYS A 1 117 ? 0.764   10.770  12.912  1.00 11.54 ? 165 LYS E NZ  1 
ATOM   833  N N   . ASN A 1 118 ? 4.719   4.638   15.160  1.00 13.66 ? 166 ASN E N   1 
ATOM   834  C CA  . ASN A 1 118 ? 6.039   4.132   15.515  1.00 15.75 ? 166 ASN E CA  1 
ATOM   835  C C   . ASN A 1 118 ? 5.980   2.724   16.066  1.00 15.06 ? 166 ASN E C   1 
ATOM   836  O O   . ASN A 1 118 ? 6.652   2.467   17.079  1.00 15.69 ? 166 ASN E O   1 
ATOM   837  C CB  . ASN A 1 118 ? 6.635   5.134   16.515  1.00 20.13 ? 166 ASN E CB  1 
ATOM   838  C CG  . ASN A 1 118 ? 8.140   4.953   16.431  1.00 26.66 ? 166 ASN E CG  1 
ATOM   839  O OD1 . ASN A 1 118 ? 8.894   5.109   17.443  1.00 30.96 ? 166 ASN E OD1 1 
ATOM   840  N ND2 . ASN A 1 118 ? 8.736   4.639   15.274  1.00 27.66 ? 166 ASN E ND2 1 
ATOM   841  N N   . VAL A 1 119 ? 5.243   1.842   15.460  1.00 11.91 ? 167 VAL E N   1 
ATOM   842  C CA  . VAL A 1 119 ? 5.130   0.460   15.922  1.00 12.53 ? 167 VAL E CA  1 
ATOM   843  C C   . VAL A 1 119 ? 6.123   -0.445  15.177  1.00 12.70 ? 167 VAL E C   1 
ATOM   844  O O   . VAL A 1 119 ? 6.340   -0.200  13.980  1.00 12.41 ? 167 VAL E O   1 
ATOM   845  C CB  . VAL A 1 119 ? 3.677   0.055   15.679  1.00 13.56 ? 167 VAL E CB  1 
ATOM   846  C CG1 . VAL A 1 119 ? 3.511   -1.414  16.060  1.00 14.81 ? 167 VAL E CG1 1 
ATOM   847  C CG2 . VAL A 1 119 ? 2.781   1.035   16.418  1.00 13.35 ? 167 VAL E CG2 1 
ATOM   848  N N   . THR A 1 120 ? 6.727   -1.373  15.929  1.00 12.74 ? 168 THR E N   1 
ATOM   849  C CA  . THR A 1 120 ? 7.651   -2.370  15.328  1.00 13.64 ? 168 THR E CA  1 
ATOM   850  C C   . THR A 1 120 ? 6.887   -3.684  15.063  1.00 13.44 ? 168 THR E C   1 
ATOM   851  O O   . THR A 1 120 ? 6.141   -4.200  15.936  1.00 14.00 ? 168 THR E O   1 
ATOM   852  C CB  . THR A 1 120 ? 8.864   -2.793  16.262  1.00 13.79 ? 168 THR E CB  1 
ATOM   853  O OG1 . THR A 1 120 ? 9.556   -1.539  16.437  1.00 15.09 ? 168 THR E OG1 1 
ATOM   854  C CG2 . THR A 1 120 ? 9.863   -3.729  15.527  1.00 13.06 ? 168 THR E CG2 1 
ATOM   855  N N   . ALA A 1 121 ? 6.980   -4.247  13.874  1.00 12.52 ? 169 ALA E N   1 
ATOM   856  C CA  . ALA A 1 121 ? 6.369   -5.542  13.532  1.00 12.41 ? 169 ALA E CA  1 
ATOM   857  C C   . ALA A 1 121 ? 7.590   -6.495  13.499  1.00 14.22 ? 169 ALA E C   1 
ATOM   858  O O   . ALA A 1 121 ? 8.605   -6.249  12.796  1.00 15.26 ? 169 ALA E O   1 
ATOM   859  C CB  . ALA A 1 121 ? 5.677   -5.514  12.179  1.00 12.33 ? 169 ALA E CB  1 
ATOM   860  N N   . ASN A 1 122 ? 7.506   -7.609  14.233  1.00 14.05 ? 170 ASN E N   1 
ATOM   861  C CA  . ASN A 1 122 ? 8.620   -8.586  14.222  1.00 14.82 ? 170 ASN E CA  1 
ATOM   862  C C   . ASN A 1 122 ? 8.180   -9.647  13.224  1.00 14.82 ? 170 ASN E C   1 
ATOM   863  O O   . ASN A 1 122 ? 7.539   -10.633 13.639  1.00 15.96 ? 170 ASN E O   1 
ATOM   864  C CB  . ASN A 1 122 ? 8.858   -9.100  15.642  1.00 19.77 ? 170 ASN E CB  1 
ATOM   865  C CG  . ASN A 1 122 ? 9.646   -8.010  16.400  1.00 23.31 ? 170 ASN E CG  1 
ATOM   866  O OD1 . ASN A 1 122 ? 10.788  -7.579  16.125  1.00 25.34 ? 170 ASN E OD1 1 
ATOM   867  N ND2 . ASN A 1 122 ? 9.025   -7.485  17.445  1.00 24.95 ? 170 ASN E ND2 1 
ATOM   868  N N   . TYR A 1 123 ? 8.430   -9.461  11.953  1.00 11.12 ? 171 TYR E N   1 
ATOM   869  C CA  . TYR A 1 123 ? 8.021   -10.476 10.958  1.00 10.64 ? 171 TYR E CA  1 
ATOM   870  C C   . TYR A 1 123 ? 9.162   -11.541 10.975  1.00 12.38 ? 171 TYR E C   1 
ATOM   871  O O   . TYR A 1 123 ? 10.251  -11.213 11.483  1.00 10.86 ? 171 TYR E O   1 
ATOM   872  C CB  . TYR A 1 123 ? 7.968   -9.798  9.595   1.00 10.55 ? 171 TYR E CB  1 
ATOM   873  C CG  . TYR A 1 123 ? 6.921   -8.743  9.347   1.00 9.95  ? 171 TYR E CG  1 
ATOM   874  C CD1 . TYR A 1 123 ? 5.653   -8.839  9.874   1.00 9.71  ? 171 TYR E CD1 1 
ATOM   875  C CD2 . TYR A 1 123 ? 7.276   -7.618  8.560   1.00 11.18 ? 171 TYR E CD2 1 
ATOM   876  C CE1 . TYR A 1 123 ? 4.679   -7.853  9.623   1.00 11.07 ? 171 TYR E CE1 1 
ATOM   877  C CE2 . TYR A 1 123 ? 6.307   -6.617  8.300   1.00 11.00 ? 171 TYR E CE2 1 
ATOM   878  C CZ  . TYR A 1 123 ? 5.038   -6.747  8.833   1.00 10.31 ? 171 TYR E CZ  1 
ATOM   879  O OH  . TYR A 1 123 ? 4.071   -5.828  8.578   1.00 10.53 ? 171 TYR E OH  1 
ATOM   880  N N   . ALA A 1 124 ? 8.804   -12.690 10.389  1.00 11.55 ? 172 ALA E N   1 
ATOM   881  C CA  . ALA A 1 124 ? 9.854   -13.749 10.325  1.00 13.03 ? 172 ALA E CA  1 
ATOM   882  C C   . ALA A 1 124 ? 11.114  -13.273 9.632   1.00 12.17 ? 172 ALA E C   1 
ATOM   883  O O   . ALA A 1 124 ? 12.255  -13.643 10.043  1.00 15.15 ? 172 ALA E O   1 
ATOM   884  C CB  . ALA A 1 124 ? 9.147   -14.882 9.549   1.00 13.06 ? 172 ALA E CB  1 
ATOM   885  N N   . GLU A 1 125 ? 11.034  -12.426 8.605   1.00 10.24 ? 174 GLU E N   1 
ATOM   886  C CA  . GLU A 1 125 ? 12.197  -11.933 7.877   1.00 11.78 ? 174 GLU E CA  1 
ATOM   887  C C   . GLU A 1 125 ? 13.131  -10.997 8.671   1.00 10.44 ? 174 GLU E C   1 
ATOM   888  O O   . GLU A 1 125 ? 14.316  -10.844 8.326   1.00 11.55 ? 174 GLU E O   1 
ATOM   889  C CB  . GLU A 1 125 ? 11.688  -11.112 6.664   1.00 11.28 ? 174 GLU E CB  1 
ATOM   890  C CG  . GLU A 1 125 ? 11.043  -12.093 5.686   1.00 13.19 ? 174 GLU E CG  1 
ATOM   891  C CD  . GLU A 1 125 ? 9.545   -12.163 5.869   1.00 14.13 ? 174 GLU E CD  1 
ATOM   892  O OE1 . GLU A 1 125 ? 8.922   -11.809 6.844   1.00 12.97 ? 174 GLU E OE1 1 
ATOM   893  O OE2 . GLU A 1 125 ? 8.971   -12.647 4.856   1.00 17.69 ? 174 GLU E OE2 1 
ATOM   894  N N   . GLY A 1 126 ? 12.559  -10.370 9.694   1.00 10.18 ? 175 GLY E N   1 
ATOM   895  C CA  . GLY A 1 126 ? 13.268  -9.381  10.508  1.00 9.43  ? 175 GLY E CA  1 
ATOM   896  C C   . GLY A 1 126 ? 12.248  -8.299  10.899  1.00 11.14 ? 175 GLY E C   1 
ATOM   897  O O   . GLY A 1 126 ? 11.106  -8.256  10.376  1.00 11.96 ? 175 GLY E O   1 
ATOM   898  N N   . ALA A 1 127 ? 12.626  -7.462  11.858  1.00 9.43  ? 176 ALA E N   1 
ATOM   899  C CA  . ALA A 1 127 ? 11.718  -6.394  12.305  1.00 10.12 ? 176 ALA E CA  1 
ATOM   900  C C   . ALA A 1 127 ? 11.591  -5.300  11.208  1.00 8.00  ? 176 ALA E C   1 
ATOM   901  O O   . ALA A 1 127 ? 12.526  -5.051  10.455  1.00 7.50  ? 176 ALA E O   1 
ATOM   902  C CB  . ALA A 1 127 ? 12.386  -5.711  13.513  1.00 10.27 ? 176 ALA E CB  1 
ATOM   903  N N   . VAL A 1 128 ? 10.447  -4.670  11.250  1.00 8.74  ? 177 VAL E N   1 
ATOM   904  C CA  . VAL A 1 128 ? 10.107  -3.495  10.426  1.00 8.77  ? 177 VAL E CA  1 
ATOM   905  C C   . VAL A 1 128 ? 9.691   -2.472  11.489  1.00 9.91  ? 177 VAL E C   1 
ATOM   906  O O   . VAL A 1 128 ? 8.717   -2.682  12.227  1.00 10.94 ? 177 VAL E O   1 
ATOM   907  C CB  . VAL A 1 128 ? 9.027   -3.690  9.354   1.00 9.85  ? 177 VAL E CB  1 
ATOM   908  C CG1 . VAL A 1 128 ? 8.671   -2.345  8.678   1.00 7.97  ? 177 VAL E CG1 1 
ATOM   909  C CG2 . VAL A 1 128 ? 9.608   -4.611  8.290   1.00 8.45  ? 177 VAL E CG2 1 
ATOM   910  N N   A ARG A 1 129 ? 10.413  -1.363  11.550  0.67 11.02 ? 178 ARG E N   1 
ATOM   911  N N   B ARG A 1 129 ? 10.489  -1.424  11.571  0.33 10.32 ? 178 ARG E N   1 
ATOM   912  C CA  A ARG A 1 129 ? 10.111  -0.350  12.560  0.67 12.12 ? 178 ARG E CA  1 
ATOM   913  C CA  B ARG A 1 129 ? 10.285  -0.364  12.549  0.33 10.70 ? 178 ARG E CA  1 
ATOM   914  C C   A ARG A 1 129 ? 9.391   0.874   12.057  0.67 12.67 ? 178 ARG E C   1 
ATOM   915  C C   B ARG A 1 129 ? 9.532   0.816   11.953  0.33 11.36 ? 178 ARG E C   1 
ATOM   916  O O   A ARG A 1 129 ? 9.336   1.029   10.824  0.67 12.44 ? 178 ARG E O   1 
ATOM   917  O O   B ARG A 1 129 ? 9.502   1.005   10.730  0.33 11.38 ? 178 ARG E O   1 
ATOM   918  C CB  A ARG A 1 129 ? 11.496  0.045   13.110  0.67 16.88 ? 178 ARG E CB  1 
ATOM   919  C CB  B ARG A 1 129 ? 11.666  0.200   12.953  0.33 12.14 ? 178 ARG E CB  1 
ATOM   920  C CG  A ARG A 1 129 ? 11.957  -1.129  13.993  0.67 21.06 ? 178 ARG E CG  1 
ATOM   921  C CG  B ARG A 1 129 ? 12.700  -0.774  13.501  0.33 13.98 ? 178 ARG E CG  1 
ATOM   922  C CD  A ARG A 1 129 ? 12.213  -0.668  15.388  0.67 26.31 ? 178 ARG E CD  1 
ATOM   923  C CD  B ARG A 1 129 ? 13.676  -0.161  14.459  0.33 14.93 ? 178 ARG E CD  1 
ATOM   924  N NE  A ARG A 1 129 ? 12.501  -1.679  16.424  0.67 29.73 ? 178 ARG E NE  1 
ATOM   925  N NE  B ARG A 1 129 ? 13.139  -0.072  15.793  0.33 17.80 ? 178 ARG E NE  1 
ATOM   926  C CZ  A ARG A 1 129 ? 13.560  -2.506  16.216  0.67 31.46 ? 178 ARG E CZ  1 
ATOM   927  C CZ  B ARG A 1 129 ? 12.490  0.583   16.735  0.33 18.23 ? 178 ARG E CZ  1 
ATOM   928  N NH1 A ARG A 1 129 ? 14.394  -2.311  15.171  0.67 32.43 ? 178 ARG E NH1 1 
ATOM   929  N NH1 B ARG A 1 129 ? 12.160  1.874   16.699  0.33 18.46 ? 178 ARG E NH1 1 
ATOM   930  N NH2 A ARG A 1 129 ? 13.713  -3.578  17.007  0.67 31.68 ? 178 ARG E NH2 1 
ATOM   931  N NH2 B ARG A 1 129 ? 12.033  -0.142  17.786  0.33 19.19 ? 178 ARG E NH2 1 
ATOM   932  N N   . GLY A 1 130 ? 8.866   1.695   12.969  1.00 11.43 ? 179 GLY E N   1 
ATOM   933  C CA  . GLY A 1 130 ? 8.183   2.921   12.574  1.00 9.90  ? 179 GLY E CA  1 
ATOM   934  C C   . GLY A 1 130 ? 6.876   2.819   11.828  1.00 10.05 ? 179 GLY E C   1 
ATOM   935  O O   . GLY A 1 130 ? 6.553   3.844   11.203  1.00 10.53 ? 179 GLY E O   1 
ATOM   936  N N   . LEU A 1 131 ? 6.169   1.727   11.969  1.00 8.25  ? 180 LEU E N   1 
ATOM   937  C CA  . LEU A 1 131 ? 4.894   1.644   11.226  1.00 7.66  ? 180 LEU E CA  1 
ATOM   938  C C   . LEU A 1 131 ? 3.789   2.332   12.020  1.00 8.18  ? 180 LEU E C   1 
ATOM   939  O O   . LEU A 1 131 ? 3.938   2.459   13.247  1.00 8.91  ? 180 LEU E O   1 
ATOM   940  C CB  . LEU A 1 131 ? 4.592   0.119   11.107  1.00 7.44  ? 180 LEU E CB  1 
ATOM   941  C CG  . LEU A 1 131 ? 5.677   -0.687  10.334  1.00 8.75  ? 180 LEU E CG  1 
ATOM   942  C CD1 . LEU A 1 131 ? 5.343   -2.192  10.382  1.00 8.16  ? 180 LEU E CD1 1 
ATOM   943  C CD2 . LEU A 1 131 ? 5.512   -0.319  8.841   1.00 10.01 ? 180 LEU E CD2 1 
ATOM   944  N N   . THR A 1 132 ? 2.736   2.680   11.310  1.00 7.92  ? 181 THR E N   1 
ATOM   945  C CA  . THR A 1 132 ? 1.566   3.298   11.975  1.00 8.82  ? 181 THR E CA  1 
ATOM   946  C C   . THR A 1 132 ? 0.511   2.134   12.030  1.00 9.81  ? 181 THR E C   1 
ATOM   947  O O   . THR A 1 132 ? 0.435   1.324   11.059  1.00 9.41  ? 181 THR E O   1 
ATOM   948  C CB  . THR A 1 132 ? 1.002   4.520   11.188  1.00 8.13  ? 181 THR E CB  1 
ATOM   949  O OG1 . THR A 1 132 ? 2.135   5.437   11.208  1.00 9.48  ? 181 THR E OG1 1 
ATOM   950  C CG2 . THR A 1 132 ? -0.237  5.085   11.878  1.00 7.82  ? 181 THR E CG2 1 
ATOM   951  N N   . GLN A 1 133 ? -0.167  2.089   13.156  1.00 8.37  ? 182 GLN E N   1 
ATOM   952  C CA  . GLN A 1 133 ? -1.198  1.036   13.297  1.00 10.01 ? 182 GLN E CA  1 
ATOM   953  C C   . GLN A 1 133 ? -2.611  1.606   13.166  1.00 11.06 ? 182 GLN E C   1 
ATOM   954  O O   . GLN A 1 133 ? -2.867  2.683   13.736  1.00 11.19 ? 182 GLN E O   1 
ATOM   955  C CB  . GLN A 1 133 ? -0.993  0.365   14.667  1.00 11.89 ? 182 GLN E CB  1 
ATOM   956  C CG  . GLN A 1 133 ? -2.147  -0.640  14.961  1.00 13.58 ? 182 GLN E CG  1 
ATOM   957  C CD  . GLN A 1 133 ? -1.785  -1.094  16.386  1.00 18.71 ? 182 GLN E CD  1 
ATOM   958  O OE1 . GLN A 1 133 ? -0.896  -1.919  16.550  1.00 20.07 ? 182 GLN E OE1 1 
ATOM   959  N NE2 . GLN A 1 133 ? -2.286  -0.456  17.436  1.00 20.15 ? 182 GLN E NE2 1 
ATOM   960  N N   . GLY A 1 134 ? -3.519  0.918   12.501  1.00 9.75  ? 183 GLY E N   1 
ATOM   961  C CA  . GLY A 1 134 ? -4.900  1.301   12.318  1.00 8.78  ? 183 GLY E CA  1 
ATOM   962  C C   . GLY A 1 134 ? -5.707  0.056   12.645  1.00 9.30  ? 183 GLY E C   1 
ATOM   963  O O   . GLY A 1 134 ? -5.079  -1.026  12.774  1.00 10.04 ? 183 GLY E O   1 
ATOM   964  N N   . ASN A 1 135 ? -7.012  0.240   12.762  1.00 9.53  ? 184 ASN E N   1 
ATOM   965  C CA  . ASN A 1 135 ? -7.842  -0.947  13.101  1.00 9.98  ? 184 ASN E CA  1 
ATOM   966  C C   . ASN A 1 135 ? -8.805  -1.269  11.986  1.00 8.99  ? 184 ASN E C   1 
ATOM   967  O O   . ASN A 1 135 ? -9.796  -1.973  12.258  1.00 9.86  ? 184 ASN E O   1 
ATOM   968  C CB  . ASN A 1 135 ? -8.420  -0.831  14.528  1.00 9.73  ? 184 ASN E CB  1 
ATOM   969  C CG  . ASN A 1 135 ? -9.377  0.357   14.554  1.00 12.81 ? 184 ASN E CG  1 
ATOM   970  O OD1 . ASN A 1 135 ? -9.798  1.011   13.567  1.00 11.54 ? 184 ASN E OD1 1 
ATOM   971  N ND2 . ASN A 1 135 ? -9.782  0.746   15.766  1.00 14.14 ? 184 ASN E ND2 1 
ATOM   972  N N   . ALA A 1 136 ? -8.538  -0.787  10.778  1.00 7.45  ? 190 ALA E N   1 
ATOM   973  C CA  . ALA A 1 136 ? -9.337  -1.177  9.612   1.00 7.84  ? 190 ALA E CA  1 
ATOM   974  C C   . ALA A 1 136 ? -8.850  -2.624  9.357   1.00 8.79  ? 190 ALA E C   1 
ATOM   975  O O   . ALA A 1 136 ? -7.640  -2.906  9.601   1.00 9.86  ? 190 ALA E O   1 
ATOM   976  C CB  . ALA A 1 136 ? -8.937  -0.305  8.397   1.00 5.31  ? 190 ALA E CB  1 
ATOM   977  N N   . CYS A 1 137 ? -9.698  -3.548  8.925   1.00 8.34  ? 191 CYS E N   1 
ATOM   978  C CA  . CYS A 1 137 ? -9.224  -4.940  8.683   1.00 8.12  ? 191 CYS E CA  1 
ATOM   979  C C   . CYS A 1 137 ? -8.539  -5.028  7.305   1.00 8.76  ? 191 CYS E C   1 
ATOM   980  O O   . CYS A 1 137 ? -8.643  -4.075  6.492   1.00 7.99  ? 191 CYS E O   1 
ATOM   981  C CB  . CYS A 1 137 ? -10.330 -5.933  8.866   1.00 8.01  ? 191 CYS E CB  1 
ATOM   982  S SG  . CYS A 1 137 ? -11.547 -6.028  7.529   1.00 10.63 ? 191 CYS E SG  1 
ATOM   983  N N   . MET A 1 138 ? -7.837  -6.128  7.082   1.00 7.94  ? 192 MET E N   1 
ATOM   984  C CA  . MET A 1 138 ? -7.050  -6.369  5.853   1.00 8.28  ? 192 MET E CA  1 
ATOM   985  C C   . MET A 1 138 ? -6.762  -7.880  5.740   1.00 9.09  ? 192 MET E C   1 
ATOM   986  O O   . MET A 1 138 ? -6.956  -8.593  6.763   1.00 7.97  ? 192 MET E O   1 
ATOM   987  C CB  . MET A 1 138 ? -5.704  -5.621  6.053   1.00 6.72  ? 192 MET E CB  1 
ATOM   988  C CG  . MET A 1 138 ? -4.964  -5.869  7.351   1.00 8.26  ? 192 MET E CG  1 
ATOM   989  S SD  . MET A 1 138 ? -3.780  -7.277  7.092   1.00 12.12 ? 192 MET E SD  1 
ATOM   990  C CE  . MET A 1 138 ? -3.185  -7.573  8.760   1.00 12.23 ? 192 MET E CE  1 
ATOM   991  N N   . GLY A 1 139 A -6.256  -8.315  4.605   1.00 8.86  ? 192 GLY E N   1 
ATOM   992  C CA  . GLY A 1 139 A -5.966  -9.770  4.457   1.00 8.57  ? 192 GLY E CA  1 
ATOM   993  C C   . GLY A 1 139 A -4.779  -10.002 3.540   1.00 8.34  ? 192 GLY E C   1 
ATOM   994  O O   . GLY A 1 139 A -4.225  -9.062  2.958   1.00 7.98  ? 192 GLY E O   1 
ATOM   995  N N   . ARG A 1 140 B -4.423  -11.251 3.347   1.00 6.73  ? 192 ARG E N   1 
ATOM   996  C CA  . ARG A 1 140 B -3.326  -11.642 2.461   1.00 9.39  ? 192 ARG E CA  1 
ATOM   997  C C   . ARG A 1 140 B -3.647  -11.124 1.031   1.00 7.85  ? 192 ARG E C   1 
ATOM   998  O O   . ARG A 1 140 B -4.719  -11.479 0.467   1.00 7.48  ? 192 ARG E O   1 
ATOM   999  C CB  . ARG A 1 140 B -3.250  -13.193 2.494   1.00 9.88  ? 192 ARG E CB  1 
ATOM   1000 C CG  . ARG A 1 140 B -2.638  -13.749 3.810   1.00 15.68 ? 192 ARG E CG  1 
ATOM   1001 C CD  . ARG A 1 140 B -2.791  -15.249 3.697   1.00 19.05 ? 192 ARG E CD  1 
ATOM   1002 N NE  . ARG A 1 140 B -2.510  -15.850 4.995   1.00 23.62 ? 192 ARG E NE  1 
ATOM   1003 C CZ  . ARG A 1 140 B -3.171  -16.985 5.369   1.00 25.83 ? 192 ARG E CZ  1 
ATOM   1004 N NH1 . ARG A 1 140 B -3.965  -17.671 4.527   1.00 24.86 ? 192 ARG E NH1 1 
ATOM   1005 N NH2 . ARG A 1 140 B -2.993  -17.390 6.646   1.00 26.92 ? 192 ARG E NH2 1 
ATOM   1006 N N   . GLY A 1 141 ? -2.692  -10.310 0.530   1.00 7.41  ? 193 GLY E N   1 
ATOM   1007 C CA  . GLY A 1 141 ? -2.870  -9.733  -0.798  1.00 7.94  ? 193 GLY E CA  1 
ATOM   1008 C C   . GLY A 1 141 ? -3.085  -8.195  -0.785  1.00 9.21  ? 193 GLY E C   1 
ATOM   1009 O O   . GLY A 1 141 ? -2.917  -7.568  -1.856  1.00 7.97  ? 193 GLY E O   1 
ATOM   1010 N N   . ASP A 1 142 ? -3.459  -7.682  0.357   1.00 6.29  ? 194 ASP E N   1 
ATOM   1011 C CA  . ASP A 1 142 ? -3.666  -6.225  0.504   1.00 6.94  ? 194 ASP E CA  1 
ATOM   1012 C C   . ASP A 1 142 ? -2.327  -5.502  0.618   1.00 6.67  ? 194 ASP E C   1 
ATOM   1013 O O   . ASP A 1 142 ? -2.393  -4.232  0.551   1.00 8.32  ? 194 ASP E O   1 
ATOM   1014 C CB  . ASP A 1 142 ? -4.549  -5.961  1.759   1.00 5.82  ? 194 ASP E CB  1 
ATOM   1015 C CG  . ASP A 1 142 ? -6.007  -6.354  1.538   1.00 9.39  ? 194 ASP E CG  1 
ATOM   1016 O OD1 . ASP A 1 142 ? -6.534  -6.368  0.392   1.00 7.53  ? 194 ASP E OD1 1 
ATOM   1017 O OD2 . ASP A 1 142 ? -6.689  -6.681  2.576   1.00 9.21  ? 194 ASP E OD2 1 
ATOM   1018 N N   . SER A 1 143 ? -1.223  -6.178  0.814   1.00 5.30  ? 195 SER E N   1 
ATOM   1019 C CA  . SER A 1 143 ? 0.061   -5.455  1.002   1.00 4.06  ? 195 SER E CA  1 
ATOM   1020 C C   . SER A 1 143 ? 0.321   -4.493  -0.160  1.00 5.00  ? 195 SER E C   1 
ATOM   1021 O O   . SER A 1 143 ? 0.033   -4.843  -1.318  1.00 5.24  ? 195 SER E O   1 
ATOM   1022 C CB  . SER A 1 143 ? 1.279   -6.342  1.081   1.00 4.85  ? 195 SER E CB  1 
ATOM   1023 O OG  . SER A 1 143 ? 1.074   -7.315  2.158   1.00 7.56  ? 195 SER E OG  1 
ATOM   1024 N N   . GLY A 1 144 ? 0.872   -3.333  0.197   1.00 4.23  ? 196 GLY E N   1 
ATOM   1025 C CA  . GLY A 1 144 ? 1.204   -2.306  -0.798  1.00 3.96  ? 196 GLY E CA  1 
ATOM   1026 C C   . GLY A 1 144 ? 0.004   -1.407  -1.045  1.00 4.91  ? 196 GLY E C   1 
ATOM   1027 O O   . GLY A 1 144 ? 0.315   -0.337  -1.630  1.00 7.20  ? 196 GLY E O   1 
ATOM   1028 N N   . GLY A 1 145 ? -1.210  -1.821  -0.693  1.00 3.74  ? 197 GLY E N   1 
ATOM   1029 C CA  . GLY A 1 145 ? -2.344  -0.973  -1.042  1.00 4.44  ? 197 GLY E CA  1 
ATOM   1030 C C   . GLY A 1 145 ? -2.420  0.355   -0.221  1.00 5.12  ? 197 GLY E C   1 
ATOM   1031 O O   . GLY A 1 145 ? -1.853  0.521   0.864   1.00 5.25  ? 197 GLY E O   1 
ATOM   1032 N N   . SER A 1 146 ? -3.200  1.267   -0.781  1.00 3.84  ? 198 SER E N   1 
ATOM   1033 C CA  . SER A 1 146 ? -3.309  2.613   -0.210  1.00 4.78  ? 198 SER E CA  1 
ATOM   1034 C C   . SER A 1 146 ? -3.970  2.707   1.185   1.00 5.85  ? 198 SER E C   1 
ATOM   1035 O O   . SER A 1 146 ? -4.969  2.019   1.401   1.00 6.64  ? 198 SER E O   1 
ATOM   1036 C CB  . SER A 1 146 ? -4.340  3.349   -1.158  1.00 4.52  ? 198 SER E CB  1 
ATOM   1037 O OG  . SER A 1 146 ? -4.186  2.957   -2.509  1.00 5.55  ? 198 SER E OG  1 
ATOM   1038 N N   . TRP A 1 147 ? -3.463  3.661   1.965   1.00 4.43  ? 199 TRP E N   1 
ATOM   1039 C CA  . TRP A 1 147 ? -4.132  4.037   3.222   1.00 4.15  ? 199 TRP E CA  1 
ATOM   1040 C C   . TRP A 1 147 ? -4.398  5.550   2.954   1.00 4.70  ? 199 TRP E C   1 
ATOM   1041 O O   . TRP A 1 147 ? -3.432  6.262   2.606   1.00 5.91  ? 199 TRP E O   1 
ATOM   1042 C CB  . TRP A 1 147 ? -3.339  3.804   4.489   1.00 5.38  ? 199 TRP E CB  1 
ATOM   1043 C CG  . TRP A 1 147 ? -3.370  2.393   4.982   1.00 6.32  ? 199 TRP E CG  1 
ATOM   1044 C CD1 . TRP A 1 147 ? -2.752  1.306   4.412   1.00 5.86  ? 199 TRP E CD1 1 
ATOM   1045 C CD2 . TRP A 1 147 ? -3.976  1.912   6.194   1.00 7.32  ? 199 TRP E CD2 1 
ATOM   1046 N NE1 . TRP A 1 147 ? -2.986  0.161   5.174   1.00 5.27  ? 199 TRP E NE1 1 
ATOM   1047 C CE2 . TRP A 1 147 ? -3.720  0.523   6.264   1.00 6.43  ? 199 TRP E CE2 1 
ATOM   1048 C CE3 . TRP A 1 147 ? -4.755  2.519   7.167   1.00 8.28  ? 199 TRP E CE3 1 
ATOM   1049 C CZ2 . TRP A 1 147 ? -4.187  -0.265  7.286   1.00 8.02  ? 199 TRP E CZ2 1 
ATOM   1050 C CZ3 . TRP A 1 147 ? -5.213  1.725   8.250   1.00 8.67  ? 199 TRP E CZ3 1 
ATOM   1051 C CH2 . TRP A 1 147 ? -4.950  0.345   8.292   1.00 9.54  ? 199 TRP E CH2 1 
ATOM   1052 N N   . ILE A 1 148 ? -5.623  5.989   3.088   1.00 5.53  ? 200 ILE E N   1 
ATOM   1053 C CA  . ILE A 1 148 ? -5.906  7.414   2.799   1.00 5.68  ? 200 ILE E CA  1 
ATOM   1054 C C   . ILE A 1 148 ? -7.074  7.903   3.650   1.00 6.61  ? 200 ILE E C   1 
ATOM   1055 O O   . ILE A 1 148 ? -7.847  6.985   4.003   1.00 8.92  ? 200 ILE E O   1 
ATOM   1056 C CB  . ILE A 1 148 ? -6.338  7.383   1.281   1.00 7.03  ? 200 ILE E CB  1 
ATOM   1057 C CG1 . ILE A 1 148 ? -6.520  8.840   0.784   1.00 8.36  ? 200 ILE E CG1 1 
ATOM   1058 C CG2 . ILE A 1 148 ? -7.598  6.517   0.977   1.00 5.88  ? 200 ILE E CG2 1 
ATOM   1059 C CD1 . ILE A 1 148 ? -6.459  8.932   -0.780  1.00 9.99  ? 200 ILE E CD1 1 
ATOM   1060 N N   . THR A 1 149 ? -7.145  9.201   3.886   1.00 5.80  ? 201 THR E N   1 
ATOM   1061 C CA  . THR A 1 149 ? -8.305  9.707   4.647   1.00 8.31  ? 201 THR E CA  1 
ATOM   1062 C C   . THR A 1 149 ? -9.415  9.921   3.626   1.00 10.27 ? 201 THR E C   1 
ATOM   1063 O O   . THR A 1 149 ? -9.161  9.973   2.421   1.00 8.96  ? 201 THR E O   1 
ATOM   1064 C CB  . THR A 1 149 ? -7.954  10.978  5.485   1.00 9.15  ? 201 THR E CB  1 
ATOM   1065 O OG1 . THR A 1 149 ? -7.616  11.970  4.427   1.00 8.93  ? 201 THR E OG1 1 
ATOM   1066 C CG2 . THR A 1 149 ? -6.788  10.804  6.490   1.00 7.75  ? 201 THR E CG2 1 
ATOM   1067 N N   . SER A 1 150 ? -10.668 10.074  4.088   1.00 13.09 ? 202 SER E N   1 
ATOM   1068 C CA  . SER A 1 150 ? -11.768 10.291  3.129   1.00 15.91 ? 202 SER E CA  1 
ATOM   1069 C C   . SER A 1 150 ? -11.562 11.662  2.489   1.00 15.58 ? 202 SER E C   1 
ATOM   1070 O O   . SER A 1 150 ? -12.099 11.825  1.353   1.00 15.90 ? 202 SER E O   1 
ATOM   1071 C CB  . SER A 1 150 ? -13.123 10.014  3.729   1.00 19.07 ? 202 SER E CB  1 
ATOM   1072 O OG  . SER A 1 150 ? -12.990 10.935  4.854   1.00 27.43 ? 202 SER E OG  1 
ATOM   1073 N N   . ALA A 1 151 ? -10.764 12.524  3.130   1.00 13.28 ? 203 ALA E N   1 
ATOM   1074 C CA  . ALA A 1 151 ? -10.535 13.816  2.472   1.00 12.81 ? 203 ALA E CA  1 
ATOM   1075 C C   . ALA A 1 151 ? -9.431  13.685  1.406   1.00 13.63 ? 203 ALA E C   1 
ATOM   1076 O O   . ALA A 1 151 ? -9.116  14.789  0.898   1.00 15.27 ? 203 ALA E O   1 
ATOM   1077 C CB  . ALA A 1 151 ? -10.180 14.988  3.348   1.00 13.22 ? 203 ALA E CB  1 
ATOM   1078 N N   . GLY A 1 152 ? -8.861  12.508  1.201   1.00 9.80  ? 207 GLY E N   1 
ATOM   1079 C CA  . GLY A 1 152 ? -7.874  12.372  0.142   1.00 8.53  ? 207 GLY E CA  1 
ATOM   1080 C C   . GLY A 1 152 ? -6.429  12.603  0.479   1.00 7.98  ? 207 GLY E C   1 
ATOM   1081 O O   . GLY A 1 152 ? -5.650  12.797  -0.468  1.00 9.47  ? 207 GLY E O   1 
ATOM   1082 N N   . GLN A 1 153 ? -6.095  12.578  1.749   1.00 7.44  ? 208 GLN E N   1 
ATOM   1083 C CA  . GLN A 1 153 ? -4.677  12.740  2.130   1.00 6.36  ? 208 GLN E CA  1 
ATOM   1084 C C   . GLN A 1 153 ? -4.133  11.297  2.233   1.00 6.66  ? 208 GLN E C   1 
ATOM   1085 O O   . GLN A 1 153 ? -4.579  10.517  3.135   1.00 6.72  ? 208 GLN E O   1 
ATOM   1086 C CB  . GLN A 1 153 ? -4.636  13.562  3.425   1.00 8.22  ? 208 GLN E CB  1 
ATOM   1087 C CG  . GLN A 1 153 ? -5.194  14.994  3.216   1.00 8.04  ? 208 GLN E CG  1 
ATOM   1088 C CD  . GLN A 1 153 ? -4.376  15.743  2.208   1.00 10.35 ? 208 GLN E CD  1 
ATOM   1089 O OE1 . GLN A 1 153 ? -3.148  15.655  2.125   1.00 9.54  ? 208 GLN E OE1 1 
ATOM   1090 N NE2 . GLN A 1 153 ? -5.132  16.519  1.398   1.00 11.04 ? 208 GLN E NE2 1 
ATOM   1091 N N   . ALA A 1 154 ? -3.214  11.047  1.318   1.00 5.96  ? 209 ALA E N   1 
ATOM   1092 C CA  . ALA A 1 154 ? -2.579  9.687   1.296   1.00 5.82  ? 209 ALA E CA  1 
ATOM   1093 C C   . ALA A 1 154 ? -1.677  9.482   2.512   1.00 7.73  ? 209 ALA E C   1 
ATOM   1094 O O   . ALA A 1 154 ? -0.786  10.313  2.799   1.00 8.19  ? 209 ALA E O   1 
ATOM   1095 C CB  . ALA A 1 154 ? -1.705  9.729   0.047   1.00 3.64  ? 209 ALA E CB  1 
ATOM   1096 N N   . GLN A 1 155 ? -1.889  8.406   3.290   1.00 5.15  ? 210 GLN E N   1 
ATOM   1097 C CA  . GLN A 1 155 ? -1.119  8.159   4.517   1.00 7.33  ? 210 GLN E CA  1 
ATOM   1098 C C   . GLN A 1 155 ? 0.072   7.163   4.422   1.00 6.18  ? 210 GLN E C   1 
ATOM   1099 O O   . GLN A 1 155 ? 1.098   7.331   5.103   1.00 6.52  ? 210 GLN E O   1 
ATOM   1100 C CB  . GLN A 1 155 ? -2.071  7.607   5.611   1.00 6.12  ? 210 GLN E CB  1 
ATOM   1101 C CG  . GLN A 1 155 ? -3.270  8.548   5.946   1.00 6.01  ? 210 GLN E CG  1 
ATOM   1102 C CD  . GLN A 1 155 ? -2.711  9.847   6.402   1.00 6.01  ? 210 GLN E CD  1 
ATOM   1103 O OE1 . GLN A 1 155 ? -1.992  10.002  7.376   1.00 6.90  ? 210 GLN E OE1 1 
ATOM   1104 N NE2 . GLN A 1 155 ? -2.987  10.929  5.632   1.00 7.68  ? 210 GLN E NE2 1 
ATOM   1105 N N   . GLY A 1 156 ? -0.086  6.151   3.565   1.00 6.51  ? 211 GLY E N   1 
ATOM   1106 C CA  . GLY A 1 156 ? 0.997   5.155   3.492   1.00 4.79  ? 211 GLY E CA  1 
ATOM   1107 C C   . GLY A 1 156 ? 0.494   3.891   2.783   1.00 5.21  ? 211 GLY E C   1 
ATOM   1108 O O   . GLY A 1 156 ? -0.600  3.954   2.135   1.00 4.00  ? 211 GLY E O   1 
ATOM   1109 N N   . VAL A 1 157 ? 1.353   2.881   2.900   1.00 4.78  ? 212 VAL E N   1 
ATOM   1110 C CA  . VAL A 1 157 ? 0.992   1.624   2.162   1.00 4.69  ? 212 VAL E CA  1 
ATOM   1111 C C   . VAL A 1 157 ? 0.958   0.455   3.136   1.00 4.64  ? 212 VAL E C   1 
ATOM   1112 O O   . VAL A 1 157 ? 1.770   0.374   4.055   1.00 6.42  ? 212 VAL E O   1 
ATOM   1113 C CB  . VAL A 1 157 ? 1.986   1.383   0.999   1.00 6.47  ? 212 VAL E CB  1 
ATOM   1114 C CG1 . VAL A 1 157 ? 1.871   2.440   -0.107  1.00 7.46  ? 212 VAL E CG1 1 
ATOM   1115 C CG2 . VAL A 1 157 ? 3.403   1.276   1.541   1.00 5.82  ? 212 VAL E CG2 1 
ATOM   1116 N N   . MET A 1 158 ? -0.009  -0.432  2.846   1.00 5.54  ? 213 MET E N   1 
ATOM   1117 C CA  . MET A 1 158 ? -0.235  -1.663  3.699   1.00 5.53  ? 213 MET E CA  1 
ATOM   1118 C C   . MET A 1 158 ? 1.032   -2.517  3.832   1.00 5.22  ? 213 MET E C   1 
ATOM   1119 O O   . MET A 1 158 ? 1.638   -2.924  2.841   1.00 4.15  ? 213 MET E O   1 
ATOM   1120 C CB  . MET A 1 158 ? -1.417  -2.456  3.076   1.00 3.12  ? 213 MET E CB  1 
ATOM   1121 C CG  . MET A 1 158 ? -1.676  -3.733  3.920   1.00 5.18  ? 213 MET E CG  1 
ATOM   1122 S SD  . MET A 1 158 ? -2.869  -3.270  5.248   1.00 7.25  ? 213 MET E SD  1 
ATOM   1123 C CE  . MET A 1 158 ? -1.970  -3.841  6.669   1.00 6.71  ? 213 MET E CE  1 
ATOM   1124 N N   . SER A 1 159 ? 1.474   -2.829  5.078   1.00 4.41  ? 214 SER E N   1 
ATOM   1125 C CA  . SER A 1 159 ? 2.620   -3.680  5.312   1.00 3.78  ? 214 SER E CA  1 
ATOM   1126 C C   . SER A 1 159 ? 2.136   -5.078  5.823   1.00 5.28  ? 214 SER E C   1 
ATOM   1127 O O   . SER A 1 159 ? 2.338   -6.117  5.158   1.00 6.22  ? 214 SER E O   1 
ATOM   1128 C CB  . SER A 1 159 ? 3.546   -3.143  6.375   1.00 4.98  ? 214 SER E CB  1 
ATOM   1129 O OG  . SER A 1 159 ? 4.672   -4.021  6.573   1.00 5.72  ? 214 SER E OG  1 
ATOM   1130 N N   . GLY A 1 160 ? 1.514   -5.109  6.983   1.00 6.66  ? 215 GLY E N   1 
ATOM   1131 C CA  . GLY A 1 160 ? 1.080   -6.397  7.546   1.00 5.74  ? 215 GLY E CA  1 
ATOM   1132 C C   . GLY A 1 160 ? 0.331   -6.230  8.850   1.00 8.19  ? 215 GLY E C   1 
ATOM   1133 O O   . GLY A 1 160 ? -0.193  -5.163  9.203   1.00 7.36  ? 215 GLY E O   1 
ATOM   1134 N N   . GLY A 1 161 ? 0.273   -7.357  9.559   1.00 6.97  ? 216 GLY E N   1 
ATOM   1135 C CA  . GLY A 1 161 ? -0.435  -7.392  10.856  1.00 9.61  ? 216 GLY E CA  1 
ATOM   1136 C C   . GLY A 1 161 ? -0.925  -8.782  11.318  1.00 9.11  ? 216 GLY E C   1 
ATOM   1137 O O   . GLY A 1 161 ? -0.282  -9.743  10.862  1.00 10.36 ? 216 GLY E O   1 
ATOM   1138 N N   . ASN A 1 162 ? -1.926  -8.705  12.220  1.00 8.15  ? 217 ASN E N   1 
ATOM   1139 C CA  . ASN A 1 162 ? -2.353  -10.010 12.830  1.00 8.35  ? 217 ASN E CA  1 
ATOM   1140 C C   . ASN A 1 162 ? -3.435  -10.762 12.091  1.00 9.11  ? 217 ASN E C   1 
ATOM   1141 O O   . ASN A 1 162 ? -4.618  -10.921 12.459  1.00 10.39 ? 217 ASN E O   1 
ATOM   1142 C CB  . ASN A 1 162 ? -2.663  -9.735  14.297  1.00 9.30  ? 217 ASN E CB  1 
ATOM   1143 C CG  . ASN A 1 162 ? -3.849  -8.836  14.476  1.00 11.43 ? 217 ASN E CG  1 
ATOM   1144 O OD1 . ASN A 1 162 ? -4.324  -7.988  13.696  1.00 12.73 ? 217 ASN E OD1 1 
ATOM   1145 N ND2 . ASN A 1 162 ? -4.544  -9.044  15.632  1.00 11.38 ? 217 ASN E ND2 1 
ATOM   1146 N N   . VAL A 1 163 A -2.946  -11.281 10.971  1.00 11.81 ? 217 VAL E N   1 
ATOM   1147 C CA  . VAL A 1 163 A -3.868  -12.069 10.098  1.00 14.46 ? 217 VAL E CA  1 
ATOM   1148 C C   . VAL A 1 163 A -4.214  -13.321 10.921  1.00 13.17 ? 217 VAL E C   1 
ATOM   1149 O O   . VAL A 1 163 A -3.329  -13.875 11.584  1.00 13.03 ? 217 VAL E O   1 
ATOM   1150 C CB  . VAL A 1 163 A -3.342  -12.354 8.686   1.00 17.22 ? 217 VAL E CB  1 
ATOM   1151 C CG1 . VAL A 1 163 A -2.566  -11.227 8.059   1.00 20.30 ? 217 VAL E CG1 1 
ATOM   1152 C CG2 . VAL A 1 163 A -2.329  -13.479 8.721   1.00 21.37 ? 217 VAL E CG2 1 
ATOM   1153 N N   . GLN A 1 164 B -5.449  -13.725 10.795  1.00 12.26 ? 217 GLN E N   1 
ATOM   1154 C CA  . GLN A 1 164 B -5.938  -14.952 11.473  1.00 12.42 ? 217 GLN E CA  1 
ATOM   1155 C C   . GLN A 1 164 B -5.840  -16.100 10.465  1.00 11.95 ? 217 GLN E C   1 
ATOM   1156 O O   . GLN A 1 164 B -5.446  -15.949 9.294   1.00 11.63 ? 217 GLN E O   1 
ATOM   1157 C CB  . GLN A 1 164 B -7.348  -14.683 11.979  1.00 12.90 ? 217 GLN E CB  1 
ATOM   1158 C CG  . GLN A 1 164 B -7.445  -13.381 12.757  1.00 14.68 ? 217 GLN E CG  1 
ATOM   1159 C CD  . GLN A 1 164 B -6.613  -13.517 14.030  1.00 18.68 ? 217 GLN E CD  1 
ATOM   1160 O OE1 . GLN A 1 164 B -6.975  -14.363 14.855  1.00 19.84 ? 217 GLN E OE1 1 
ATOM   1161 N NE2 . GLN A 1 164 B -5.532  -12.751 14.229  1.00 16.30 ? 217 GLN E NE2 1 
ATOM   1162 N N   . SER A 1 165 C -6.311  -17.261 10.876  1.00 12.71 ? 217 SER E N   1 
ATOM   1163 C CA  . SER A 1 165 C -6.262  -18.450 9.996   1.00 15.03 ? 217 SER E CA  1 
ATOM   1164 C C   . SER A 1 165 C -7.128  -18.310 8.750   1.00 13.00 ? 217 SER E C   1 
ATOM   1165 O O   . SER A 1 165 C -6.740  -19.058 7.816   1.00 13.90 ? 217 SER E O   1 
ATOM   1166 C CB  . SER A 1 165 C -6.444  -19.732 10.828  1.00 17.08 ? 217 SER E CB  1 
ATOM   1167 O OG  . SER A 1 165 C -7.766  -19.589 11.336  1.00 22.06 ? 217 SER E OG  1 
ATOM   1168 N N   . ASN A 1 166 D -8.119  -17.450 8.711   1.00 8.95  ? 217 ASN E N   1 
ATOM   1169 C CA  . ASN A 1 166 D -8.883  -17.338 7.446   1.00 8.95  ? 217 ASN E CA  1 
ATOM   1170 C C   . ASN A 1 166 D -8.196  -16.381 6.483   1.00 9.03  ? 217 ASN E C   1 
ATOM   1171 O O   . ASN A 1 166 D -8.733  -16.026 5.434   1.00 8.35  ? 217 ASN E O   1 
ATOM   1172 C CB  . ASN A 1 166 D -10.287 -16.897 7.791   1.00 10.02 ? 217 ASN E CB  1 
ATOM   1173 C CG  . ASN A 1 166 D -10.252 -15.483 8.376   1.00 11.75 ? 217 ASN E CG  1 
ATOM   1174 O OD1 . ASN A 1 166 D -9.249  -14.853 8.808   1.00 9.46  ? 217 ASN E OD1 1 
ATOM   1175 N ND2 . ASN A 1 166 D -11.498 -15.001 8.413   1.00 11.47 ? 217 ASN E ND2 1 
ATOM   1176 N N   . GLY A 1 167 E -6.985  -15.953 6.813   1.00 8.30  ? 217 GLY E N   1 
ATOM   1177 C CA  . GLY A 1 167 E -6.235  -15.041 5.923   1.00 9.50  ? 217 GLY E CA  1 
ATOM   1178 C C   . GLY A 1 167 E -6.486  -13.531 6.069   1.00 9.68  ? 217 GLY E C   1 
ATOM   1179 O O   . GLY A 1 167 E -5.915  -12.773 5.262   1.00 9.45  ? 217 GLY E O   1 
ATOM   1180 N N   . ASN A 1 168 ? -7.292  -13.128 7.042   1.00 7.49  ? 218 ASN E N   1 
ATOM   1181 C CA  . ASN A 1 168 ? -7.511  -11.683 7.246   1.00 8.47  ? 218 ASN E CA  1 
ATOM   1182 C C   . ASN A 1 168 ? -7.689  -11.476 8.752   1.00 9.39  ? 218 ASN E C   1 
ATOM   1183 O O   . ASN A 1 168 ? -7.653  -12.452 9.537   1.00 9.53  ? 218 ASN E O   1 
ATOM   1184 C CB  . ASN A 1 168 ? -8.681  -11.198 6.390   1.00 8.51  ? 218 ASN E CB  1 
ATOM   1185 C CG  . ASN A 1 168 ? -9.991  -11.912 6.727   1.00 10.73 ? 218 ASN E CG  1 
ATOM   1186 O OD1 . ASN A 1 168 ? -10.523 -11.694 7.809   1.00 12.09 ? 218 ASN E OD1 1 
ATOM   1187 N ND2 . ASN A 1 168 ? -10.523 -12.701 5.813   1.00 9.04  ? 218 ASN E ND2 1 
ATOM   1188 N N   . ASN A 1 169 ? -7.950  -10.252 9.139   1.00 8.01  ? 219 ASN E N   1 
ATOM   1189 C CA  . ASN A 1 169 ? -8.239  -9.912  10.555  1.00 8.32  ? 219 ASN E CA  1 
ATOM   1190 C C   . ASN A 1 169 ? -9.651  -9.290  10.507  1.00 8.10  ? 219 ASN E C   1 
ATOM   1191 O O   . ASN A 1 169 ? -10.002 -8.593  11.470  1.00 9.28  ? 219 ASN E O   1 
ATOM   1192 C CB  . ASN A 1 169 ? -7.186  -9.112  11.303  1.00 6.87  ? 219 ASN E CB  1 
ATOM   1193 C CG  . ASN A 1 169 ? -6.861  -7.727  10.735  1.00 6.45  ? 219 ASN E CG  1 
ATOM   1194 O OD1 . ASN A 1 169 ? -7.560  -7.277  9.797   1.00 6.22  ? 219 ASN E OD1 1 
ATOM   1195 N ND2 . ASN A 1 169 ? -5.836  -7.046  11.236  1.00 7.40  ? 219 ASN E ND2 1 
ATOM   1196 N N   . CYS A 1 170 ? -10.449 -9.513  9.485   1.00 6.67  ? 220 CYS E N   1 
ATOM   1197 C CA  . CYS A 1 170 ? -11.797 -8.932  9.445   1.00 8.82  ? 220 CYS E CA  1 
ATOM   1198 C C   . CYS A 1 170 ? -12.751 -9.696  10.359  1.00 10.80 ? 220 CYS E C   1 
ATOM   1199 O O   . CYS A 1 170 ? -13.743 -9.071  10.695  1.00 12.14 ? 220 CYS E O   1 
ATOM   1200 C CB  . CYS A 1 170 ? -12.403 -8.903  8.042   1.00 8.48  ? 220 CYS E CB  1 
ATOM   1201 S SG  . CYS A 1 170 ? -11.332 -7.930  6.897   1.00 11.65 ? 220 CYS E SG  1 
ATOM   1202 N N   . GLY A 1 171 ? -12.520 -10.912 10.765  1.00 12.38 ? 221 GLY E N   1 
ATOM   1203 C CA  . GLY A 1 171 ? -13.406 -11.685 11.592  1.00 13.94 ? 221 GLY E CA  1 
ATOM   1204 C C   . GLY A 1 171 ? -13.179 -11.422 13.048  1.00 16.88 ? 221 GLY E C   1 
ATOM   1205 O O   . GLY A 1 171 ? -13.839 -12.140 13.804  1.00 19.34 ? 221 GLY E O   1 
ATOM   1206 N N   . ILE A 1 172 A -12.341 -10.548 13.537  1.00 16.88 ? 221 ILE E N   1 
ATOM   1207 C CA  . ILE A 1 172 A -12.077 -10.199 14.915  1.00 16.17 ? 221 ILE E CA  1 
ATOM   1208 C C   . ILE A 1 172 A -12.463 -8.720  15.063  1.00 17.94 ? 221 ILE E C   1 
ATOM   1209 O O   . ILE A 1 172 A -12.464 -8.007  14.068  1.00 20.09 ? 221 ILE E O   1 
ATOM   1210 C CB  . ILE A 1 172 A -10.663 -10.484 15.440  1.00 13.90 ? 221 ILE E CB  1 
ATOM   1211 C CG1 . ILE A 1 172 A -9.645  -9.672  14.636  1.00 12.16 ? 221 ILE E CG1 1 
ATOM   1212 C CG2 . ILE A 1 172 A -10.508 -12.025 15.380  1.00 13.00 ? 221 ILE E CG2 1 
ATOM   1213 C CD1 . ILE A 1 172 A -8.180  -9.737  15.166  1.00 10.01 ? 221 ILE E CD1 1 
ATOM   1214 N N   . PRO A 1 173 B -12.847 -8.351  16.266  1.00 19.84 ? 221 PRO E N   1 
ATOM   1215 C CA  . PRO A 1 173 B -13.334 -6.980  16.518  1.00 18.96 ? 221 PRO E CA  1 
ATOM   1216 C C   . PRO A 1 173 B -12.252 -5.956  16.252  1.00 16.27 ? 221 PRO E C   1 
ATOM   1217 O O   . PRO A 1 173 B -11.100 -6.317  16.445  1.00 15.11 ? 221 PRO E O   1 
ATOM   1218 C CB  . PRO A 1 173 B -13.944 -7.102  17.908  1.00 21.04 ? 221 PRO E CB  1 
ATOM   1219 C CG  . PRO A 1 173 B -13.385 -8.337  18.586  1.00 20.37 ? 221 PRO E CG  1 
ATOM   1220 C CD  . PRO A 1 173 B -12.858 -9.213  17.475  1.00 20.09 ? 221 PRO E CD  1 
ATOM   1221 N N   . ALA A 1 174 C -12.630 -4.758  15.890  1.00 15.49 ? 221 ALA E N   1 
ATOM   1222 C CA  . ALA A 1 174 C -11.681 -3.679  15.595  1.00 14.49 ? 221 ALA E CA  1 
ATOM   1223 C C   . ALA A 1 174 C -10.747 -3.509  16.768  1.00 15.47 ? 221 ALA E C   1 
ATOM   1224 O O   . ALA A 1 174 C -9.550  -3.216  16.536  1.00 14.27 ? 221 ALA E O   1 
ATOM   1225 C CB  . ALA A 1 174 C -12.395 -2.380  15.316  1.00 13.40 ? 221 ALA E CB  1 
ATOM   1226 N N   . SER A 1 175 ? -11.231 -3.676  17.999  1.00 16.46 ? 222 SER E N   1 
ATOM   1227 C CA  . SER A 1 175 ? -10.304 -3.501  19.139  1.00 17.64 ? 222 SER E CA  1 
ATOM   1228 C C   . SER A 1 175 ? -9.127  -4.459  19.136  1.00 17.81 ? 222 SER E C   1 
ATOM   1229 O O   . SER A 1 175 ? -8.110  -4.115  19.776  1.00 19.03 ? 222 SER E O   1 
ATOM   1230 C CB  . SER A 1 175 ? -10.956 -3.644  20.523  1.00 20.18 ? 222 SER E CB  1 
ATOM   1231 O OG  . SER A 1 175 ? -11.768 -4.842  20.597  1.00 24.19 ? 222 SER E OG  1 
ATOM   1232 N N   . GLN A 1 176 ? -9.207  -5.610  18.512  1.00 16.41 ? 223 GLN E N   1 
ATOM   1233 C CA  . GLN A 1 176 ? -8.136  -6.577  18.523  1.00 16.28 ? 223 GLN E CA  1 
ATOM   1234 C C   . GLN A 1 176 ? -7.334  -6.568  17.230  1.00 15.00 ? 223 GLN E C   1 
ATOM   1235 O O   . GLN A 1 176 ? -6.475  -7.459  17.168  1.00 12.97 ? 223 GLN E O   1 
ATOM   1236 C CB  . GLN A 1 176 ? -8.836  -7.938  18.654  1.00 21.57 ? 223 GLN E CB  1 
ATOM   1237 C CG  . GLN A 1 176 ? -9.365  -8.017  20.097  1.00 29.48 ? 223 GLN E CG  1 
ATOM   1238 C CD  . GLN A 1 176 ? -10.256 -9.260  20.127  1.00 36.21 ? 223 GLN E CD  1 
ATOM   1239 O OE1 . GLN A 1 176 ? -9.957  -10.270 19.425  1.00 38.99 ? 223 GLN E OE1 1 
ATOM   1240 N NE2 . GLN A 1 176 ? -11.335 -9.138  20.937  1.00 38.25 ? 223 GLN E NE2 1 
ATOM   1241 N N   . ARG A 1 177 ? -7.627  -5.661  16.335  1.00 12.41 ? 224 ARG E N   1 
ATOM   1242 C CA  . ARG A 1 177 ? -6.846  -5.706  15.061  1.00 10.50 ? 224 ARG E CA  1 
ATOM   1243 C C   . ARG A 1 177 ? -5.581  -4.898  15.093  1.00 12.05 ? 224 ARG E C   1 
ATOM   1244 O O   . ARG A 1 177 ? -5.681  -3.763  15.634  1.00 13.05 ? 224 ARG E O   1 
ATOM   1245 C CB  . ARG A 1 177 ? -7.741  -5.087  13.989  1.00 8.93  ? 224 ARG E CB  1 
ATOM   1246 C CG  . ARG A 1 177 ? -8.976  -5.944  13.744  1.00 9.03  ? 224 ARG E CG  1 
ATOM   1247 C CD  . ARG A 1 177 ? -9.748  -5.295  12.636  1.00 10.80 ? 224 ARG E CD  1 
ATOM   1248 N NE  . ARG A 1 177 ? -11.075 -5.850  12.598  1.00 10.91 ? 224 ARG E NE  1 
ATOM   1249 C CZ  . ARG A 1 177 ? -12.159 -5.195  12.243  1.00 12.85 ? 224 ARG E CZ  1 
ATOM   1250 N NH1 . ARG A 1 177 ? -12.076 -3.924  11.874  1.00 13.71 ? 224 ARG E NH1 1 
ATOM   1251 N NH2 . ARG A 1 177 ? -13.291 -5.903  12.267  1.00 15.11 ? 224 ARG E NH2 1 
ATOM   1252 N N   . SER A 1 178 ? -4.501  -5.361  14.508  1.00 12.13 ? 225 SER E N   1 
ATOM   1253 C CA  . SER A 1 178 ? -3.278  -4.541  14.409  1.00 11.70 ? 225 SER E CA  1 
ATOM   1254 C C   . SER A 1 178 ? -3.056  -4.562  12.875  1.00 11.92 ? 225 SER E C   1 
ATOM   1255 O O   . SER A 1 178 ? -2.649  -5.675  12.412  1.00 11.81 ? 225 SER E O   1 
ATOM   1256 C CB  . SER A 1 178 ? -2.101  -5.237  15.068  1.00 13.32 ? 225 SER E CB  1 
ATOM   1257 O OG  . SER A 1 178 ? -0.944  -4.427  14.838  1.00 16.86 ? 225 SER E OG  1 
ATOM   1258 N N   . SER A 1 179 ? -3.307  -3.463  12.197  1.00 7.47  ? 226 SER E N   1 
ATOM   1259 C CA  . SER A 1 179 ? -3.132  -3.416  10.718  1.00 6.50  ? 226 SER E CA  1 
ATOM   1260 C C   . SER A 1 179 ? -2.081  -2.339  10.553  1.00 7.99  ? 226 SER E C   1 
ATOM   1261 O O   . SER A 1 179 ? -2.437  -1.202  10.928  1.00 8.62  ? 226 SER E O   1 
ATOM   1262 C CB  . SER A 1 179 ? -4.464  -3.103  10.049  1.00 6.07  ? 226 SER E CB  1 
ATOM   1263 O OG  . SER A 1 179 ? -5.360  -4.212  10.219  1.00 6.64  ? 226 SER E OG  1 
ATOM   1264 N N   . LEU A 1 180 ? -0.896  -2.684  10.077  1.00 5.98  ? 227 LEU E N   1 
ATOM   1265 C CA  . LEU A 1 180 ? 0.232   -1.750  10.009  1.00 7.46  ? 227 LEU E CA  1 
ATOM   1266 C C   . LEU A 1 180 ? 0.570   -1.192  8.640   1.00 6.97  ? 227 LEU E C   1 
ATOM   1267 O O   . LEU A 1 180 ? 0.499   -2.002  7.695   1.00 7.96  ? 227 LEU E O   1 
ATOM   1268 C CB  . LEU A 1 180 ? 1.443   -2.478  10.589  1.00 8.42  ? 227 LEU E CB  1 
ATOM   1269 C CG  . LEU A 1 180 ? 1.195   -3.087  11.993  1.00 9.92  ? 227 LEU E CG  1 
ATOM   1270 C CD1 . LEU A 1 180 ? 2.368   -4.006  12.344  1.00 11.84 ? 227 LEU E CD1 1 
ATOM   1271 C CD2 . LEU A 1 180 ? 0.975   -1.992  13.014  1.00 10.36 ? 227 LEU E CD2 1 
ATOM   1272 N N   . PHE A 1 181 ? 0.907   0.096   8.600   1.00 6.13  ? 228 PHE E N   1 
ATOM   1273 C CA  . PHE A 1 181 ? 1.228   0.673   7.274   1.00 5.51  ? 228 PHE E CA  1 
ATOM   1274 C C   . PHE A 1 181 ? 2.526   1.452   7.381   1.00 6.23  ? 228 PHE E C   1 
ATOM   1275 O O   . PHE A 1 181 ? 2.807   1.975   8.470   1.00 6.41  ? 228 PHE E O   1 
ATOM   1276 C CB  . PHE A 1 181 ? 0.080   1.457   6.679   1.00 5.02  ? 228 PHE E CB  1 
ATOM   1277 C CG  . PHE A 1 181 ? -0.369  2.717   7.367   1.00 6.93  ? 228 PHE E CG  1 
ATOM   1278 C CD1 . PHE A 1 181 ? 0.343   3.915   7.127   1.00 6.26  ? 228 PHE E CD1 1 
ATOM   1279 C CD2 . PHE A 1 181 ? -1.452  2.703   8.221   1.00 6.43  ? 228 PHE E CD2 1 
ATOM   1280 C CE1 . PHE A 1 181 ? -0.081  5.086   7.714   1.00 8.40  ? 228 PHE E CE1 1 
ATOM   1281 C CE2 . PHE A 1 181 ? -1.918  3.893   8.806   1.00 6.09  ? 228 PHE E CE2 1 
ATOM   1282 C CZ  . PHE A 1 181 ? -1.265  5.073   8.516   1.00 6.66  ? 228 PHE E CZ  1 
ATOM   1283 N N   . GLU A 1 182 ? 3.212   1.453   6.262   1.00 4.87  ? 229 GLU E N   1 
ATOM   1284 C CA  . GLU A 1 182 ? 4.493   2.211   6.177   1.00 6.12  ? 229 GLU E CA  1 
ATOM   1285 C C   . GLU A 1 182 ? 4.052   3.628   5.772   1.00 4.87  ? 229 GLU E C   1 
ATOM   1286 O O   . GLU A 1 182 ? 3.243   3.808   4.858   1.00 4.94  ? 229 GLU E O   1 
ATOM   1287 C CB  . GLU A 1 182 ? 5.298   1.606   4.999   1.00 5.11  ? 229 GLU E CB  1 
ATOM   1288 C CG  . GLU A 1 182 ? 6.565   2.309   4.553   1.00 6.36  ? 229 GLU E CG  1 
ATOM   1289 C CD  . GLU A 1 182 ? 7.698   2.104   5.537   1.00 9.76  ? 229 GLU E CD  1 
ATOM   1290 O OE1 . GLU A 1 182 ? 7.576   2.169   6.782   1.00 10.60 ? 229 GLU E OE1 1 
ATOM   1291 O OE2 . GLU A 1 182 ? 8.794   1.868   4.941   1.00 8.67  ? 229 GLU E OE2 1 
ATOM   1292 N N   . ARG A 1 183 ? 4.564   4.618   6.463   1.00 6.57  ? 230 ARG E N   1 
ATOM   1293 C CA  . ARG A 1 183 ? 4.212   6.052   6.220   1.00 7.50  ? 230 ARG E CA  1 
ATOM   1294 C C   . ARG A 1 183 ? 4.583   6.472   4.799   1.00 7.97  ? 230 ARG E C   1 
ATOM   1295 O O   . ARG A 1 183 ? 5.655   6.021   4.372   1.00 6.39  ? 230 ARG E O   1 
ATOM   1296 C CB  . ARG A 1 183 ? 5.044   6.938   7.178   1.00 6.31  ? 230 ARG E CB  1 
ATOM   1297 C CG  . ARG A 1 183 ? 4.537   6.830   8.613   1.00 10.04 ? 230 ARG E CG  1 
ATOM   1298 C CD  . ARG A 1 183 ? 5.472   7.488   9.633   1.00 11.97 ? 230 ARG E CD  1 
ATOM   1299 N NE  . ARG A 1 183 ? 5.704   8.879   9.241   1.00 12.95 ? 230 ARG E NE  1 
ATOM   1300 C CZ  . ARG A 1 183 ? 6.871   9.420   8.987   1.00 14.38 ? 230 ARG E CZ  1 
ATOM   1301 N NH1 . ARG A 1 183 ? 8.061   8.828   9.111   1.00 13.06 ? 230 ARG E NH1 1 
ATOM   1302 N NH2 . ARG A 1 183 ? 6.913   10.697  8.521   1.00 16.25 ? 230 ARG E NH2 1 
ATOM   1303 N N   . LEU A 1 184 ? 3.791   7.255   4.093   1.00 7.77  ? 231 LEU E N   1 
ATOM   1304 C CA  . LEU A 1 184 ? 4.213   7.603   2.707   1.00 5.24  ? 231 LEU E CA  1 
ATOM   1305 C C   . LEU A 1 184 ? 5.293   8.655   2.663   1.00 6.95  ? 231 LEU E C   1 
ATOM   1306 O O   . LEU A 1 184 ? 6.140   8.627   1.747   1.00 6.75  ? 231 LEU E O   1 
ATOM   1307 C CB  . LEU A 1 184 ? 2.879   8.125   2.081   1.00 5.29  ? 231 LEU E CB  1 
ATOM   1308 C CG  . LEU A 1 184 ? 3.022   8.537   0.612   1.00 7.51  ? 231 LEU E CG  1 
ATOM   1309 C CD1 . LEU A 1 184 ? 3.520   7.374   -0.250  1.00 8.15  ? 231 LEU E CD1 1 
ATOM   1310 C CD2 . LEU A 1 184 ? 1.689   9.080   0.080   1.00 6.47  ? 231 LEU E CD2 1 
ATOM   1311 N N   . GLN A 1 185 ? 5.282   9.653   3.577   1.00 7.96  ? 232 GLN E N   1 
ATOM   1312 C CA  . GLN A 1 185 ? 6.274   10.747  3.505   1.00 9.39  ? 232 GLN E CA  1 
ATOM   1313 C C   . GLN A 1 185 ? 7.692   10.302  3.268   1.00 8.58  ? 232 GLN E C   1 
ATOM   1314 O O   . GLN A 1 185 ? 8.302   10.790  2.304   1.00 9.66  ? 232 GLN E O   1 
ATOM   1315 C CB  . GLN A 1 185 ? 6.174   11.727  4.681   1.00 13.08 ? 232 GLN E CB  1 
ATOM   1316 C CG  . GLN A 1 185 ? 4.910   12.564  4.401   1.00 20.38 ? 232 GLN E CG  1 
ATOM   1317 C CD  . GLN A 1 185 ? 4.572   13.475  5.570   1.00 25.89 ? 232 GLN E CD  1 
ATOM   1318 O OE1 . GLN A 1 185 ? 5.211   13.589  6.657   1.00 28.53 ? 232 GLN E OE1 1 
ATOM   1319 N NE2 . GLN A 1 185 ? 3.408   14.133  5.399   1.00 26.75 ? 232 GLN E NE2 1 
ATOM   1320 N N   . PRO A 1 186 ? 8.265   9.436   4.058   1.00 8.64  ? 233 PRO E N   1 
ATOM   1321 C CA  . PRO A 1 186 ? 9.631   8.975   3.861   1.00 8.35  ? 233 PRO E CA  1 
ATOM   1322 C C   . PRO A 1 186 ? 9.844   8.248   2.548   1.00 7.79  ? 233 PRO E C   1 
ATOM   1323 O O   . PRO A 1 186 ? 11.015  8.243   2.094   1.00 9.76  ? 233 PRO E O   1 
ATOM   1324 C CB  . PRO A 1 186 ? 9.935   8.133   5.095   1.00 9.34  ? 233 PRO E CB  1 
ATOM   1325 C CG  . PRO A 1 186 ? 8.583   7.703   5.516   1.00 11.03 ? 233 PRO E CG  1 
ATOM   1326 C CD  . PRO A 1 186 ? 7.575   8.828   5.232   1.00 8.99  ? 233 PRO E CD  1 
ATOM   1327 N N   . ILE A 1 187 ? 8.835   7.584   2.007   1.00 4.94  ? 234 ILE E N   1 
ATOM   1328 C CA  . ILE A 1 187 ? 9.066   6.900   0.718   1.00 5.45  ? 234 ILE E CA  1 
ATOM   1329 C C   . ILE A 1 187 ? 9.162   8.032   -0.338  1.00 6.84  ? 234 ILE E C   1 
ATOM   1330 O O   . ILE A 1 187 ? 10.012  7.896   -1.219  1.00 7.43  ? 234 ILE E O   1 
ATOM   1331 C CB  . ILE A 1 187 ? 7.822   5.969   0.431   1.00 7.24  ? 234 ILE E CB  1 
ATOM   1332 C CG1 . ILE A 1 187 ? 7.583   4.960   1.584   1.00 5.82  ? 234 ILE E CG1 1 
ATOM   1333 C CG2 . ILE A 1 187 ? 7.986   5.287   -0.968  1.00 7.41  ? 234 ILE E CG2 1 
ATOM   1334 C CD1 . ILE A 1 187 ? 6.251   4.137   1.296   1.00 7.42  ? 234 ILE E CD1 1 
ATOM   1335 N N   . LEU A 1 188 ? 8.325   9.081   -0.329  1.00 5.08  ? 235 LEU E N   1 
ATOM   1336 C CA  . LEU A 1 188 ? 8.405   10.108  -1.354  1.00 6.71  ? 235 LEU E CA  1 
ATOM   1337 C C   . LEU A 1 188 ? 9.781   10.806  -1.335  1.00 6.62  ? 235 LEU E C   1 
ATOM   1338 O O   . LEU A 1 188 ? 10.346  11.011  -2.414  1.00 8.22  ? 235 LEU E O   1 
ATOM   1339 C CB  . LEU A 1 188 ? 7.298   11.126  -1.137  1.00 5.59  ? 235 LEU E CB  1 
ATOM   1340 C CG  . LEU A 1 188 ? 5.884   10.564  -1.201  1.00 8.09  ? 235 LEU E CG  1 
ATOM   1341 C CD1 . LEU A 1 188 ? 4.939   11.750  -0.938  1.00 8.28  ? 235 LEU E CD1 1 
ATOM   1342 C CD2 . LEU A 1 188 ? 5.669   9.923   -2.569  1.00 8.34  ? 235 LEU E CD2 1 
ATOM   1343 N N   . SER A 1 189 A 10.232  11.121  -0.132  1.00 6.46  ? 235 SER E N   1 
ATOM   1344 C CA  . SER A 1 189 A 11.538  11.804  -0.052  1.00 6.73  ? 235 SER E CA  1 
ATOM   1345 C C   . SER A 1 189 A 12.685  10.869  -0.362  1.00 8.04  ? 235 SER E C   1 
ATOM   1346 O O   . SER A 1 189 A 13.659  11.265  -1.019  1.00 8.65  ? 235 SER E O   1 
ATOM   1347 C CB  . SER A 1 189 A 11.592  12.608  1.241   1.00 9.01  ? 235 SER E CB  1 
ATOM   1348 O OG  . SER A 1 189 A 11.602  11.749  2.332   1.00 10.79 ? 235 SER E OG  1 
ATOM   1349 N N   . GLN A 1 190 ? 12.667  9.641   0.114   1.00 6.44  ? 236 GLN E N   1 
ATOM   1350 C CA  . GLN A 1 190 ? 13.781  8.715   -0.121  1.00 6.68  ? 236 GLN E CA  1 
ATOM   1351 C C   . GLN A 1 190 ? 13.981  8.556   -1.636  1.00 7.81  ? 236 GLN E C   1 
ATOM   1352 O O   . GLN A 1 190 ? 15.187  8.569   -2.017  1.00 8.67  ? 236 GLN E O   1 
ATOM   1353 C CB  . GLN A 1 190 ? 13.505  7.313   0.493   1.00 6.89  ? 236 GLN E CB  1 
ATOM   1354 C CG  . GLN A 1 190 ? 14.810  6.512   0.195   1.00 9.30  ? 236 GLN E CG  1 
ATOM   1355 C CD  . GLN A 1 190 ? 14.748  5.206   0.918   1.00 12.42 ? 236 GLN E CD  1 
ATOM   1356 O OE1 . GLN A 1 190 ? 13.922  4.844   1.742   1.00 14.03 ? 236 GLN E OE1 1 
ATOM   1357 N NE2 . GLN A 1 190 ? 15.706  4.375   0.543   1.00 14.18 ? 236 GLN E NE2 1 
ATOM   1358 N N   . TYR A 1 191 ? 12.908  8.430   -2.397  1.00 5.29  ? 237 TYR E N   1 
ATOM   1359 C CA  . TYR A 1 191 ? 13.105  8.188   -3.850  1.00 5.57  ? 237 TYR E CA  1 
ATOM   1360 C C   . TYR A 1 191 ? 12.864  9.382   -4.759  1.00 6.75  ? 237 TYR E C   1 
ATOM   1361 O O   . TYR A 1 191 ? 12.948  9.182   -5.990  1.00 7.72  ? 237 TYR E O   1 
ATOM   1362 C CB  . TYR A 1 191 ? 12.181  7.018   -4.253  1.00 7.04  ? 237 TYR E CB  1 
ATOM   1363 C CG  . TYR A 1 191 ? 12.474  5.718   -3.535  1.00 8.16  ? 237 TYR E CG  1 
ATOM   1364 C CD1 . TYR A 1 191 ? 13.754  5.217   -3.513  1.00 9.79  ? 237 TYR E CD1 1 
ATOM   1365 C CD2 . TYR A 1 191 ? 11.470  5.019   -2.842  1.00 12.24 ? 237 TYR E CD2 1 
ATOM   1366 C CE1 . TYR A 1 191 ? 14.064  4.011   -2.820  1.00 11.08 ? 237 TYR E CE1 1 
ATOM   1367 C CE2 . TYR A 1 191 ? 11.733  3.804   -2.158  1.00 11.97 ? 237 TYR E CE2 1 
ATOM   1368 C CZ  . TYR A 1 191 ? 13.042  3.346   -2.150  1.00 11.90 ? 237 TYR E CZ  1 
ATOM   1369 O OH  . TYR A 1 191 ? 13.447  2.176   -1.571  1.00 15.25 ? 237 TYR E OH  1 
ATOM   1370 N N   . GLY A 1 192 ? 12.598  10.532  -4.135  1.00 7.92  ? 238 GLY E N   1 
ATOM   1371 C CA  . GLY A 1 192 ? 12.417  11.739  -4.984  1.00 7.54  ? 238 GLY E CA  1 
ATOM   1372 C C   . GLY A 1 192 ? 11.119  11.682  -5.769  1.00 8.45  ? 238 GLY E C   1 
ATOM   1373 O O   . GLY A 1 192 ? 11.122  12.183  -6.923  1.00 8.92  ? 238 GLY E O   1 
ATOM   1374 N N   . LEU A 1 193 ? 10.024  11.149  -5.225  1.00 6.99  ? 239 LEU E N   1 
ATOM   1375 C CA  . LEU A 1 193 ? 8.778   10.995  -6.000  1.00 6.86  ? 239 LEU E CA  1 
ATOM   1376 C C   . LEU A 1 193 ? 7.740   12.094  -5.750  1.00 7.45  ? 239 LEU E C   1 
ATOM   1377 O O   . LEU A 1 193 ? 7.736   12.595  -4.603  1.00 7.96  ? 239 LEU E O   1 
ATOM   1378 C CB  . LEU A 1 193 ? 8.202   9.579   -5.580  1.00 5.39  ? 239 LEU E CB  1 
ATOM   1379 C CG  . LEU A 1 193 ? 9.209   8.411   -5.694  1.00 5.76  ? 239 LEU E CG  1 
ATOM   1380 C CD1 . LEU A 1 193 ? 8.547   7.143   -5.119  1.00 5.36  ? 239 LEU E CD1 1 
ATOM   1381 C CD2 . LEU A 1 193 ? 9.639   8.136   -7.132  1.00 5.72  ? 239 LEU E CD2 1 
ATOM   1382 N N   . SER A 1 194 ? 6.921   12.343  -6.757  1.00 7.58  ? 240 SER E N   1 
ATOM   1383 C CA  . SER A 1 194 ? 5.823   13.322  -6.500  1.00 9.05  ? 240 SER E CA  1 
ATOM   1384 C C   . SER A 1 194 ? 4.528   12.567  -6.682  1.00 7.68  ? 240 SER E C   1 
ATOM   1385 O O   . SER A 1 194 ? 4.431   11.767  -7.661  1.00 7.68  ? 240 SER E O   1 
ATOM   1386 C CB  . SER A 1 194 ? 5.794   14.452  -7.539  1.00 12.21 ? 240 SER E CB  1 
ATOM   1387 O OG  . SER A 1 194 ? 7.077   15.070  -7.222  1.00 17.50 ? 240 SER E OG  1 
ATOM   1388 N N   . LEU A 1 195 ? 3.615   12.798  -5.762  1.00 7.60  ? 241 LEU E N   1 
ATOM   1389 C CA  . LEU A 1 195 ? 2.328   12.084  -5.825  1.00 7.27  ? 241 LEU E CA  1 
ATOM   1390 C C   . LEU A 1 195 ? 1.520   12.679  -6.943  1.00 8.91  ? 241 LEU E C   1 
ATOM   1391 O O   . LEU A 1 195 ? 1.605   13.904  -7.069  1.00 10.02 ? 241 LEU E O   1 
ATOM   1392 C CB  . LEU A 1 195 ? 1.668   12.431  -4.465  1.00 10.58 ? 241 LEU E CB  1 
ATOM   1393 C CG  . LEU A 1 195 ? 0.534   11.583  -3.937  1.00 11.88 ? 241 LEU E CG  1 
ATOM   1394 C CD1 . LEU A 1 195 ? 0.952   10.114  -3.791  1.00 10.16 ? 241 LEU E CD1 1 
ATOM   1395 C CD2 . LEU A 1 195 ? 0.218   12.106  -2.531  1.00 11.05 ? 241 LEU E CD2 1 
ATOM   1396 N N   . VAL A 1 196 ? 0.756   11.932  -7.678  1.00 8.09  ? 242 VAL E N   1 
ATOM   1397 C CA  . VAL A 1 196 ? -0.162  12.386  -8.717  1.00 9.15  ? 242 VAL E CA  1 
ATOM   1398 C C   . VAL A 1 196 ? -1.441  12.782  -7.980  1.00 9.59  ? 242 VAL E C   1 
ATOM   1399 O O   . VAL A 1 196 ? -1.962  11.931  -7.210  1.00 9.38  ? 242 VAL E O   1 
ATOM   1400 C CB  . VAL A 1 196 ? -0.373  11.218  -9.671  1.00 8.83  ? 242 VAL E CB  1 
ATOM   1401 C CG1 . VAL A 1 196 ? -1.482  11.576  -10.665 1.00 8.91  ? 242 VAL E CG1 1 
ATOM   1402 C CG2 . VAL A 1 196 ? 0.978   10.886  -10.337 1.00 8.79  ? 242 VAL E CG2 1 
ATOM   1403 N N   . THR A 1 197 ? -1.932  14.000  -8.147  1.00 9.04  ? 243 THR E N   1 
ATOM   1404 C CA  . THR A 1 197 ? -3.144  14.435  -7.409  1.00 8.07  ? 243 THR E CA  1 
ATOM   1405 C C   . THR A 1 197 ? -4.199  14.975  -8.323  1.00 9.61  ? 243 THR E C   1 
ATOM   1406 O O   . THR A 1 197 ? -3.865  15.281  -9.487  1.00 9.30  ? 243 THR E O   1 
ATOM   1407 C CB  . THR A 1 197 ? -2.776  15.501  -6.291  1.00 9.96  ? 243 THR E CB  1 
ATOM   1408 O OG1 . THR A 1 197 ? -2.272  16.663  -7.031  1.00 9.99  ? 243 THR E OG1 1 
ATOM   1409 C CG2 . THR A 1 197 ? -1.686  15.019  -5.319  1.00 10.15 ? 243 THR E CG2 1 
ATOM   1410 N N   . GLY A 1 198 ? -5.425  15.088  -7.856  1.00 9.32  ? 244 GLY E N   1 
ATOM   1411 C CA  . GLY A 1 198 ? -6.496  15.586  -8.732  1.00 9.84  ? 244 GLY E CA  1 
ATOM   1412 C C   . GLY A 1 198 ? -7.422  16.505  -7.958  1.00 11.34 ? 244 GLY E C   1 
ATOM   1413 O O   . GLY A 1 198 ? -8.568  16.605  -8.468  1.00 13.05 ? 244 GLY E O   1 
ATOM   1414 O OXT . GLY A 1 198 ? -7.072  17.066  -6.929  1.00 12.33 ? 244 GLY E OXT 1 
HETATM 1415 O O1  . BOC B 2 1   ? 2.752   -13.347 14.885  1.00 30.77 ? 5   BOC I O1  1 
HETATM 1416 C C   . BOC B 2 1   ? 2.449   -12.608 13.918  1.00 28.52 ? 5   BOC I C   1 
HETATM 1417 O O2  . BOC B 2 1   ? 1.741   -13.157 12.825  1.00 30.61 ? 5   BOC I O2  1 
HETATM 1418 C CT  . BOC B 2 1   ? 1.415   -14.540 12.790  1.00 32.50 ? 5   BOC I CT  1 
HETATM 1419 C C1  . BOC B 2 1   ? 2.713   -15.357 12.809  1.00 32.21 ? 5   BOC I C1  1 
HETATM 1420 C C2  . BOC B 2 1   ? 0.557   -14.900 14.013  1.00 32.66 ? 5   BOC I C2  1 
HETATM 1421 C C3  . BOC B 2 1   ? 0.639   -14.826 11.493  1.00 32.69 ? 5   BOC I C3  1 
ATOM   1422 N N   . ALA B 2 2   ? 2.732   -11.333 13.834  1.00 24.75 ? 4   ALA I N   1 
ATOM   1423 C CA  . ALA B 2 2   ? 2.465   -10.427 12.719  1.00 20.20 ? 4   ALA I CA  1 
ATOM   1424 C C   . ALA B 2 2   ? 3.085   -11.013 11.432  1.00 16.72 ? 4   ALA I C   1 
ATOM   1425 O O   . ALA B 2 2   ? 4.194   -11.561 11.552  1.00 12.79 ? 4   ALA I O   1 
ATOM   1426 C CB  . ALA B 2 2   ? 3.114   -9.067  13.031  1.00 19.05 ? 4   ALA I CB  1 
ATOM   1427 N N   . ALA B 2 3   ? 2.393   -10.838 10.345  1.00 12.45 ? 3   ALA I N   1 
ATOM   1428 C CA  . ALA B 2 3   ? 3.061   -11.315 9.068   1.00 11.39 ? 3   ALA I CA  1 
ATOM   1429 C C   . ALA B 2 3   ? 2.827   -10.183 8.037   1.00 10.43 ? 3   ALA I C   1 
ATOM   1430 O O   . ALA B 2 3   ? 1.750   -9.552  8.186   1.00 8.24  ? 3   ALA I O   1 
ATOM   1431 C CB  . ALA B 2 3   ? 2.347   -12.579 8.642   1.00 10.91 ? 3   ALA I CB  1 
ATOM   1432 N N   . PRO B 2 4   ? 3.736   -10.018 7.088   1.00 10.01 ? 2   PRO I N   1 
ATOM   1433 C CA  . PRO B 2 4   ? 3.415   -9.016  6.007   1.00 9.27  ? 2   PRO I CA  1 
ATOM   1434 C C   . PRO B 2 4   ? 2.374   -9.650  5.099   1.00 8.55  ? 2   PRO I C   1 
ATOM   1435 O O   . PRO B 2 4   ? 2.314   -10.904 5.031   1.00 9.00  ? 2   PRO I O   1 
ATOM   1436 C CB  . PRO B 2 4   ? 4.878   -9.202  5.389   1.00 8.52  ? 2   PRO I CB  1 
ATOM   1437 C CG  . PRO B 2 4   ? 5.871   -10.354 5.799   1.00 10.24 ? 2   PRO I CG  1 
ATOM   1438 C CD  . PRO B 2 4   ? 4.944   -10.850 6.940   1.00 9.72  ? 2   PRO I CD  1 
HETATM 1439 C CA  . PVA B 2 5   ? 0.517   -9.396  3.458   1.00 7.75  ? 1   PVA I CA  1 
HETATM 1440 C C2  . PVA B 2 5   ? -0.841  -9.048  4.140   1.00 8.17  ? 1   PVA I C2  1 
HETATM 1441 C C3  . PVA B 2 5   ? -1.073  -7.518  4.320   1.00 7.47  ? 1   PVA I C3  1 
HETATM 1442 C CM  . PVA B 2 5   ? -1.096  -9.684  5.509   1.00 6.22  ? 1   PVA I CM  1 
HETATM 1443 N N   . PVA B 2 5   ? 1.531   -8.889  4.393   1.00 6.30  ? 1   PVA I N   1 
HETATM 1444 P P   . PVA B 2 5   ? 0.657   -8.794  1.970   1.00 6.98  ? 1   PVA I P   1 
HETATM 1445 O O1P . PVA B 2 5   ? -0.603  -8.895  1.173   1.00 6.81  ? 1   PVA I O1P 1 
HETATM 1446 C C   . LAC B 2 6   ? 0.921   -11.374 -0.058  1.00 12.50 ? -1  LAC I C   1 
HETATM 1447 C CA  . LAC B 2 6   ? 1.801   -10.141 -0.106  1.00 11.05 ? -1  LAC I CA  1 
HETATM 1448 C CB  . LAC B 2 6   ? 3.209   -10.501 -0.641  1.00 9.77  ? -1  LAC I CB  1 
HETATM 1449 O O   . LAC B 2 6   ? 0.649   -11.863 1.069   1.00 14.99 ? -1  LAC I O   1 
HETATM 1450 O OHN . LAC B 2 6   ? 1.850   -9.467  1.252   1.00 9.24  ? -1  LAC I OHN 1 
ATOM   1451 N N   . ALA B 2 7   ? 0.440   -11.856 -1.170  1.00 12.49 ? -2  ALA I N   1 
ATOM   1452 C CA  . ALA B 2 7   ? -0.349  -13.088 -1.259  1.00 13.37 ? -2  ALA I CA  1 
ATOM   1453 C C   . ALA B 2 7   ? 0.378   -13.865 -2.370  1.00 14.14 ? -2  ALA I C   1 
ATOM   1454 O O   . ALA B 2 7   ? -0.091  -14.863 -2.882  1.00 17.13 ? -2  ALA I O   1 
ATOM   1455 C CB  . ALA B 2 7   ? -1.811  -12.872 -1.596  1.00 12.46 ? -2  ALA I CB  1 
ATOM   1456 O OXT . ALA B 2 7   ? 1.422   -13.502 -2.828  1.00 16.06 ? -2  ALA I OXT 1 
HETATM 1457 S S   . SO4 C 3 .   ? 10.592  11.415  7.926   1.00 31.79 ? 1   SO4 E S   1 
HETATM 1458 O O1  . SO4 C 3 .   ? 11.799  12.235  8.221   1.00 32.60 ? 1   SO4 E O1  1 
HETATM 1459 O O2  . SO4 C 3 .   ? 10.605  10.201  8.782   1.00 31.67 ? 1   SO4 E O2  1 
HETATM 1460 O O3  . SO4 C 3 .   ? 9.226   12.059  7.964   1.00 33.45 ? 1   SO4 E O3  1 
HETATM 1461 O O4  . SO4 C 3 .   ? 10.614  11.023  6.436   1.00 34.90 ? 1   SO4 E O4  1 
HETATM 1462 O O   . HOH D 4 .   ? -16.879 2.701   1.279   0.69 31.41 ? 245 HOH E O   1 
HETATM 1463 O O   . HOH D 4 .   ? -4.507  -2.394  1.348   0.91 5.71  ? 246 HOH E O   1 
HETATM 1464 O O   . HOH D 4 .   ? 8.203   -12.808 -14.703 0.13 27.79 ? 247 HOH E O   1 
HETATM 1465 O O   . HOH D 4 .   ? -16.351 -5.089  2.496   0.88 41.89 ? 248 HOH E O   1 
HETATM 1466 O O   . HOH D 4 .   ? -0.260  -15.655 -8.951  0.88 20.03 ? 249 HOH E O   1 
HETATM 1467 O O   . HOH D 4 .   ? -13.950 -7.800  2.580   0.87 53.11 ? 250 HOH E O   1 
HETATM 1468 O O   . HOH D 4 .   ? 7.668   5.920   -17.484 0.95 10.54 ? 251 HOH E O   1 
HETATM 1469 O O   . HOH D 4 .   ? -11.843 -7.340  -3.264  0.53 27.01 ? 252 HOH E O   1 
HETATM 1470 O O   . HOH D 4 .   ? 2.268   15.276  -1.482  0.98 20.57 ? 253 HOH E O   1 
HETATM 1471 O O   . HOH D 4 .   ? -10.857 13.036  -1.911  0.60 17.34 ? 254 HOH E O   1 
HETATM 1472 O O   . HOH D 4 .   ? 4.092   14.771  -3.727  0.13 18.15 ? 255 HOH E O   1 
HETATM 1473 O O   . HOH D 4 .   ? -4.274  -7.534  -12.356 0.77 23.04 ? 256 HOH E O   1 
HETATM 1474 O O   . HOH D 4 .   ? -13.295 5.105   10.200  0.13 25.31 ? 257 HOH E O   1 
HETATM 1475 O O   . HOH D 4 .   ? 10.331  5.662   -19.330 0.94 58.47 ? 258 HOH E O   1 
HETATM 1476 O O   . HOH D 4 .   ? 17.052  -4.693  8.616   0.60 18.42 ? 259 HOH E O   1 
HETATM 1477 O O   . HOH D 4 .   ? -3.397  -4.834  -18.352 0.85 29.33 ? 260 HOH E O   1 
HETATM 1478 O O   . HOH D 4 .   ? 2.226   15.856  7.179   0.78 15.24 ? 261 HOH E O   1 
HETATM 1479 O O   . HOH D 4 .   ? -12.305 -2.692  8.645   0.13 12.32 ? 262 HOH E O   1 
HETATM 1480 O O   . HOH D 4 .   ? 8.355   14.224  -10.545 0.67 14.45 ? 263 HOH E O   1 
HETATM 1481 O O   . HOH D 4 .   ? -10.115 -2.021  -3.142  0.75 9.12  ? 264 HOH E O   1 
HETATM 1482 O O   . HOH D 4 .   ? 15.212  -5.781  10.393  0.79 15.24 ? 265 HOH E O   1 
HETATM 1483 O O   . HOH D 4 .   ? 15.965  -4.356  1.676   0.60 14.50 ? 266 HOH E O   1 
HETATM 1484 O O   . HOH D 4 .   ? 15.957  1.494   -1.782  0.77 12.27 ? 267 HOH E O   1 
HETATM 1485 O O   . HOH D 4 .   ? -6.310  1.345   -19.838 0.98 24.92 ? 268 HOH E O   1 
HETATM 1486 O O   . HOH D 4 .   ? -11.690 10.390  -8.152  0.70 12.85 ? 269 HOH E O   1 
HETATM 1487 O O   . HOH D 4 .   ? 6.655   4.013   8.413   0.93 7.91  ? 270 HOH E O   1 
HETATM 1488 O O   . HOH D 4 .   ? -14.146 6.952   2.411   0.13 33.06 ? 271 HOH E O   1 
HETATM 1489 O O   . HOH D 4 .   ? 16.648  -0.702  -3.808  0.52 3.81  ? 272 HOH E O   1 
HETATM 1490 O O   . HOH D 4 .   ? 4.919   10.405  12.568  0.64 21.99 ? 273 HOH E O   1 
HETATM 1491 O O   . HOH D 4 .   ? -14.827 -0.427  6.882   0.77 13.76 ? 274 HOH E O   1 
HETATM 1492 O O   . HOH D 4 .   ? -16.285 8.357   -6.862  0.54 15.74 ? 275 HOH E O   1 
HETATM 1493 O O   . HOH D 4 .   ? 15.374  -11.256 5.951   0.52 8.70  ? 276 HOH E O   1 
HETATM 1494 O O   . HOH D 4 .   ? 9.269   1.297   15.700  0.84 13.00 ? 277 HOH E O   1 
HETATM 1495 O O   . HOH D 4 .   ? 16.118  -6.449  -4.112  0.81 18.94 ? 278 HOH E O   1 
HETATM 1496 O O   . HOH D 4 .   ? 10.555  12.704  4.443   0.71 8.62  ? 279 HOH E O   1 
HETATM 1497 O O   . HOH D 4 .   ? -12.643 -1.682  -3.557  0.13 12.33 ? 280 HOH E O   1 
HETATM 1498 O O   . HOH D 4 .   ? 8.031   13.680  1.687   0.61 11.04 ? 281 HOH E O   1 
HETATM 1499 O O   . HOH D 4 .   ? -16.217 -0.482  -1.117  0.88 12.62 ? 282 HOH E O   1 
HETATM 1500 O O   . HOH D 4 .   ? 14.936  4.821   -6.980  0.93 15.82 ? 283 HOH E O   1 
HETATM 1501 O O   . HOH D 4 .   ? -13.143 1.593   -8.472  0.74 8.47  ? 284 HOH E O   1 
HETATM 1502 O O   . HOH D 4 .   ? 9.737   1.878   8.187   0.13 8.34  ? 285 HOH E O   1 
HETATM 1503 O O   . HOH D 4 .   ? -15.613 7.109   -2.260  0.59 15.22 ? 286 HOH E O   1 
HETATM 1504 O O   . HOH D 4 .   ? -12.861 -2.163  -6.801  0.13 24.36 ? 287 HOH E O   1 
HETATM 1505 O O   . HOH D 4 .   ? -14.496 -2.540  -1.348  0.56 8.28  ? 288 HOH E O   1 
HETATM 1506 O O   . HOH D 4 .   ? -3.994  -11.840 17.429  0.81 30.81 ? 289 HOH E O   1 
HETATM 1507 O O   . HOH D 4 .   ? -4.872  -4.083  18.946  0.59 31.70 ? 290 HOH E O   1 
HETATM 1508 O O   . HOH D 4 .   ? -7.310  14.333  5.743   0.92 11.11 ? 291 HOH E O   1 
HETATM 1509 O O   . HOH D 4 .   ? 10.680  -14.743 -7.577  0.58 29.28 ? 292 HOH E O   1 
HETATM 1510 O O   . HOH D 4 .   ? 0.621   13.901  12.304  0.63 36.78 ? 293 HOH E O   1 
HETATM 1511 O O   . HOH D 4 .   ? -4.982  4.912   20.481  0.67 24.98 ? 294 HOH E O   1 
HETATM 1512 O O   . HOH D 4 .   ? 8.599   -16.378 -10.224 0.85 11.49 ? 295 HOH E O   1 
HETATM 1513 O O   . HOH D 4 .   ? -1.097  8.861   9.852   0.64 16.59 ? 296 HOH E O   1 
HETATM 1514 O O   . HOH D 4 .   ? -4.425  -20.146 6.752   0.95 25.97 ? 297 HOH E O   1 
HETATM 1515 O O   . HOH D 4 .   ? -16.900 -5.030  4.879   0.71 31.12 ? 298 HOH E O   1 
HETATM 1516 O O   . HOH D 4 .   ? -4.025  12.575  18.559  0.53 17.79 ? 299 HOH E O   1 
HETATM 1517 O O   . HOH D 4 .   ? -0.454  -14.621 -11.127 0.79 35.37 ? 300 HOH E O   1 
HETATM 1518 O O   . HOH D 4 .   ? -1.466  -9.953  -13.576 0.92 34.91 ? 301 HOH E O   1 
HETATM 1519 O O   . HOH D 4 .   ? -13.453 -12.406 8.071   0.57 15.65 ? 302 HOH E O   1 
HETATM 1520 O O   . HOH D 4 .   ? 13.232  -16.018 8.562   0.53 10.19 ? 303 HOH E O   1 
HETATM 1521 O O   . HOH D 4 .   ? -9.131  -13.105 3.255   0.83 23.59 ? 304 HOH E O   1 
HETATM 1522 O O   . HOH D 4 .   ? 10.981  -10.725 -6.271  0.77 28.27 ? 305 HOH E O   1 
HETATM 1523 O O   . HOH D 4 .   ? -14.177 -3.362  18.865  0.83 30.11 ? 306 HOH E O   1 
HETATM 1524 O O   . HOH D 4 .   ? 16.666  -3.834  5.109   0.84 29.77 ? 307 HOH E O   1 
HETATM 1525 O O   . HOH D 4 .   ? 17.617  7.199   -2.007  0.50 20.92 ? 308 HOH E O   1 
HETATM 1526 O O   . HOH D 4 .   ? 6.503   14.426  -2.928  0.78 8.19  ? 309 HOH E O   1 
HETATM 1527 O O   . HOH D 4 .   ? -10.043 -17.389 11.240  0.83 22.18 ? 310 HOH E O   1 
HETATM 1528 O O   . HOH D 4 .   ? 11.317  8.060   -18.082 0.80 17.99 ? 311 HOH E O   1 
HETATM 1529 O O   . HOH D 4 .   ? -6.875  4.714   -20.545 0.77 25.99 ? 312 HOH E O   1 
HETATM 1530 O O   . HOH D 4 .   ? 1.222   6.217   19.287  0.53 12.52 ? 313 HOH E O   1 
HETATM 1531 O O   . HOH D 4 .   ? 5.274   -8.052  16.084  0.54 16.32 ? 314 HOH E O   1 
HETATM 1532 O O   . HOH D 4 .   ? -7.936  -5.353  -8.347  0.85 18.43 ? 315 HOH E O   1 
HETATM 1533 O O   . HOH D 4 .   ? -9.147  -3.396  -5.304  0.70 21.27 ? 316 HOH E O   1 
HETATM 1534 O O   . HOH D 4 .   ? -12.795 11.889  -3.021  0.45 11.50 ? 317 HOH E O   1 
HETATM 1535 O O   . HOH D 4 .   ? 10.262  14.091  -21.057 0.39 16.63 ? 318 HOH E O   1 
HETATM 1536 O O   . HOH D 4 .   ? 11.679  5.959   7.438   0.73 13.09 ? 319 HOH E O   1 
HETATM 1537 O O   . HOH D 4 .   ? -19.832 7.101   -6.202  0.54 24.83 ? 320 HOH E O   1 
HETATM 1538 O O   . HOH D 4 .   ? 14.388  -9.576  -8.859  0.81 25.38 ? 321 HOH E O   1 
HETATM 1539 O O   . HOH D 4 .   ? -10.890 -5.451  -4.230  0.66 23.14 ? 322 HOH E O   1 
HETATM 1540 O O   . HOH D 4 .   ? 5.670   8.003   13.276  0.78 20.79 ? 323 HOH E O   1 
HETATM 1541 O O   . HOH D 4 .   ? -10.872 0.108   -9.385  0.48 11.24 ? 324 HOH E O   1 
HETATM 1542 O O   . HOH D 4 .   ? -15.777 -2.445  1.750   0.13 46.67 ? 325 HOH E O   1 
HETATM 1543 O O   . HOH D 4 .   ? 8.759   2.680   -22.076 0.13 35.59 ? 326 HOH E O   1 
HETATM 1544 O O   . HOH D 4 .   ? -1.654  -2.809  -19.903 0.75 19.12 ? 327 HOH E O   1 
HETATM 1545 O O   . HOH D 4 .   ? 9.821   -13.604 2.484   0.65 36.92 ? 328 HOH E O   1 
HETATM 1546 O O   . HOH D 4 .   ? 10.464  -10.913 1.346   0.70 27.87 ? 329 HOH E O   1 
HETATM 1547 O O   . HOH D 4 .   ? -5.831  -5.195  -11.386 0.70 11.28 ? 330 HOH E O   1 
HETATM 1548 O O   . HOH D 4 .   ? -10.323 -12.755 10.740  0.13 10.58 ? 331 HOH E O   1 
HETATM 1549 O O   . HOH D 4 .   ? 4.585   5.582   12.460  0.13 9.85  ? 332 HOH E O   1 
HETATM 1550 O O   . HOH D 4 .   ? -7.084  6.010   18.839  0.76 46.09 ? 333 HOH E O   1 
HETATM 1551 O O   . HOH D 4 .   ? 0.644   -13.166 -13.455 0.75 26.40 ? 334 HOH E O   1 
HETATM 1552 O O   . HOH D 4 .   ? 3.442   10.027  5.773   0.13 8.11  ? 335 HOH E O   1 
HETATM 1553 O O   . HOH D 4 .   ? 0.551   19.317  4.442   0.52 24.50 ? 336 HOH E O   1 
HETATM 1554 O O   . HOH D 4 .   ? 6.890   -13.221 -6.644  0.39 15.60 ? 337 HOH E O   1 
HETATM 1555 O O   . HOH D 4 .   ? 6.199   -13.366 13.441  0.76 32.84 ? 338 HOH E O   1 
HETATM 1556 O O   . HOH D 4 .   ? -2.986  6.892   -6.738  0.92 4.99  ? 339 HOH E O   1 
HETATM 1557 O O   . HOH D 4 .   ? -1.412  -12.830 13.370  0.13 44.06 ? 340 HOH E O   1 
HETATM 1558 O O   . HOH D 4 .   ? -5.366  -13.272 -9.530  0.52 16.52 ? 341 HOH E O   1 
HETATM 1559 O O   . HOH D 4 .   ? 3.341   14.312  -10.515 0.13 39.92 ? 342 HOH E O   1 
HETATM 1560 O O   . HOH D 4 .   ? -3.776  1.657   -20.178 0.99 38.54 ? 343 HOH E O   1 
HETATM 1561 O O   . HOH D 4 .   ? -10.327 -2.406  -7.564  0.75 36.08 ? 344 HOH E O   1 
HETATM 1562 O O   . HOH D 4 .   ? 0.904   17.446  0.046   0.13 35.56 ? 345 HOH E O   1 
HETATM 1563 O O   . HOH D 4 .   ? -5.066  15.556  -12.028 0.77 41.73 ? 346 HOH E O   1 
HETATM 1564 O O   . HOH D 4 .   ? -16.845 4.121   3.895   0.60 35.20 ? 347 HOH E O   1 
HETATM 1565 O O   . HOH D 4 .   ? -11.179 9.274   6.770   0.84 26.76 ? 348 HOH E O   1 
HETATM 1566 O O   . HOH D 4 .   ? 5.973   -13.407 10.036  0.95 12.31 ? 349 HOH E O   1 
HETATM 1567 O O   . HOH D 4 .   ? -0.315  11.791  16.378  0.13 22.29 ? 350 HOH E O   1 
HETATM 1568 O O   . HOH D 4 .   ? 13.429  9.152   -13.130 0.13 18.29 ? 351 HOH E O   1 
HETATM 1569 O O   . HOH D 4 .   ? -5.445  -0.966  16.272  0.74 11.14 ? 352 HOH E O   1 
HETATM 1570 O O   . HOH D 4 .   ? 4.017   -10.723 -12.683 0.13 9.93  ? 353 HOH E O   1 
HETATM 1571 O O   . HOH D 4 .   ? -8.255  -12.601 -8.812  0.59 31.89 ? 354 HOH E O   1 
HETATM 1572 O O   . HOH D 4 .   ? 10.457  4.532   9.243   0.47 17.73 ? 355 HOH E O   1 
HETATM 1573 O O   . HOH D 4 .   ? 0.966   -3.004  -20.334 0.63 19.22 ? 356 HOH E O   1 
HETATM 1574 O O   . HOH D 4 .   ? -7.538  -10.903 -10.491 0.74 61.96 ? 357 HOH E O   1 
HETATM 1575 O O   . HOH D 4 .   ? 1.311   11.011  4.629   0.13 13.89 ? 358 HOH E O   1 
HETATM 1576 O O   . HOH D 4 .   ? -10.529 13.344  6.493   0.64 31.05 ? 359 HOH E O   1 
HETATM 1577 O O   . HOH D 4 .   ? 0.618   8.661   7.724   0.67 19.16 ? 360 HOH E O   1 
HETATM 1578 O O   . HOH D 4 .   ? 17.415  3.891   -5.326  0.78 32.66 ? 361 HOH E O   1 
HETATM 1579 O O   . HOH D 4 .   ? -2.861  -10.611 -11.315 0.76 43.63 ? 362 HOH E O   1 
HETATM 1580 O O   . HOH D 4 .   ? -2.934  10.660  -16.535 0.55 18.93 ? 363 HOH E O   1 
HETATM 1581 O O   . HOH D 4 .   ? -9.341  15.291  -10.964 0.13 42.56 ? 364 HOH E O   1 
HETATM 1582 O O   . HOH D 4 .   ? 0.325   16.634  9.774   0.30 23.90 ? 365 HOH E O   1 
HETATM 1583 O O   . HOH D 4 .   ? -11.105 -14.976 12.436  0.73 13.69 ? 366 HOH E O   1 
HETATM 1584 O O   . HOH D 4 .   ? 17.262  -2.337  -0.071  0.41 11.04 ? 367 HOH E O   1 
HETATM 1585 O O   . HOH D 4 .   ? -6.580  -0.920  -14.281 0.73 16.25 ? 368 HOH E O   1 
HETATM 1586 O O   . HOH D 4 .   ? 16.359  -8.405  2.860   0.44 19.04 ? 369 HOH E O   1 
HETATM 1587 O O   . HOH D 4 .   ? -6.938  -3.704  -13.260 0.52 9.70  ? 370 HOH E O   1 
HETATM 1588 O O   . HOH D 4 .   ? 17.491  0.185   -6.602  0.78 26.77 ? 371 HOH E O   1 
HETATM 1589 O O   . HOH D 4 .   ? -6.194  9.557   20.309  0.13 71.73 ? 372 HOH E O   1 
HETATM 1590 O O   . HOH D 4 .   ? -18.444 4.843   1.098   0.89 51.48 ? 373 HOH E O   1 
HETATM 1591 O O   . HOH D 4 .   ? 3.967   -14.689 -18.806 0.56 27.09 ? 374 HOH E O   1 
HETATM 1592 O O   . HOH D 4 .   ? -2.300  -10.319 17.928  0.53 31.28 ? 375 HOH E O   1 
HETATM 1593 O O   . HOH D 4 .   ? 15.473  9.976   -8.390  0.66 74.35 ? 376 HOH E O   1 
HETATM 1594 O O   . HOH D 4 .   ? -5.702  -14.094 -0.433  0.73 18.66 ? 377 HOH E O   1 
HETATM 1595 O O   . HOH D 4 .   ? -9.836  12.219  16.362  0.65 29.32 ? 378 HOH E O   1 
HETATM 1596 O O   . HOH D 4 .   ? -1.545  9.297   -6.590  0.13 9.52  ? 379 HOH E O   1 
HETATM 1597 O O   . HOH D 4 .   ? -0.174  8.954   -17.167 0.97 16.62 ? 380 HOH E O   1 
HETATM 1598 O O   . HOH D 4 .   ? -4.512  14.152  6.872   0.74 20.38 ? 381 HOH E O   1 
HETATM 1599 O O   . HOH D 4 .   ? 8.331   14.001  6.784   0.59 31.28 ? 382 HOH E O   1 
HETATM 1600 O O   . HOH D 4 .   ? -0.102  -15.315 6.214   0.13 19.33 ? 383 HOH E O   1 
HETATM 1601 O O   . HOH D 4 .   ? -4.516  18.140  -7.269  0.94 15.18 ? 384 HOH E O   1 
HETATM 1602 O O   . HOH D 4 .   ? 7.275   -11.413 -4.166  0.95 24.71 ? 385 HOH E O   1 
HETATM 1603 O O   . HOH D 4 .   ? -9.974  11.016  7.835   0.80 29.39 ? 386 HOH E O   1 
HETATM 1604 O O   . HOH D 4 .   ? 9.907   -11.579 -3.762  0.87 35.45 ? 387 HOH E O   1 
HETATM 1605 O O   . HOH D 4 .   ? 6.720   -11.617 -1.612  0.90 31.40 ? 388 HOH E O   1 
HETATM 1606 O O   . HOH D 4 .   ? -7.524  -21.404 6.233   0.59 28.39 ? 389 HOH E O   1 
HETATM 1607 O O   . HOH D 4 .   ? -15.209 1.782   -11.900 0.13 41.95 ? 390 HOH E O   1 
HETATM 1608 O O   . HOH D 4 .   ? -9.688  -7.747  -6.423  0.61 24.76 ? 391 HOH E O   1 
HETATM 1609 O O   . HOH D 4 .   ? -8.270  -8.940  -8.456  0.60 26.11 ? 392 HOH E O   1 
HETATM 1610 O O   . HOH D 4 .   ? -6.602  -17.482 13.746  0.98 36.82 ? 393 HOH E O   1 
HETATM 1611 O O   . HOH D 4 .   ? 0.744   -6.554  14.552  0.78 30.20 ? 394 HOH E O   1 
HETATM 1612 O O   . HOH D 4 .   ? 6.312   -1.511  18.839  0.55 7.90  ? 395 HOH E O   1 
HETATM 1613 O O   . HOH D 4 .   ? 13.690  2.803   -13.496 0.91 52.93 ? 396 HOH E O   1 
HETATM 1614 O O   . HOH D 4 .   ? 15.794  3.328   -9.346  0.67 25.71 ? 397 HOH E O   1 
HETATM 1615 O O   . HOH D 4 .   ? 14.933  7.045   -7.119  0.63 12.33 ? 398 HOH E O   1 
HETATM 1616 O O   . HOH D 4 .   ? 9.178   -15.329 5.151   0.13 32.97 ? 399 HOH E O   1 
HETATM 1617 O O   . HOH D 4 .   ? 11.951  -18.062 10.234  0.55 30.92 ? 400 HOH E O   1 
HETATM 1618 O O   . HOH D 4 .   ? 3.363   -5.438  16.094  0.92 46.25 ? 401 HOH E O   1 
HETATM 1619 O O   . HOH D 4 .   ? -16.128 -0.061  3.697   0.93 41.17 ? 402 HOH E O   1 
HETATM 1620 O O   . HOH D 4 .   ? -15.352 -7.598  9.051   0.66 35.32 ? 403 HOH E O   1 
HETATM 1621 O O   . HOH D 4 .   ? -13.477 -9.010  0.010   0.50 21.74 ? 404 HOH E O   1 
HETATM 1622 O O   . HOH D 4 .   ? -7.188  -14.649 2.246   0.98 51.54 ? 405 HOH E O   1 
HETATM 1623 O O   . HOH D 4 .   ? 10.919  -10.015 -0.779  0.81 41.12 ? 406 HOH E O   1 
HETATM 1624 O O   . HOH D 4 .   ? -15.036 -3.169  11.831  0.91 38.78 ? 407 HOH E O   1 
HETATM 1625 O O   . HOH D 4 .   ? -12.725 -0.596  11.710  0.58 15.31 ? 408 HOH E O   1 
HETATM 1626 O O   . HOH D 4 .   ? -16.376 1.877   5.883   0.82 53.00 ? 409 HOH E O   1 
HETATM 1627 O O   . HOH D 4 .   ? -15.485 -4.197  15.546  0.53 15.67 ? 410 HOH E O   1 
HETATM 1628 O O   . HOH D 4 .   ? 8.588   6.154   10.404  0.82 29.86 ? 411 HOH E O   1 
HETATM 1629 O O   . HOH D 4 .   ? 14.432  6.444   -14.691 0.68 38.11 ? 412 HOH E O   1 
HETATM 1630 O O   . HOH D 4 .   ? 4.218   -6.124  2.945   0.13 9.33  ? 413 HOH E O   1 
HETATM 1631 O O   . HOH D 4 .   ? -1.971  18.084  0.758   0.13 25.33 ? 414 HOH E O   1 
HETATM 1632 O O   . HOH D 4 .   ? -10.253 16.134  -1.027  0.44 22.05 ? 415 HOH E O   1 
HETATM 1633 O O   . HOH D 4 .   ? 8.915   -12.745 -0.141  0.55 33.90 ? 416 HOH E O   1 
HETATM 1634 O O   . HOH D 4 .   ? 9.163   -12.901 -7.146  0.57 36.37 ? 417 HOH E O   1 
HETATM 1635 O O   . HOH D 4 .   ? -15.646 -3.656  -6.727  0.59 34.38 ? 418 HOH E O   1 
HETATM 1636 O O   . HOH D 4 .   ? 4.393   14.575  2.352   0.84 39.62 ? 419 HOH E O   1 
HETATM 1637 O O   . HOH D 4 .   ? -3.059  -20.401 -14.474 0.13 32.64 ? 420 HOH E O   1 
HETATM 1638 O O   . HOH D 4 .   ? -6.150  -4.012  -16.594 0.13 46.46 ? 421 HOH E O   1 
HETATM 1639 O O   . HOH D 4 .   ? -7.896  0.305   -12.960 0.13 30.89 ? 422 HOH E O   1 
HETATM 1640 O O   . HOH D 4 .   ? 1.358   7.939   10.267  0.13 8.54  ? 423 HOH E O   1 
HETATM 1641 O O   . HOH E 4 .   ? 0.057   -14.611 2.117   0.88 23.39 ? 143 HOH I O   1 
HETATM 1642 O O   . HOH E 4 .   ? 3.735   -12.797 2.561   0.99 19.89 ? 144 HOH I O   1 
HETATM 1643 O O   . HOH E 4 .   ? 0.642   -13.178 4.533   0.13 26.87 ? 146 HOH I O   1 
HETATM 1644 O O   . HOH E 4 .   ? 3.727   -13.966 -2.287  0.13 30.66 ? 175 HOH I O   1 
# 
loop_
_pdbx_poly_seq_scheme.asym_id 
_pdbx_poly_seq_scheme.entity_id 
_pdbx_poly_seq_scheme.seq_id 
_pdbx_poly_seq_scheme.mon_id 
_pdbx_poly_seq_scheme.ndb_seq_num 
_pdbx_poly_seq_scheme.pdb_seq_num 
_pdbx_poly_seq_scheme.auth_seq_num 
_pdbx_poly_seq_scheme.pdb_mon_id 
_pdbx_poly_seq_scheme.auth_mon_id 
_pdbx_poly_seq_scheme.pdb_strand_id 
_pdbx_poly_seq_scheme.pdb_ins_code 
_pdbx_poly_seq_scheme.hetero 
A 1 1   ALA 1   15  15  ALA ALA E A n 
A 1 2   ASN 2   15  15  ASN ASN E B n 
A 1 3   ILE 3   16  16  ILE ILE E . n 
A 1 4   VAL 4   17  17  VAL VAL E . n 
A 1 5   GLY 5   18  18  GLY GLY E . n 
A 1 6   GLY 6   19  19  GLY GLY E . n 
A 1 7   ILE 7   29  29  ILE ILE E . n 
A 1 8   GLU 8   30  30  GLU GLU E . n 
A 1 9   TYR 9   31  31  TYR TYR E . n 
A 1 10  SER 10  32  32  SER SER E . n 
A 1 11  ILE 11  33  33  ILE ILE E . n 
A 1 12  ASN 12  34  34  ASN ASN E . n 
A 1 13  ASN 13  35  35  ASN ASN E . n 
A 1 14  ALA 14  39  39  ALA ALA E . n 
A 1 15  SER 15  40  40  SER SER E . n 
A 1 16  LEU 16  41  41  LEU LEU E . n 
A 1 17  CYS 17  42  42  CYS CYS E . n 
A 1 18  SER 18  43  43  SER SER E . n 
A 1 19  VAL 19  44  44  VAL VAL E . n 
A 1 20  GLY 20  45  45  GLY GLY E . n 
A 1 21  PHE 21  46  46  PHE PHE E . n 
A 1 22  SER 22  47  47  SER SER E . n 
A 1 23  VAL 23  48  48  VAL VAL E . n 
A 1 24  THR 24  48  48  THR THR E A n 
A 1 25  ARG 25  48  48  ARG ARG E B n 
A 1 26  GLY 26  48  48  GLY GLY E C n 
A 1 27  ALA 27  48  48  ALA ALA E D n 
A 1 28  THR 28  49  49  THR THR E . n 
A 1 29  LYS 29  50  50  LYS LYS E . n 
A 1 30  GLY 30  51  51  GLY GLY E . n 
A 1 31  PHE 31  52  52  PHE PHE E . n 
A 1 32  VAL 32  53  53  VAL VAL E . n 
A 1 33  THR 33  54  54  THR THR E . n 
A 1 34  ALA 34  55  55  ALA ALA E . n 
A 1 35  GLY 35  56  56  GLY GLY E . n 
A 1 36  HIS 36  57  57  HIS HIS E . n 
A 1 37  CYS 37  58  58  CYS CYS E . n 
A 1 38  GLY 38  59  59  GLY GLY E . n 
A 1 39  THR 39  62  62  THR THR E . n 
A 1 40  VAL 40  63  63  VAL VAL E . n 
A 1 41  ASN 41  64  64  ASN ASN E . n 
A 1 42  ALA 42  65  65  ALA ALA E . n 
A 1 43  THR 43  65  65  THR THR E A n 
A 1 44  ALA 44  66  66  ALA ALA E . n 
A 1 45  ARG 45  67  67  ARG ARG E . n 
A 1 46  ILE 46  80  80  ILE ILE E . n 
A 1 47  GLY 47  81  81  GLY GLY E . n 
A 1 48  GLY 48  82  82  GLY GLY E . n 
A 1 49  ALA 49  83  83  ALA ALA E . n 
A 1 50  VAL 50  84  84  VAL VAL E . n 
A 1 51  VAL 51  85  85  VAL VAL E . n 
A 1 52  GLY 52  86  86  GLY GLY E . n 
A 1 53  THR 53  87  87  THR THR E . n 
A 1 54  PHE 54  88  88  PHE PHE E . n 
A 1 55  ALA 55  89  89  ALA ALA E . n 
A 1 56  ALA 56  90  90  ALA ALA E . n 
A 1 57  ARG 57  91  91  ARG ARG E . n 
A 1 58  VAL 58  93  93  VAL VAL E . n 
A 1 59  PHE 59  94  94  PHE PHE E . n 
A 1 60  PRO 60  99  99  PRO PRO E A n 
A 1 61  GLY 61  100 100 GLY GLY E . n 
A 1 62  ASN 62  101 101 ASN ASN E . n 
A 1 63  ASP 63  102 102 ASP ASP E . n 
A 1 64  ARG 64  103 103 ARG ARG E . n 
A 1 65  ALA 65  104 104 ALA ALA E . n 
A 1 66  TRP 66  105 105 TRP TRP E . n 
A 1 67  VAL 67  106 106 VAL VAL E . n 
A 1 68  SER 68  107 107 SER SER E . n 
A 1 69  LEU 69  108 108 LEU LEU E . n 
A 1 70  THR 70  109 109 THR THR E . n 
A 1 71  SER 71  110 110 SER SER E . n 
A 1 72  ALA 72  111 111 ALA ALA E . n 
A 1 73  GLN 73  112 112 GLN GLN E . n 
A 1 74  THR 74  113 113 THR THR E . n 
A 1 75  LEU 75  114 114 LEU LEU E . n 
A 1 76  LEU 76  115 115 LEU LEU E . n 
A 1 77  PRO 77  116 116 PRO PRO E . n 
A 1 78  ARG 78  117 117 ARG ARG E . n 
A 1 79  VAL 79  118 118 VAL VAL E . n 
A 1 80  ALA 80  119 119 ALA ALA E . n 
A 1 81  ASN 81  120 120 ASN ASN E . n 
A 1 82  GLY 82  120 120 GLY GLY E B n 
A 1 83  SER 83  120 120 SER SER E C n 
A 1 84  SER 84  120 120 SER SER E D n 
A 1 85  PHE 85  121 121 PHE PHE E . n 
A 1 86  VAL 86  122 122 VAL VAL E . n 
A 1 87  THR 87  123 123 THR THR E . n 
A 1 88  VAL 88  124 124 VAL VAL E . n 
A 1 89  ARG 89  125 125 ARG ARG E . n 
A 1 90  GLY 90  126 126 GLY GLY E . n 
A 1 91  SER 91  127 127 SER SER E . n 
A 1 92  THR 92  128 128 THR THR E . n 
A 1 93  GLU 93  129 129 GLU GLU E . n 
A 1 94  ALA 94  130 130 ALA ALA E . n 
A 1 95  ALA 95  131 131 ALA ALA E . n 
A 1 96  VAL 96  132 132 VAL VAL E . n 
A 1 97  GLY 97  133 133 GLY GLY E . n 
A 1 98  ALA 98  134 134 ALA ALA E . n 
A 1 99  ALA 99  135 135 ALA ALA E . n 
A 1 100 VAL 100 136 136 VAL VAL E . n 
A 1 101 CYS 101 137 137 CYS CYS E . n 
A 1 102 ARG 102 138 138 ARG ARG E . n 
A 1 103 SER 103 139 139 SER SER E . n 
A 1 104 GLY 104 140 140 GLY GLY E . n 
A 1 105 ARG 105 141 141 ARG ARG E . n 
A 1 106 THR 106 142 142 THR THR E . n 
A 1 107 THR 107 143 143 THR THR E . n 
A 1 108 GLY 108 156 156 GLY GLY E . n 
A 1 109 TYR 109 157 157 TYR TYR E . n 
A 1 110 GLN 110 158 158 GLN GLN E . n 
A 1 111 CYS 111 159 159 CYS CYS E . n 
A 1 112 GLY 112 160 160 GLY GLY E . n 
A 1 113 THR 113 161 161 THR THR E . n 
A 1 114 ILE 114 162 162 ILE ILE E . n 
A 1 115 THR 115 163 163 THR THR E . n 
A 1 116 ALA 116 164 164 ALA ALA E . n 
A 1 117 LYS 117 165 165 LYS LYS E . n 
A 1 118 ASN 118 166 166 ASN ASN E . n 
A 1 119 VAL 119 167 167 VAL VAL E . n 
A 1 120 THR 120 168 168 THR THR E . n 
A 1 121 ALA 121 169 169 ALA ALA E . n 
A 1 122 ASN 122 170 170 ASN ASN E . n 
A 1 123 TYR 123 171 171 TYR TYR E . n 
A 1 124 ALA 124 172 172 ALA ALA E . n 
A 1 125 GLU 125 174 174 GLU GLU E . n 
A 1 126 GLY 126 175 175 GLY GLY E . n 
A 1 127 ALA 127 176 176 ALA ALA E . n 
A 1 128 VAL 128 177 177 VAL VAL E . n 
A 1 129 ARG 129 178 178 ARG ARG E . n 
A 1 130 GLY 130 179 179 GLY GLY E . n 
A 1 131 LEU 131 180 180 LEU LEU E . n 
A 1 132 THR 132 181 181 THR THR E . n 
A 1 133 GLN 133 182 182 GLN GLN E . n 
A 1 134 GLY 134 183 183 GLY GLY E . n 
A 1 135 ASN 135 184 184 ASN ASN E . n 
A 1 136 ALA 136 190 190 ALA ALA E . n 
A 1 137 CYS 137 191 191 CYS CYS E . n 
A 1 138 MET 138 192 192 MET MET E . n 
A 1 139 GLY 139 192 192 GLY GLY E A n 
A 1 140 ARG 140 192 192 ARG ARG E B n 
A 1 141 GLY 141 193 193 GLY GLY E . n 
A 1 142 ASP 142 194 194 ASP ASP E . n 
A 1 143 SER 143 195 195 SER SER E . n 
A 1 144 GLY 144 196 196 GLY GLY E . n 
A 1 145 GLY 145 197 197 GLY GLY E . n 
A 1 146 SER 146 198 198 SER SER E . n 
A 1 147 TRP 147 199 199 TRP TRP E . n 
A 1 148 ILE 148 200 200 ILE ILE E . n 
A 1 149 THR 149 201 201 THR THR E . n 
A 1 150 SER 150 202 202 SER SER E . n 
A 1 151 ALA 151 203 203 ALA ALA E . n 
A 1 152 GLY 152 207 207 GLY GLY E . n 
A 1 153 GLN 153 208 208 GLN GLN E . n 
A 1 154 ALA 154 209 209 ALA ALA E . n 
A 1 155 GLN 155 210 210 GLN GLN E . n 
A 1 156 GLY 156 211 211 GLY GLY E . n 
A 1 157 VAL 157 212 212 VAL VAL E . n 
A 1 158 MET 158 213 213 MET MET E . n 
A 1 159 SER 159 214 214 SER SER E . n 
A 1 160 GLY 160 215 215 GLY GLY E . n 
A 1 161 GLY 161 216 216 GLY GLY E . n 
A 1 162 ASN 162 217 217 ASN ASN E . n 
A 1 163 VAL 163 217 217 VAL VAL E A n 
A 1 164 GLN 164 217 217 GLN GLN E B n 
A 1 165 SER 165 217 217 SER SER E C n 
A 1 166 ASN 166 217 217 ASN ASN E D n 
A 1 167 GLY 167 217 217 GLY GLY E E n 
A 1 168 ASN 168 218 218 ASN ASN E . n 
A 1 169 ASN 169 219 219 ASN ASN E . n 
A 1 170 CYS 170 220 220 CYS CYS E . n 
A 1 171 GLY 171 221 221 GLY GLY E . n 
A 1 172 ILE 172 221 221 ILE ILE E A n 
A 1 173 PRO 173 221 221 PRO PRO E B n 
A 1 174 ALA 174 221 221 ALA ALA E C n 
A 1 175 SER 175 222 222 SER SER E . n 
A 1 176 GLN 176 223 223 GLN GLN E . n 
A 1 177 ARG 177 224 224 ARG ARG E . n 
A 1 178 SER 178 225 225 SER SER E . n 
A 1 179 SER 179 226 226 SER SER E . n 
A 1 180 LEU 180 227 227 LEU LEU E . n 
A 1 181 PHE 181 228 228 PHE PHE E . n 
A 1 182 GLU 182 229 229 GLU GLU E . n 
A 1 183 ARG 183 230 230 ARG ARG E . n 
A 1 184 LEU 184 231 231 LEU LEU E . n 
A 1 185 GLN 185 232 232 GLN GLN E . n 
A 1 186 PRO 186 233 233 PRO PRO E . n 
A 1 187 ILE 187 234 234 ILE ILE E . n 
A 1 188 LEU 188 235 235 LEU LEU E . n 
A 1 189 SER 189 235 235 SER SER E A n 
A 1 190 GLN 190 236 236 GLN GLN E . n 
A 1 191 TYR 191 237 237 TYR TYR E . n 
A 1 192 GLY 192 238 238 GLY GLY E . n 
A 1 193 LEU 193 239 239 LEU LEU E . n 
A 1 194 SER 194 240 240 SER SER E . n 
A 1 195 LEU 195 241 241 LEU LEU E . n 
A 1 196 VAL 196 242 242 VAL VAL E . n 
A 1 197 THR 197 243 243 THR THR E . n 
A 1 198 GLY 198 244 244 GLY GLY E . n 
B 2 1   BOC 1   5   5   BOC BOC I . n 
B 2 2   ALA 2   4   4   ALA ALA I . n 
B 2 3   ALA 3   3   3   ALA ALA I . n 
B 2 4   PRO 4   2   2   PRO PRO I . n 
B 2 5   PVA 5   1   1   PVA PVA I . n 
B 2 6   LAC 6   -1  -1  LAC LAC I . n 
B 2 7   ALA 7   -2  -2  ALA ALA I . n 
# 
loop_
_pdbx_nonpoly_scheme.asym_id 
_pdbx_nonpoly_scheme.entity_id 
_pdbx_nonpoly_scheme.mon_id 
_pdbx_nonpoly_scheme.ndb_seq_num 
_pdbx_nonpoly_scheme.pdb_seq_num 
_pdbx_nonpoly_scheme.auth_seq_num 
_pdbx_nonpoly_scheme.pdb_mon_id 
_pdbx_nonpoly_scheme.auth_mon_id 
_pdbx_nonpoly_scheme.pdb_strand_id 
_pdbx_nonpoly_scheme.pdb_ins_code 
C 3 SO4 1   1   1   SO4 SO4 E . 
D 4 HOH 1   245 2   HOH HOH E . 
D 4 HOH 2   246 3   HOH HOH E . 
D 4 HOH 3   247 4   HOH HOH E . 
D 4 HOH 4   248 5   HOH HOH E . 
D 4 HOH 5   249 6   HOH HOH E . 
D 4 HOH 6   250 7   HOH HOH E . 
D 4 HOH 7   251 8   HOH HOH E . 
D 4 HOH 8   252 9   HOH HOH E . 
D 4 HOH 9   253 10  HOH HOH E . 
D 4 HOH 10  254 11  HOH HOH E . 
D 4 HOH 11  255 12  HOH HOH E . 
D 4 HOH 12  256 13  HOH HOH E . 
D 4 HOH 13  257 14  HOH HOH E . 
D 4 HOH 14  258 15  HOH HOH E . 
D 4 HOH 15  259 16  HOH HOH E . 
D 4 HOH 16  260 17  HOH HOH E . 
D 4 HOH 17  261 18  HOH HOH E . 
D 4 HOH 18  262 19  HOH HOH E . 
D 4 HOH 19  263 20  HOH HOH E . 
D 4 HOH 20  264 21  HOH HOH E . 
D 4 HOH 21  265 22  HOH HOH E . 
D 4 HOH 22  266 23  HOH HOH E . 
D 4 HOH 23  267 24  HOH HOH E . 
D 4 HOH 24  268 25  HOH HOH E . 
D 4 HOH 25  269 26  HOH HOH E . 
D 4 HOH 26  270 27  HOH HOH E . 
D 4 HOH 27  271 28  HOH HOH E . 
D 4 HOH 28  272 29  HOH HOH E . 
D 4 HOH 29  273 30  HOH HOH E . 
D 4 HOH 30  274 31  HOH HOH E . 
D 4 HOH 31  275 32  HOH HOH E . 
D 4 HOH 32  276 33  HOH HOH E . 
D 4 HOH 33  277 34  HOH HOH E . 
D 4 HOH 34  278 35  HOH HOH E . 
D 4 HOH 35  279 36  HOH HOH E . 
D 4 HOH 36  280 37  HOH HOH E . 
D 4 HOH 37  281 38  HOH HOH E . 
D 4 HOH 38  282 39  HOH HOH E . 
D 4 HOH 39  283 40  HOH HOH E . 
D 4 HOH 40  284 41  HOH HOH E . 
D 4 HOH 41  285 42  HOH HOH E . 
D 4 HOH 42  286 43  HOH HOH E . 
D 4 HOH 43  287 44  HOH HOH E . 
D 4 HOH 44  288 45  HOH HOH E . 
D 4 HOH 45  289 46  HOH HOH E . 
D 4 HOH 46  290 47  HOH HOH E . 
D 4 HOH 47  291 48  HOH HOH E . 
D 4 HOH 48  292 49  HOH HOH E . 
D 4 HOH 49  293 50  HOH HOH E . 
D 4 HOH 50  294 51  HOH HOH E . 
D 4 HOH 51  295 52  HOH HOH E . 
D 4 HOH 52  296 53  HOH HOH E . 
D 4 HOH 53  297 54  HOH HOH E . 
D 4 HOH 54  298 55  HOH HOH E . 
D 4 HOH 55  299 56  HOH HOH E . 
D 4 HOH 56  300 57  HOH HOH E . 
D 4 HOH 57  301 58  HOH HOH E . 
D 4 HOH 58  302 59  HOH HOH E . 
D 4 HOH 59  303 60  HOH HOH E . 
D 4 HOH 60  304 61  HOH HOH E . 
D 4 HOH 61  305 62  HOH HOH E . 
D 4 HOH 62  306 63  HOH HOH E . 
D 4 HOH 63  307 64  HOH HOH E . 
D 4 HOH 64  308 65  HOH HOH E . 
D 4 HOH 65  309 66  HOH HOH E . 
D 4 HOH 66  310 67  HOH HOH E . 
D 4 HOH 67  311 68  HOH HOH E . 
D 4 HOH 68  312 69  HOH HOH E . 
D 4 HOH 69  313 70  HOH HOH E . 
D 4 HOH 70  314 71  HOH HOH E . 
D 4 HOH 71  315 72  HOH HOH E . 
D 4 HOH 72  316 73  HOH HOH E . 
D 4 HOH 73  317 74  HOH HOH E . 
D 4 HOH 74  318 75  HOH HOH E . 
D 4 HOH 75  319 76  HOH HOH E . 
D 4 HOH 76  320 77  HOH HOH E . 
D 4 HOH 77  321 78  HOH HOH E . 
D 4 HOH 78  322 79  HOH HOH E . 
D 4 HOH 79  323 80  HOH HOH E . 
D 4 HOH 80  324 81  HOH HOH E . 
D 4 HOH 81  325 82  HOH HOH E . 
D 4 HOH 82  326 83  HOH HOH E . 
D 4 HOH 83  327 84  HOH HOH E . 
D 4 HOH 84  328 85  HOH HOH E . 
D 4 HOH 85  329 86  HOH HOH E . 
D 4 HOH 86  330 87  HOH HOH E . 
D 4 HOH 87  331 88  HOH HOH E . 
D 4 HOH 88  332 89  HOH HOH E . 
D 4 HOH 89  333 90  HOH HOH E . 
D 4 HOH 90  334 91  HOH HOH E . 
D 4 HOH 91  335 92  HOH HOH E . 
D 4 HOH 92  336 93  HOH HOH E . 
D 4 HOH 93  337 94  HOH HOH E . 
D 4 HOH 94  338 95  HOH HOH E . 
D 4 HOH 95  339 96  HOH HOH E . 
D 4 HOH 96  340 97  HOH HOH E . 
D 4 HOH 97  341 98  HOH HOH E . 
D 4 HOH 98  342 99  HOH HOH E . 
D 4 HOH 99  343 100 HOH HOH E . 
D 4 HOH 100 344 101 HOH HOH E . 
D 4 HOH 101 345 102 HOH HOH E . 
D 4 HOH 102 346 103 HOH HOH E . 
D 4 HOH 103 347 104 HOH HOH E . 
D 4 HOH 104 348 105 HOH HOH E . 
D 4 HOH 105 349 106 HOH HOH E . 
D 4 HOH 106 350 107 HOH HOH E . 
D 4 HOH 107 351 108 HOH HOH E . 
D 4 HOH 108 352 109 HOH HOH E . 
D 4 HOH 109 353 110 HOH HOH E . 
D 4 HOH 110 354 111 HOH HOH E . 
D 4 HOH 111 355 112 HOH HOH E . 
D 4 HOH 112 356 113 HOH HOH E . 
D 4 HOH 113 357 114 HOH HOH E . 
D 4 HOH 114 358 115 HOH HOH E . 
D 4 HOH 115 359 116 HOH HOH E . 
D 4 HOH 116 360 117 HOH HOH E . 
D 4 HOH 117 361 118 HOH HOH E . 
D 4 HOH 118 362 119 HOH HOH E . 
D 4 HOH 119 363 120 HOH HOH E . 
D 4 HOH 120 364 121 HOH HOH E . 
D 4 HOH 121 365 122 HOH HOH E . 
D 4 HOH 122 366 123 HOH HOH E . 
D 4 HOH 123 367 124 HOH HOH E . 
D 4 HOH 124 368 125 HOH HOH E . 
D 4 HOH 125 369 126 HOH HOH E . 
D 4 HOH 126 370 127 HOH HOH E . 
D 4 HOH 127 371 128 HOH HOH E . 
D 4 HOH 128 372 129 HOH HOH E . 
D 4 HOH 129 373 130 HOH HOH E . 
D 4 HOH 130 374 131 HOH HOH E . 
D 4 HOH 131 375 132 HOH HOH E . 
D 4 HOH 132 376 133 HOH HOH E . 
D 4 HOH 133 377 134 HOH HOH E . 
D 4 HOH 134 378 135 HOH HOH E . 
D 4 HOH 135 379 136 HOH HOH E . 
D 4 HOH 136 380 137 HOH HOH E . 
D 4 HOH 137 381 138 HOH HOH E . 
D 4 HOH 138 382 139 HOH HOH E . 
D 4 HOH 139 383 140 HOH HOH E . 
D 4 HOH 140 384 141 HOH HOH E . 
D 4 HOH 141 385 142 HOH HOH E . 
D 4 HOH 142 386 145 HOH HOH E . 
D 4 HOH 143 387 147 HOH HOH E . 
D 4 HOH 144 388 148 HOH HOH E . 
D 4 HOH 145 389 149 HOH HOH E . 
D 4 HOH 146 390 150 HOH HOH E . 
D 4 HOH 147 391 151 HOH HOH E . 
D 4 HOH 148 392 152 HOH HOH E . 
D 4 HOH 149 393 153 HOH HOH E . 
D 4 HOH 150 394 154 HOH HOH E . 
D 4 HOH 151 395 155 HOH HOH E . 
D 4 HOH 152 396 156 HOH HOH E . 
D 4 HOH 153 397 157 HOH HOH E . 
D 4 HOH 154 398 158 HOH HOH E . 
D 4 HOH 155 399 159 HOH HOH E . 
D 4 HOH 156 400 160 HOH HOH E . 
D 4 HOH 157 401 161 HOH HOH E . 
D 4 HOH 158 402 162 HOH HOH E . 
D 4 HOH 159 403 163 HOH HOH E . 
D 4 HOH 160 404 164 HOH HOH E . 
D 4 HOH 161 405 165 HOH HOH E . 
D 4 HOH 162 406 166 HOH HOH E . 
D 4 HOH 163 407 167 HOH HOH E . 
D 4 HOH 164 408 168 HOH HOH E . 
D 4 HOH 165 409 169 HOH HOH E . 
D 4 HOH 166 410 170 HOH HOH E . 
D 4 HOH 167 411 171 HOH HOH E . 
D 4 HOH 168 412 172 HOH HOH E . 
D 4 HOH 169 413 173 HOH HOH E . 
D 4 HOH 170 414 174 HOH HOH E . 
D 4 HOH 171 415 176 HOH HOH E . 
D 4 HOH 172 416 177 HOH HOH E . 
D 4 HOH 173 417 178 HOH HOH E . 
D 4 HOH 174 418 179 HOH HOH E . 
D 4 HOH 175 419 180 HOH HOH E . 
D 4 HOH 176 420 181 HOH HOH E . 
D 4 HOH 177 421 182 HOH HOH E . 
D 4 HOH 178 422 183 HOH HOH E . 
D 4 HOH 179 423 184 HOH HOH E . 
E 4 HOH 1   143 143 HOH HOH I . 
E 4 HOH 2   144 144 HOH HOH I . 
E 4 HOH 3   146 146 HOH HOH I . 
E 4 HOH 4   175 175 HOH HOH I . 
# 
_pdbx_molecule_features.prd_id    PRD_000387 
_pdbx_molecule_features.name      
;N-(tert-butoxycarbonyl)-L-alanyl-L-alanyl-N-{(1R)-1-[(S)-[(1S)-2-{[(1R)-1-carboxyethyl]amino}-1-methyl-2-oxoethoxy](hydroxy)phosphoryl]-2-methylpropyl}-L-prolinamide
;
_pdbx_molecule_features.type      Peptide-like 
_pdbx_molecule_features.class     Inhibitor 
_pdbx_molecule_features.details   ? 
# 
_pdbx_molecule.instance_id   1 
_pdbx_molecule.prd_id        PRD_000387 
_pdbx_molecule.asym_id       B 
# 
_pdbx_struct_assembly.id                   1 
_pdbx_struct_assembly.details              author_defined_assembly 
_pdbx_struct_assembly.method_details       ? 
_pdbx_struct_assembly.oligomeric_details   dimeric 
_pdbx_struct_assembly.oligomeric_count     2 
# 
_pdbx_struct_assembly_gen.assembly_id       1 
_pdbx_struct_assembly_gen.oper_expression   1 
_pdbx_struct_assembly_gen.asym_id_list      A,B,C,D,E 
# 
_pdbx_struct_oper_list.id                   1 
_pdbx_struct_oper_list.type                 'identity operation' 
_pdbx_struct_oper_list.name                 1_555 
_pdbx_struct_oper_list.symmetry_operation   x,y,z 
_pdbx_struct_oper_list.matrix[1][1]         1.0000000000 
_pdbx_struct_oper_list.matrix[1][2]         0.0000000000 
_pdbx_struct_oper_list.matrix[1][3]         0.0000000000 
_pdbx_struct_oper_list.vector[1]            0.0000000000 
_pdbx_struct_oper_list.matrix[2][1]         0.0000000000 
_pdbx_struct_oper_list.matrix[2][2]         1.0000000000 
_pdbx_struct_oper_list.matrix[2][3]         0.0000000000 
_pdbx_struct_oper_list.vector[2]            0.0000000000 
_pdbx_struct_oper_list.matrix[3][1]         0.0000000000 
_pdbx_struct_oper_list.matrix[3][2]         0.0000000000 
_pdbx_struct_oper_list.matrix[3][3]         1.0000000000 
_pdbx_struct_oper_list.vector[3]            0.0000000000 
# 
loop_
_pdbx_audit_revision_history.ordinal 
_pdbx_audit_revision_history.data_content_type 
_pdbx_audit_revision_history.major_revision 
_pdbx_audit_revision_history.minor_revision 
_pdbx_audit_revision_history.revision_date 
1 'Structure model' 1 0 1993-01-15 
2 'Structure model' 1 1 2008-03-24 
3 'Structure model' 1 2 2011-07-13 
4 'Structure model' 1 3 2012-12-12 
5 'Structure model' 2 0 2023-11-15 
# 
_pdbx_audit_revision_details.ordinal             1 
_pdbx_audit_revision_details.revision_ordinal    1 
_pdbx_audit_revision_details.data_content_type   'Structure model' 
_pdbx_audit_revision_details.provider            repository 
_pdbx_audit_revision_details.type                'Initial release' 
_pdbx_audit_revision_details.description         ? 
_pdbx_audit_revision_details.details             ? 
# 
loop_
_pdbx_audit_revision_group.ordinal 
_pdbx_audit_revision_group.revision_ordinal 
_pdbx_audit_revision_group.data_content_type 
_pdbx_audit_revision_group.group 
1  2 'Structure model' 'Version format compliance' 
2  3 'Structure model' 'Atomic model'              
3  3 'Structure model' 'Database references'       
4  3 'Structure model' 'Derived calculations'      
5  3 'Structure model' 'Non-polymer description'   
6  3 'Structure model' 'Structure summary'         
7  3 'Structure model' 'Version format compliance' 
8  4 'Structure model' Other                       
9  5 'Structure model' 'Atomic model'              
10 5 'Structure model' 'Data collection'           
11 5 'Structure model' 'Database references'       
12 5 'Structure model' 'Derived calculations'      
13 5 'Structure model' Other                       
# 
loop_
_pdbx_audit_revision_category.ordinal 
_pdbx_audit_revision_category.revision_ordinal 
_pdbx_audit_revision_category.data_content_type 
_pdbx_audit_revision_category.category 
1 5 'Structure model' atom_site            
2 5 'Structure model' chem_comp_atom       
3 5 'Structure model' chem_comp_bond       
4 5 'Structure model' database_2           
5 5 'Structure model' pdbx_database_status 
6 5 'Structure model' pdbx_validate_chiral 
7 5 'Structure model' struct_conn          
8 5 'Structure model' struct_sheet         
9 5 'Structure model' struct_site          
# 
loop_
_pdbx_audit_revision_item.ordinal 
_pdbx_audit_revision_item.revision_ordinal 
_pdbx_audit_revision_item.data_content_type 
_pdbx_audit_revision_item.item 
1  5 'Structure model' '_atom_site.auth_atom_id'             
2  5 'Structure model' '_atom_site.label_atom_id'            
3  5 'Structure model' '_database_2.pdbx_DOI'                
4  5 'Structure model' '_database_2.pdbx_database_accession' 
5  5 'Structure model' '_pdbx_database_status.process_site'  
6  5 'Structure model' '_pdbx_validate_chiral.auth_atom_id'  
7  5 'Structure model' '_struct_conn.pdbx_dist_value'        
8  5 'Structure model' '_struct_conn.pdbx_leaving_atom_flag' 
9  5 'Structure model' '_struct_conn.ptnr1_auth_asym_id'     
10 5 'Structure model' '_struct_conn.ptnr1_auth_comp_id'     
11 5 'Structure model' '_struct_conn.ptnr1_auth_seq_id'      
12 5 'Structure model' '_struct_conn.ptnr1_label_asym_id'    
13 5 'Structure model' '_struct_conn.ptnr1_label_atom_id'    
14 5 'Structure model' '_struct_conn.ptnr1_label_comp_id'    
15 5 'Structure model' '_struct_conn.ptnr1_label_seq_id'     
16 5 'Structure model' '_struct_conn.ptnr2_auth_asym_id'     
17 5 'Structure model' '_struct_conn.ptnr2_auth_comp_id'     
18 5 'Structure model' '_struct_conn.ptnr2_auth_seq_id'      
19 5 'Structure model' '_struct_conn.ptnr2_label_asym_id'    
20 5 'Structure model' '_struct_conn.ptnr2_label_atom_id'    
21 5 'Structure model' '_struct_conn.ptnr2_label_comp_id'    
22 5 'Structure model' '_struct_conn.ptnr2_label_seq_id'     
23 5 'Structure model' '_struct_sheet.number_strands'        
24 5 'Structure model' '_struct_site.pdbx_auth_asym_id'      
25 5 'Structure model' '_struct_site.pdbx_auth_comp_id'      
26 5 'Structure model' '_struct_site.pdbx_auth_seq_id'       
# 
_software.name             PROLSQ 
_software.classification   refinement 
_software.version          . 
_software.citation_id      ? 
_software.pdbx_ordinal     1 
# 
_pdbx_entry_details.entry_id                 1P12 
_pdbx_entry_details.compound_details         
;THE PVA RESIDUE IN THE INHIBITOR IS THE ALPHA-AMINO
PHOSPHONIC ACID ANALOG OF VAL IN WHICH THE C-TERMINAL
CARBOXYL GROUP (COOH) HAS BEEN REPLACED WITH A PHOSPHONIC
ACID GROUP (PO(OH)2).

IN THE INHIBITOR, DESIGNATED CHAIN I, ESTER
BONDS ARE FORMED FROM PHOSPHONATE PHOSPHOROUS OF THE OG
OF SER E 195 AND TO O1 OF THE LAC I -1.

INHIBITOR NUMBERING (CHAIN *I*, 5 TO -2) IS BY
ANALOGY TO PROTEASE SUBSTRATE NOMENCLATURE IN WHICH THE
RESIDUE PRIOR TO THE SCISSILE BOND IS THE *I* 1
RESIDUE, THE NEXT TOWARDS THE N-TERMINUS IS THE *I* 2 RESIDUE, 
ETC.  RESIDUES TOWARDS THE C-TERMINUS
ARE NUMBERED *I* -1 THEN *I* -2, ETC.
(I. SCHECTER, A. BERGER, BIOCHEM. BIOPHYS. RES. COMMUN. 27,
(1967) 157.
;
_pdbx_entry_details.sequence_details         ? 
_pdbx_entry_details.source_details           ? 
_pdbx_entry_details.nonpolymer_details       ? 
_pdbx_entry_details.has_ligand_of_interest   ? 
# 
_pdbx_validate_rmsd_bond.id                        1 
_pdbx_validate_rmsd_bond.PDB_model_num             1 
_pdbx_validate_rmsd_bond.auth_atom_id_1            C 
_pdbx_validate_rmsd_bond.auth_asym_id_1            E 
_pdbx_validate_rmsd_bond.auth_comp_id_1            ARG 
_pdbx_validate_rmsd_bond.auth_seq_id_1             178 
_pdbx_validate_rmsd_bond.PDB_ins_code_1            ? 
_pdbx_validate_rmsd_bond.label_alt_id_1            B 
_pdbx_validate_rmsd_bond.auth_atom_id_2            N 
_pdbx_validate_rmsd_bond.auth_asym_id_2            E 
_pdbx_validate_rmsd_bond.auth_comp_id_2            GLY 
_pdbx_validate_rmsd_bond.auth_seq_id_2             179 
_pdbx_validate_rmsd_bond.PDB_ins_code_2            ? 
_pdbx_validate_rmsd_bond.label_alt_id_2            ? 
_pdbx_validate_rmsd_bond.bond_value                1.500 
_pdbx_validate_rmsd_bond.bond_target_value         1.336 
_pdbx_validate_rmsd_bond.bond_deviation            0.164 
_pdbx_validate_rmsd_bond.bond_standard_deviation   0.023 
_pdbx_validate_rmsd_bond.linker_flag               Y 
# 
loop_
_pdbx_validate_rmsd_angle.id 
_pdbx_validate_rmsd_angle.PDB_model_num 
_pdbx_validate_rmsd_angle.auth_atom_id_1 
_pdbx_validate_rmsd_angle.auth_asym_id_1 
_pdbx_validate_rmsd_angle.auth_comp_id_1 
_pdbx_validate_rmsd_angle.auth_seq_id_1 
_pdbx_validate_rmsd_angle.PDB_ins_code_1 
_pdbx_validate_rmsd_angle.label_alt_id_1 
_pdbx_validate_rmsd_angle.auth_atom_id_2 
_pdbx_validate_rmsd_angle.auth_asym_id_2 
_pdbx_validate_rmsd_angle.auth_comp_id_2 
_pdbx_validate_rmsd_angle.auth_seq_id_2 
_pdbx_validate_rmsd_angle.PDB_ins_code_2 
_pdbx_validate_rmsd_angle.label_alt_id_2 
_pdbx_validate_rmsd_angle.auth_atom_id_3 
_pdbx_validate_rmsd_angle.auth_asym_id_3 
_pdbx_validate_rmsd_angle.auth_comp_id_3 
_pdbx_validate_rmsd_angle.auth_seq_id_3 
_pdbx_validate_rmsd_angle.PDB_ins_code_3 
_pdbx_validate_rmsd_angle.label_alt_id_3 
_pdbx_validate_rmsd_angle.angle_value 
_pdbx_validate_rmsd_angle.angle_target_value 
_pdbx_validate_rmsd_angle.angle_deviation 
_pdbx_validate_rmsd_angle.angle_standard_deviation 
_pdbx_validate_rmsd_angle.linker_flag 
1  1 NE  E ARG 48  B ? CZ E ARG 48  B ? NH1 E ARG 48  B ? 141.23 120.30 20.93  0.50 N 
2  1 NE  E ARG 48  B ? CZ E ARG 48  B ? NH2 E ARG 48  B ? 104.47 120.30 -15.83 0.50 N 
3  1 NE  E ARG 67  ? ? CZ E ARG 67  ? ? NH1 E ARG 67  ? ? 129.88 120.30 9.58   0.50 N 
4  1 NE  E ARG 67  ? ? CZ E ARG 67  ? ? NH2 E ARG 67  ? ? 115.66 120.30 -4.64  0.50 N 
5  1 NH1 E ARG 91  ? ? CZ E ARG 91  ? ? NH2 E ARG 91  ? ? 127.69 119.40 8.29   1.10 N 
6  1 NE  E ARG 91  ? ? CZ E ARG 91  ? ? NH2 E ARG 91  ? ? 112.90 120.30 -7.40  0.50 N 
7  1 CB  E ASP 102 ? ? CG E ASP 102 ? ? OD2 E ASP 102 ? ? 123.97 118.30 5.67   0.90 N 
8  1 NE  E ARG 103 ? ? CZ E ARG 103 ? ? NH1 E ARG 103 ? ? 124.22 120.30 3.92   0.50 N 
9  1 N   E SER 107 ? ? CA E SER 107 ? ? CB  E SER 107 ? ? 120.52 110.50 10.02  1.50 N 
10 1 OE1 E GLU 129 ? ? CD E GLU 129 ? ? OE2 E GLU 129 ? ? 132.95 123.30 9.65   1.20 N 
11 1 NE  E ARG 141 ? ? CZ E ARG 141 ? ? NH1 E ARG 141 ? ? 117.16 120.30 -3.14  0.50 N 
12 1 CB  E TYR 157 ? ? CG E TYR 157 ? ? CD1 E TYR 157 ? ? 116.95 121.00 -4.05  0.60 N 
13 1 CD  E ARG 178 ? B NE E ARG 178 ? B CZ  E ARG 178 ? B 151.14 123.60 27.54  1.40 N 
14 1 NE  E ARG 178 ? B CZ E ARG 178 ? B NH1 E ARG 178 ? B 125.75 120.30 5.45   0.50 N 
15 1 NE  E ARG 178 ? B CZ E ARG 178 ? B NH2 E ARG 178 ? B 116.97 120.30 -3.33  0.50 N 
16 1 NE  E ARG 192 B ? CZ E ARG 192 B ? NH2 E ARG 192 B ? 116.40 120.30 -3.90  0.50 N 
17 1 O   E GLY 216 ? ? C  E GLY 216 ? ? N   E ASN 217 ? ? 132.34 122.70 9.64   1.60 Y 
18 1 NE  E ARG 224 ? ? CZ E ARG 224 ? ? NH2 E ARG 224 ? ? 115.45 120.30 -4.85  0.50 N 
19 1 NE  E ARG 230 ? ? CZ E ARG 230 ? ? NH1 E ARG 230 ? ? 126.33 120.30 6.03   0.50 N 
20 1 N   I PRO 2   ? ? CA I PRO 2   ? ? CB  I PRO 2   ? ? 90.29  103.30 -13.01 1.20 N 
21 1 CA  I PRO 2   ? ? CB I PRO 2   ? ? CG  I PRO 2   ? ? 124.16 104.80 19.36  1.90 N 
22 1 N   I PRO 2   ? ? CD I PRO 2   ? ? CG  I PRO 2   ? ? 112.55 103.20 9.35   1.50 N 
# 
loop_
_pdbx_validate_torsion.id 
_pdbx_validate_torsion.PDB_model_num 
_pdbx_validate_torsion.auth_comp_id 
_pdbx_validate_torsion.auth_asym_id 
_pdbx_validate_torsion.auth_seq_id 
_pdbx_validate_torsion.PDB_ins_code 
_pdbx_validate_torsion.label_alt_id 
_pdbx_validate_torsion.phi 
_pdbx_validate_torsion.psi 
1 1 ALA E 39  ? ? -129.25 -79.72  
2 1 PRO E 99  A ? -77.66  -155.40 
3 1 SER E 214 ? ? -106.39 -63.87  
# 
loop_
_pdbx_validate_planes.id 
_pdbx_validate_planes.PDB_model_num 
_pdbx_validate_planes.auth_comp_id 
_pdbx_validate_planes.auth_asym_id 
_pdbx_validate_planes.auth_seq_id 
_pdbx_validate_planes.PDB_ins_code 
_pdbx_validate_planes.label_alt_id 
_pdbx_validate_planes.rmsd 
_pdbx_validate_planes.type 
1 1 ARG E 48  B ? 0.101 'SIDE CHAIN' 
2 1 ARG E 138 ? ? 0.091 'SIDE CHAIN' 
# 
_pdbx_validate_chiral.id              1 
_pdbx_validate_chiral.PDB_model_num   1 
_pdbx_validate_chiral.auth_atom_id    CA 
_pdbx_validate_chiral.label_alt_id    ? 
_pdbx_validate_chiral.auth_asym_id    I 
_pdbx_validate_chiral.auth_comp_id    LAC 
_pdbx_validate_chiral.auth_seq_id     -1 
_pdbx_validate_chiral.PDB_ins_code    ? 
_pdbx_validate_chiral.details         'WRONG HAND' 
_pdbx_validate_chiral.omega           . 
# 
loop_
_chem_comp_atom.comp_id 
_chem_comp_atom.atom_id 
_chem_comp_atom.type_symbol 
_chem_comp_atom.pdbx_aromatic_flag 
_chem_comp_atom.pdbx_stereo_config 
_chem_comp_atom.pdbx_ordinal 
ALA N    N N N 1   
ALA CA   C N S 2   
ALA C    C N N 3   
ALA O    O N N 4   
ALA CB   C N N 5   
ALA OXT  O N N 6   
ALA H    H N N 7   
ALA H2   H N N 8   
ALA HA   H N N 9   
ALA HB1  H N N 10  
ALA HB2  H N N 11  
ALA HB3  H N N 12  
ALA HXT  H N N 13  
ARG N    N N N 14  
ARG CA   C N S 15  
ARG C    C N N 16  
ARG O    O N N 17  
ARG CB   C N N 18  
ARG CG   C N N 19  
ARG CD   C N N 20  
ARG NE   N N N 21  
ARG CZ   C N N 22  
ARG NH1  N N N 23  
ARG NH2  N N N 24  
ARG OXT  O N N 25  
ARG H    H N N 26  
ARG H2   H N N 27  
ARG HA   H N N 28  
ARG HB2  H N N 29  
ARG HB3  H N N 30  
ARG HG2  H N N 31  
ARG HG3  H N N 32  
ARG HD2  H N N 33  
ARG HD3  H N N 34  
ARG HE   H N N 35  
ARG HH11 H N N 36  
ARG HH12 H N N 37  
ARG HH21 H N N 38  
ARG HH22 H N N 39  
ARG HXT  H N N 40  
ASN N    N N N 41  
ASN CA   C N S 42  
ASN C    C N N 43  
ASN O    O N N 44  
ASN CB   C N N 45  
ASN CG   C N N 46  
ASN OD1  O N N 47  
ASN ND2  N N N 48  
ASN OXT  O N N 49  
ASN H    H N N 50  
ASN H2   H N N 51  
ASN HA   H N N 52  
ASN HB2  H N N 53  
ASN HB3  H N N 54  
ASN HD21 H N N 55  
ASN HD22 H N N 56  
ASN HXT  H N N 57  
ASP N    N N N 58  
ASP CA   C N S 59  
ASP C    C N N 60  
ASP O    O N N 61  
ASP CB   C N N 62  
ASP CG   C N N 63  
ASP OD1  O N N 64  
ASP OD2  O N N 65  
ASP OXT  O N N 66  
ASP H    H N N 67  
ASP H2   H N N 68  
ASP HA   H N N 69  
ASP HB2  H N N 70  
ASP HB3  H N N 71  
ASP HD2  H N N 72  
ASP HXT  H N N 73  
BOC O1   O N N 74  
BOC C    C N N 75  
BOC O2   O N N 76  
BOC CT   C N N 77  
BOC C1   C N N 78  
BOC C2   C N N 79  
BOC C3   C N N 80  
BOC O3   O N N 81  
BOC H11  H N N 82  
BOC H12  H N N 83  
BOC H13  H N N 84  
BOC H21  H N N 85  
BOC H22  H N N 86  
BOC H23  H N N 87  
BOC H31  H N N 88  
BOC H32  H N N 89  
BOC H33  H N N 90  
BOC H3   H N N 91  
CYS N    N N N 92  
CYS CA   C N R 93  
CYS C    C N N 94  
CYS O    O N N 95  
CYS CB   C N N 96  
CYS SG   S N N 97  
CYS OXT  O N N 98  
CYS H    H N N 99  
CYS H2   H N N 100 
CYS HA   H N N 101 
CYS HB2  H N N 102 
CYS HB3  H N N 103 
CYS HG   H N N 104 
CYS HXT  H N N 105 
GLN N    N N N 106 
GLN CA   C N S 107 
GLN C    C N N 108 
GLN O    O N N 109 
GLN CB   C N N 110 
GLN CG   C N N 111 
GLN CD   C N N 112 
GLN OE1  O N N 113 
GLN NE2  N N N 114 
GLN OXT  O N N 115 
GLN H    H N N 116 
GLN H2   H N N 117 
GLN HA   H N N 118 
GLN HB2  H N N 119 
GLN HB3  H N N 120 
GLN HG2  H N N 121 
GLN HG3  H N N 122 
GLN HE21 H N N 123 
GLN HE22 H N N 124 
GLN HXT  H N N 125 
GLU N    N N N 126 
GLU CA   C N S 127 
GLU C    C N N 128 
GLU O    O N N 129 
GLU CB   C N N 130 
GLU CG   C N N 131 
GLU CD   C N N 132 
GLU OE1  O N N 133 
GLU OE2  O N N 134 
GLU OXT  O N N 135 
GLU H    H N N 136 
GLU H2   H N N 137 
GLU HA   H N N 138 
GLU HB2  H N N 139 
GLU HB3  H N N 140 
GLU HG2  H N N 141 
GLU HG3  H N N 142 
GLU HE2  H N N 143 
GLU HXT  H N N 144 
GLY N    N N N 145 
GLY CA   C N N 146 
GLY C    C N N 147 
GLY O    O N N 148 
GLY OXT  O N N 149 
GLY H    H N N 150 
GLY H2   H N N 151 
GLY HA2  H N N 152 
GLY HA3  H N N 153 
GLY HXT  H N N 154 
HIS N    N N N 155 
HIS CA   C N S 156 
HIS C    C N N 157 
HIS O    O N N 158 
HIS CB   C N N 159 
HIS CG   C Y N 160 
HIS ND1  N Y N 161 
HIS CD2  C Y N 162 
HIS CE1  C Y N 163 
HIS NE2  N Y N 164 
HIS OXT  O N N 165 
HIS H    H N N 166 
HIS H2   H N N 167 
HIS HA   H N N 168 
HIS HB2  H N N 169 
HIS HB3  H N N 170 
HIS HD1  H N N 171 
HIS HD2  H N N 172 
HIS HE1  H N N 173 
HIS HE2  H N N 174 
HIS HXT  H N N 175 
HOH O    O N N 176 
HOH H1   H N N 177 
HOH H2   H N N 178 
ILE N    N N N 179 
ILE CA   C N S 180 
ILE C    C N N 181 
ILE O    O N N 182 
ILE CB   C N S 183 
ILE CG1  C N N 184 
ILE CG2  C N N 185 
ILE CD1  C N N 186 
ILE OXT  O N N 187 
ILE H    H N N 188 
ILE H2   H N N 189 
ILE HA   H N N 190 
ILE HB   H N N 191 
ILE HG12 H N N 192 
ILE HG13 H N N 193 
ILE HG21 H N N 194 
ILE HG22 H N N 195 
ILE HG23 H N N 196 
ILE HD11 H N N 197 
ILE HD12 H N N 198 
ILE HD13 H N N 199 
ILE HXT  H N N 200 
LAC C    C N N 201 
LAC CA   C N R 202 
LAC CB   C N N 203 
LAC O    O N N 204 
LAC OHN  O N N 205 
LAC OXT  O N N 206 
LAC HA   H N N 207 
LAC HB1  H N N 208 
LAC HB2  H N N 209 
LAC HB3  H N N 210 
LAC H    H N N 211 
LAC HXT  H N N 212 
LEU N    N N N 213 
LEU CA   C N S 214 
LEU C    C N N 215 
LEU O    O N N 216 
LEU CB   C N N 217 
LEU CG   C N N 218 
LEU CD1  C N N 219 
LEU CD2  C N N 220 
LEU OXT  O N N 221 
LEU H    H N N 222 
LEU H2   H N N 223 
LEU HA   H N N 224 
LEU HB2  H N N 225 
LEU HB3  H N N 226 
LEU HG   H N N 227 
LEU HD11 H N N 228 
LEU HD12 H N N 229 
LEU HD13 H N N 230 
LEU HD21 H N N 231 
LEU HD22 H N N 232 
LEU HD23 H N N 233 
LEU HXT  H N N 234 
LYS N    N N N 235 
LYS CA   C N S 236 
LYS C    C N N 237 
LYS O    O N N 238 
LYS CB   C N N 239 
LYS CG   C N N 240 
LYS CD   C N N 241 
LYS CE   C N N 242 
LYS NZ   N N N 243 
LYS OXT  O N N 244 
LYS H    H N N 245 
LYS H2   H N N 246 
LYS HA   H N N 247 
LYS HB2  H N N 248 
LYS HB3  H N N 249 
LYS HG2  H N N 250 
LYS HG3  H N N 251 
LYS HD2  H N N 252 
LYS HD3  H N N 253 
LYS HE2  H N N 254 
LYS HE3  H N N 255 
LYS HZ1  H N N 256 
LYS HZ2  H N N 257 
LYS HZ3  H N N 258 
LYS HXT  H N N 259 
MET N    N N N 260 
MET CA   C N S 261 
MET C    C N N 262 
MET O    O N N 263 
MET CB   C N N 264 
MET CG   C N N 265 
MET SD   S N N 266 
MET CE   C N N 267 
MET OXT  O N N 268 
MET H    H N N 269 
MET H2   H N N 270 
MET HA   H N N 271 
MET HB2  H N N 272 
MET HB3  H N N 273 
MET HG2  H N N 274 
MET HG3  H N N 275 
MET HE1  H N N 276 
MET HE2  H N N 277 
MET HE3  H N N 278 
MET HXT  H N N 279 
PHE N    N N N 280 
PHE CA   C N S 281 
PHE C    C N N 282 
PHE O    O N N 283 
PHE CB   C N N 284 
PHE CG   C Y N 285 
PHE CD1  C Y N 286 
PHE CD2  C Y N 287 
PHE CE1  C Y N 288 
PHE CE2  C Y N 289 
PHE CZ   C Y N 290 
PHE OXT  O N N 291 
PHE H    H N N 292 
PHE H2   H N N 293 
PHE HA   H N N 294 
PHE HB2  H N N 295 
PHE HB3  H N N 296 
PHE HD1  H N N 297 
PHE HD2  H N N 298 
PHE HE1  H N N 299 
PHE HE2  H N N 300 
PHE HZ   H N N 301 
PHE HXT  H N N 302 
PRO N    N N N 303 
PRO CA   C N S 304 
PRO C    C N N 305 
PRO O    O N N 306 
PRO CB   C N N 307 
PRO CG   C N N 308 
PRO CD   C N N 309 
PRO OXT  O N N 310 
PRO H    H N N 311 
PRO HA   H N N 312 
PRO HB2  H N N 313 
PRO HB3  H N N 314 
PRO HG2  H N N 315 
PRO HG3  H N N 316 
PRO HD2  H N N 317 
PRO HD3  H N N 318 
PRO HXT  H N N 319 
PVA CA   C N R 320 
PVA C2   C N N 321 
PVA C3   C N N 322 
PVA CM   C N N 323 
PVA N    N N N 324 
PVA P    P N N 325 
PVA O1P  O N N 326 
PVA OXT  O N N 327 
PVA O3P  O N N 328 
PVA HA   H N N 329 
PVA H21  H N N 330 
PVA H31  H N N 331 
PVA H32  H N N 332 
PVA H33  H N N 333 
PVA HM1  H N N 334 
PVA HM2  H N N 335 
PVA HM3  H N N 336 
PVA H    H N N 337 
PVA H2   H N N 338 
PVA HXT  H N N 339 
PVA HOP3 H N N 340 
SER N    N N N 341 
SER CA   C N S 342 
SER C    C N N 343 
SER O    O N N 344 
SER CB   C N N 345 
SER OG   O N N 346 
SER OXT  O N N 347 
SER H    H N N 348 
SER H2   H N N 349 
SER HA   H N N 350 
SER HB2  H N N 351 
SER HB3  H N N 352 
SER HG   H N N 353 
SER HXT  H N N 354 
SO4 S    S N N 355 
SO4 O1   O N N 356 
SO4 O2   O N N 357 
SO4 O3   O N N 358 
SO4 O4   O N N 359 
THR N    N N N 360 
THR CA   C N S 361 
THR C    C N N 362 
THR O    O N N 363 
THR CB   C N R 364 
THR OG1  O N N 365 
THR CG2  C N N 366 
THR OXT  O N N 367 
THR H    H N N 368 
THR H2   H N N 369 
THR HA   H N N 370 
THR HB   H N N 371 
THR HG1  H N N 372 
THR HG21 H N N 373 
THR HG22 H N N 374 
THR HG23 H N N 375 
THR HXT  H N N 376 
TRP N    N N N 377 
TRP CA   C N S 378 
TRP C    C N N 379 
TRP O    O N N 380 
TRP CB   C N N 381 
TRP CG   C Y N 382 
TRP CD1  C Y N 383 
TRP CD2  C Y N 384 
TRP NE1  N Y N 385 
TRP CE2  C Y N 386 
TRP CE3  C Y N 387 
TRP CZ2  C Y N 388 
TRP CZ3  C Y N 389 
TRP CH2  C Y N 390 
TRP OXT  O N N 391 
TRP H    H N N 392 
TRP H2   H N N 393 
TRP HA   H N N 394 
TRP HB2  H N N 395 
TRP HB3  H N N 396 
TRP HD1  H N N 397 
TRP HE1  H N N 398 
TRP HE3  H N N 399 
TRP HZ2  H N N 400 
TRP HZ3  H N N 401 
TRP HH2  H N N 402 
TRP HXT  H N N 403 
TYR N    N N N 404 
TYR CA   C N S 405 
TYR C    C N N 406 
TYR O    O N N 407 
TYR CB   C N N 408 
TYR CG   C Y N 409 
TYR CD1  C Y N 410 
TYR CD2  C Y N 411 
TYR CE1  C Y N 412 
TYR CE2  C Y N 413 
TYR CZ   C Y N 414 
TYR OH   O N N 415 
TYR OXT  O N N 416 
TYR H    H N N 417 
TYR H2   H N N 418 
TYR HA   H N N 419 
TYR HB2  H N N 420 
TYR HB3  H N N 421 
TYR HD1  H N N 422 
TYR HD2  H N N 423 
TYR HE1  H N N 424 
TYR HE2  H N N 425 
TYR HH   H N N 426 
TYR HXT  H N N 427 
VAL N    N N N 428 
VAL CA   C N S 429 
VAL C    C N N 430 
VAL O    O N N 431 
VAL CB   C N N 432 
VAL CG1  C N N 433 
VAL CG2  C N N 434 
VAL OXT  O N N 435 
VAL H    H N N 436 
VAL H2   H N N 437 
VAL HA   H N N 438 
VAL HB   H N N 439 
VAL HG11 H N N 440 
VAL HG12 H N N 441 
VAL HG13 H N N 442 
VAL HG21 H N N 443 
VAL HG22 H N N 444 
VAL HG23 H N N 445 
VAL HXT  H N N 446 
# 
loop_
_chem_comp_bond.comp_id 
_chem_comp_bond.atom_id_1 
_chem_comp_bond.atom_id_2 
_chem_comp_bond.value_order 
_chem_comp_bond.pdbx_aromatic_flag 
_chem_comp_bond.pdbx_stereo_config 
_chem_comp_bond.pdbx_ordinal 
ALA N   CA   sing N N 1   
ALA N   H    sing N N 2   
ALA N   H2   sing N N 3   
ALA CA  C    sing N N 4   
ALA CA  CB   sing N N 5   
ALA CA  HA   sing N N 6   
ALA C   O    doub N N 7   
ALA C   OXT  sing N N 8   
ALA CB  HB1  sing N N 9   
ALA CB  HB2  sing N N 10  
ALA CB  HB3  sing N N 11  
ALA OXT HXT  sing N N 12  
ARG N   CA   sing N N 13  
ARG N   H    sing N N 14  
ARG N   H2   sing N N 15  
ARG CA  C    sing N N 16  
ARG CA  CB   sing N N 17  
ARG CA  HA   sing N N 18  
ARG C   O    doub N N 19  
ARG C   OXT  sing N N 20  
ARG CB  CG   sing N N 21  
ARG CB  HB2  sing N N 22  
ARG CB  HB3  sing N N 23  
ARG CG  CD   sing N N 24  
ARG CG  HG2  sing N N 25  
ARG CG  HG3  sing N N 26  
ARG CD  NE   sing N N 27  
ARG CD  HD2  sing N N 28  
ARG CD  HD3  sing N N 29  
ARG NE  CZ   sing N N 30  
ARG NE  HE   sing N N 31  
ARG CZ  NH1  sing N N 32  
ARG CZ  NH2  doub N N 33  
ARG NH1 HH11 sing N N 34  
ARG NH1 HH12 sing N N 35  
ARG NH2 HH21 sing N N 36  
ARG NH2 HH22 sing N N 37  
ARG OXT HXT  sing N N 38  
ASN N   CA   sing N N 39  
ASN N   H    sing N N 40  
ASN N   H2   sing N N 41  
ASN CA  C    sing N N 42  
ASN CA  CB   sing N N 43  
ASN CA  HA   sing N N 44  
ASN C   O    doub N N 45  
ASN C   OXT  sing N N 46  
ASN CB  CG   sing N N 47  
ASN CB  HB2  sing N N 48  
ASN CB  HB3  sing N N 49  
ASN CG  OD1  doub N N 50  
ASN CG  ND2  sing N N 51  
ASN ND2 HD21 sing N N 52  
ASN ND2 HD22 sing N N 53  
ASN OXT HXT  sing N N 54  
ASP N   CA   sing N N 55  
ASP N   H    sing N N 56  
ASP N   H2   sing N N 57  
ASP CA  C    sing N N 58  
ASP CA  CB   sing N N 59  
ASP CA  HA   sing N N 60  
ASP C   O    doub N N 61  
ASP C   OXT  sing N N 62  
ASP CB  CG   sing N N 63  
ASP CB  HB2  sing N N 64  
ASP CB  HB3  sing N N 65  
ASP CG  OD1  doub N N 66  
ASP CG  OD2  sing N N 67  
ASP OD2 HD2  sing N N 68  
ASP OXT HXT  sing N N 69  
BOC O1  C    doub N N 70  
BOC C   O2   sing N N 71  
BOC O2  CT   sing N N 72  
BOC CT  C1   sing N N 73  
BOC CT  C2   sing N N 74  
BOC CT  C3   sing N N 75  
BOC O3  C    sing N N 76  
BOC C1  H11  sing N N 77  
BOC C1  H12  sing N N 78  
BOC C1  H13  sing N N 79  
BOC C2  H21  sing N N 80  
BOC C2  H22  sing N N 81  
BOC C2  H23  sing N N 82  
BOC C3  H31  sing N N 83  
BOC C3  H32  sing N N 84  
BOC C3  H33  sing N N 85  
BOC O3  H3   sing N N 86  
CYS N   CA   sing N N 87  
CYS N   H    sing N N 88  
CYS N   H2   sing N N 89  
CYS CA  C    sing N N 90  
CYS CA  CB   sing N N 91  
CYS CA  HA   sing N N 92  
CYS C   O    doub N N 93  
CYS C   OXT  sing N N 94  
CYS CB  SG   sing N N 95  
CYS CB  HB2  sing N N 96  
CYS CB  HB3  sing N N 97  
CYS SG  HG   sing N N 98  
CYS OXT HXT  sing N N 99  
GLN N   CA   sing N N 100 
GLN N   H    sing N N 101 
GLN N   H2   sing N N 102 
GLN CA  C    sing N N 103 
GLN CA  CB   sing N N 104 
GLN CA  HA   sing N N 105 
GLN C   O    doub N N 106 
GLN C   OXT  sing N N 107 
GLN CB  CG   sing N N 108 
GLN CB  HB2  sing N N 109 
GLN CB  HB3  sing N N 110 
GLN CG  CD   sing N N 111 
GLN CG  HG2  sing N N 112 
GLN CG  HG3  sing N N 113 
GLN CD  OE1  doub N N 114 
GLN CD  NE2  sing N N 115 
GLN NE2 HE21 sing N N 116 
GLN NE2 HE22 sing N N 117 
GLN OXT HXT  sing N N 118 
GLU N   CA   sing N N 119 
GLU N   H    sing N N 120 
GLU N   H2   sing N N 121 
GLU CA  C    sing N N 122 
GLU CA  CB   sing N N 123 
GLU CA  HA   sing N N 124 
GLU C   O    doub N N 125 
GLU C   OXT  sing N N 126 
GLU CB  CG   sing N N 127 
GLU CB  HB2  sing N N 128 
GLU CB  HB3  sing N N 129 
GLU CG  CD   sing N N 130 
GLU CG  HG2  sing N N 131 
GLU CG  HG3  sing N N 132 
GLU CD  OE1  doub N N 133 
GLU CD  OE2  sing N N 134 
GLU OE2 HE2  sing N N 135 
GLU OXT HXT  sing N N 136 
GLY N   CA   sing N N 137 
GLY N   H    sing N N 138 
GLY N   H2   sing N N 139 
GLY CA  C    sing N N 140 
GLY CA  HA2  sing N N 141 
GLY CA  HA3  sing N N 142 
GLY C   O    doub N N 143 
GLY C   OXT  sing N N 144 
GLY OXT HXT  sing N N 145 
HIS N   CA   sing N N 146 
HIS N   H    sing N N 147 
HIS N   H2   sing N N 148 
HIS CA  C    sing N N 149 
HIS CA  CB   sing N N 150 
HIS CA  HA   sing N N 151 
HIS C   O    doub N N 152 
HIS C   OXT  sing N N 153 
HIS CB  CG   sing N N 154 
HIS CB  HB2  sing N N 155 
HIS CB  HB3  sing N N 156 
HIS CG  ND1  sing Y N 157 
HIS CG  CD2  doub Y N 158 
HIS ND1 CE1  doub Y N 159 
HIS ND1 HD1  sing N N 160 
HIS CD2 NE2  sing Y N 161 
HIS CD2 HD2  sing N N 162 
HIS CE1 NE2  sing Y N 163 
HIS CE1 HE1  sing N N 164 
HIS NE2 HE2  sing N N 165 
HIS OXT HXT  sing N N 166 
HOH O   H1   sing N N 167 
HOH O   H2   sing N N 168 
ILE N   CA   sing N N 169 
ILE N   H    sing N N 170 
ILE N   H2   sing N N 171 
ILE CA  C    sing N N 172 
ILE CA  CB   sing N N 173 
ILE CA  HA   sing N N 174 
ILE C   O    doub N N 175 
ILE C   OXT  sing N N 176 
ILE CB  CG1  sing N N 177 
ILE CB  CG2  sing N N 178 
ILE CB  HB   sing N N 179 
ILE CG1 CD1  sing N N 180 
ILE CG1 HG12 sing N N 181 
ILE CG1 HG13 sing N N 182 
ILE CG2 HG21 sing N N 183 
ILE CG2 HG22 sing N N 184 
ILE CG2 HG23 sing N N 185 
ILE CD1 HD11 sing N N 186 
ILE CD1 HD12 sing N N 187 
ILE CD1 HD13 sing N N 188 
ILE OXT HXT  sing N N 189 
LAC C   CA   sing N N 190 
LAC C   O    doub N N 191 
LAC C   OXT  sing N N 192 
LAC CA  CB   sing N N 193 
LAC CA  OHN  sing N N 194 
LAC CA  HA   sing N N 195 
LAC CB  HB1  sing N N 196 
LAC CB  HB2  sing N N 197 
LAC CB  HB3  sing N N 198 
LAC OHN H    sing N N 199 
LAC OXT HXT  sing N N 200 
LEU N   CA   sing N N 201 
LEU N   H    sing N N 202 
LEU N   H2   sing N N 203 
LEU CA  C    sing N N 204 
LEU CA  CB   sing N N 205 
LEU CA  HA   sing N N 206 
LEU C   O    doub N N 207 
LEU C   OXT  sing N N 208 
LEU CB  CG   sing N N 209 
LEU CB  HB2  sing N N 210 
LEU CB  HB3  sing N N 211 
LEU CG  CD1  sing N N 212 
LEU CG  CD2  sing N N 213 
LEU CG  HG   sing N N 214 
LEU CD1 HD11 sing N N 215 
LEU CD1 HD12 sing N N 216 
LEU CD1 HD13 sing N N 217 
LEU CD2 HD21 sing N N 218 
LEU CD2 HD22 sing N N 219 
LEU CD2 HD23 sing N N 220 
LEU OXT HXT  sing N N 221 
LYS N   CA   sing N N 222 
LYS N   H    sing N N 223 
LYS N   H2   sing N N 224 
LYS CA  C    sing N N 225 
LYS CA  CB   sing N N 226 
LYS CA  HA   sing N N 227 
LYS C   O    doub N N 228 
LYS C   OXT  sing N N 229 
LYS CB  CG   sing N N 230 
LYS CB  HB2  sing N N 231 
LYS CB  HB3  sing N N 232 
LYS CG  CD   sing N N 233 
LYS CG  HG2  sing N N 234 
LYS CG  HG3  sing N N 235 
LYS CD  CE   sing N N 236 
LYS CD  HD2  sing N N 237 
LYS CD  HD3  sing N N 238 
LYS CE  NZ   sing N N 239 
LYS CE  HE2  sing N N 240 
LYS CE  HE3  sing N N 241 
LYS NZ  HZ1  sing N N 242 
LYS NZ  HZ2  sing N N 243 
LYS NZ  HZ3  sing N N 244 
LYS OXT HXT  sing N N 245 
MET N   CA   sing N N 246 
MET N   H    sing N N 247 
MET N   H2   sing N N 248 
MET CA  C    sing N N 249 
MET CA  CB   sing N N 250 
MET CA  HA   sing N N 251 
MET C   O    doub N N 252 
MET C   OXT  sing N N 253 
MET CB  CG   sing N N 254 
MET CB  HB2  sing N N 255 
MET CB  HB3  sing N N 256 
MET CG  SD   sing N N 257 
MET CG  HG2  sing N N 258 
MET CG  HG3  sing N N 259 
MET SD  CE   sing N N 260 
MET CE  HE1  sing N N 261 
MET CE  HE2  sing N N 262 
MET CE  HE3  sing N N 263 
MET OXT HXT  sing N N 264 
PHE N   CA   sing N N 265 
PHE N   H    sing N N 266 
PHE N   H2   sing N N 267 
PHE CA  C    sing N N 268 
PHE CA  CB   sing N N 269 
PHE CA  HA   sing N N 270 
PHE C   O    doub N N 271 
PHE C   OXT  sing N N 272 
PHE CB  CG   sing N N 273 
PHE CB  HB2  sing N N 274 
PHE CB  HB3  sing N N 275 
PHE CG  CD1  doub Y N 276 
PHE CG  CD2  sing Y N 277 
PHE CD1 CE1  sing Y N 278 
PHE CD1 HD1  sing N N 279 
PHE CD2 CE2  doub Y N 280 
PHE CD2 HD2  sing N N 281 
PHE CE1 CZ   doub Y N 282 
PHE CE1 HE1  sing N N 283 
PHE CE2 CZ   sing Y N 284 
PHE CE2 HE2  sing N N 285 
PHE CZ  HZ   sing N N 286 
PHE OXT HXT  sing N N 287 
PRO N   CA   sing N N 288 
PRO N   CD   sing N N 289 
PRO N   H    sing N N 290 
PRO CA  C    sing N N 291 
PRO CA  CB   sing N N 292 
PRO CA  HA   sing N N 293 
PRO C   O    doub N N 294 
PRO C   OXT  sing N N 295 
PRO CB  CG   sing N N 296 
PRO CB  HB2  sing N N 297 
PRO CB  HB3  sing N N 298 
PRO CG  CD   sing N N 299 
PRO CG  HG2  sing N N 300 
PRO CG  HG3  sing N N 301 
PRO CD  HD2  sing N N 302 
PRO CD  HD3  sing N N 303 
PRO OXT HXT  sing N N 304 
PVA CA  C2   sing N N 305 
PVA CA  N    sing N N 306 
PVA CA  P    sing N N 307 
PVA CA  HA   sing N N 308 
PVA C2  C3   sing N N 309 
PVA C2  CM   sing N N 310 
PVA C2  H21  sing N N 311 
PVA C3  H31  sing N N 312 
PVA C3  H32  sing N N 313 
PVA C3  H33  sing N N 314 
PVA CM  HM1  sing N N 315 
PVA CM  HM2  sing N N 316 
PVA CM  HM3  sing N N 317 
PVA N   H    sing N N 318 
PVA N   H2   sing N N 319 
PVA P   O1P  doub N N 320 
PVA P   OXT  sing N N 321 
PVA P   O3P  sing N N 322 
PVA OXT HXT  sing N N 323 
PVA O3P HOP3 sing N N 324 
SER N   CA   sing N N 325 
SER N   H    sing N N 326 
SER N   H2   sing N N 327 
SER CA  C    sing N N 328 
SER CA  CB   sing N N 329 
SER CA  HA   sing N N 330 
SER C   O    doub N N 331 
SER C   OXT  sing N N 332 
SER CB  OG   sing N N 333 
SER CB  HB2  sing N N 334 
SER CB  HB3  sing N N 335 
SER OG  HG   sing N N 336 
SER OXT HXT  sing N N 337 
SO4 S   O1   doub N N 338 
SO4 S   O2   doub N N 339 
SO4 S   O3   sing N N 340 
SO4 S   O4   sing N N 341 
THR N   CA   sing N N 342 
THR N   H    sing N N 343 
THR N   H2   sing N N 344 
THR CA  C    sing N N 345 
THR CA  CB   sing N N 346 
THR CA  HA   sing N N 347 
THR C   O    doub N N 348 
THR C   OXT  sing N N 349 
THR CB  OG1  sing N N 350 
THR CB  CG2  sing N N 351 
THR CB  HB   sing N N 352 
THR OG1 HG1  sing N N 353 
THR CG2 HG21 sing N N 354 
THR CG2 HG22 sing N N 355 
THR CG2 HG23 sing N N 356 
THR OXT HXT  sing N N 357 
TRP N   CA   sing N N 358 
TRP N   H    sing N N 359 
TRP N   H2   sing N N 360 
TRP CA  C    sing N N 361 
TRP CA  CB   sing N N 362 
TRP CA  HA   sing N N 363 
TRP C   O    doub N N 364 
TRP C   OXT  sing N N 365 
TRP CB  CG   sing N N 366 
TRP CB  HB2  sing N N 367 
TRP CB  HB3  sing N N 368 
TRP CG  CD1  doub Y N 369 
TRP CG  CD2  sing Y N 370 
TRP CD1 NE1  sing Y N 371 
TRP CD1 HD1  sing N N 372 
TRP CD2 CE2  doub Y N 373 
TRP CD2 CE3  sing Y N 374 
TRP NE1 CE2  sing Y N 375 
TRP NE1 HE1  sing N N 376 
TRP CE2 CZ2  sing Y N 377 
TRP CE3 CZ3  doub Y N 378 
TRP CE3 HE3  sing N N 379 
TRP CZ2 CH2  doub Y N 380 
TRP CZ2 HZ2  sing N N 381 
TRP CZ3 CH2  sing Y N 382 
TRP CZ3 HZ3  sing N N 383 
TRP CH2 HH2  sing N N 384 
TRP OXT HXT  sing N N 385 
TYR N   CA   sing N N 386 
TYR N   H    sing N N 387 
TYR N   H2   sing N N 388 
TYR CA  C    sing N N 389 
TYR CA  CB   sing N N 390 
TYR CA  HA   sing N N 391 
TYR C   O    doub N N 392 
TYR C   OXT  sing N N 393 
TYR CB  CG   sing N N 394 
TYR CB  HB2  sing N N 395 
TYR CB  HB3  sing N N 396 
TYR CG  CD1  doub Y N 397 
TYR CG  CD2  sing Y N 398 
TYR CD1 CE1  sing Y N 399 
TYR CD1 HD1  sing N N 400 
TYR CD2 CE2  doub Y N 401 
TYR CD2 HD2  sing N N 402 
TYR CE1 CZ   doub Y N 403 
TYR CE1 HE1  sing N N 404 
TYR CE2 CZ   sing Y N 405 
TYR CE2 HE2  sing N N 406 
TYR CZ  OH   sing N N 407 
TYR OH  HH   sing N N 408 
TYR OXT HXT  sing N N 409 
VAL N   CA   sing N N 410 
VAL N   H    sing N N 411 
VAL N   H2   sing N N 412 
VAL CA  C    sing N N 413 
VAL CA  CB   sing N N 414 
VAL CA  HA   sing N N 415 
VAL C   O    doub N N 416 
VAL C   OXT  sing N N 417 
VAL CB  CG1  sing N N 418 
VAL CB  CG2  sing N N 419 
VAL CB  HB   sing N N 420 
VAL CG1 HG11 sing N N 421 
VAL CG1 HG12 sing N N 422 
VAL CG1 HG13 sing N N 423 
VAL CG2 HG21 sing N N 424 
VAL CG2 HG22 sing N N 425 
VAL CG2 HG23 sing N N 426 
VAL OXT HXT  sing N N 427 
# 
loop_
_pdbx_entity_nonpoly.entity_id 
_pdbx_entity_nonpoly.name 
_pdbx_entity_nonpoly.comp_id 
3 'SULFATE ION' SO4 
4 water         HOH 
# 
